data_9B3X
#
_entry.id   9B3X
#
_cell.length_a   1.00
_cell.length_b   1.00
_cell.length_c   1.00
_cell.angle_alpha   90.00
_cell.angle_beta   90.00
_cell.angle_gamma   90.00
#
_symmetry.space_group_name_H-M   'P 1'
#
loop_
_entity.id
_entity.type
_entity.pdbx_description
1 polymer 'Transient receptor potential cation channel subfamily V member 2'
2 non-polymer 1,2-DIDECANOYL-SN-GLYCERO-3-PHOSPHOETHANOLAMINE
3 non-polymer '2-aminoethyl diphenylborinate'
#
_entity_poly.entity_id   1
_entity_poly.type   'polypeptide(L)'
_entity_poly.pdbx_seq_one_letter_code
;MTSASSPPAFRLETSDGDEEGNAEVNKGKQEPPPMESPFQREDRNSSPQIKVNLNFIKRPPKNTSAPSQQEPDRFDRDRL
FSVVSRGVPEELTGLLEYLRWNSKYLTDSAYTEGSTGKTCLMKAVLNLQDGVNACIMPLLQIDKDSGNPKLLVNAQCTDE
FYQGHSALHIAIEKRSLQCVKLLVENGADVHLRACGRFFQKHQGTCFYFGELPLSLAACTKQWDVVTYLLENPHQPASLE
ATDSLGNTVLHALVMIADNSPENSALVIHMYDGLLQMGARLCPTVQLEEISNHQGLTPLKLAAKEGKIEIFRHILQREFS
GPYQPLSRKFTEWCYGPVRVSLYDLSSVDSWEKNSVLEIIAFHCKSPNRHRMVVLEPLNKLLQEKWDRLVSRFFFNFACY
LVYMFIFTVVAYHQPSLDQPAIPSSKATFGESMLLLGHILILLGGIYLLLGQLWYFWRRRLFIWISFMDSYFEILFLLQA
LLTVLSQVLRFMETEWYLPLLVLSLVLGWLNLLYYTRGFQHTGIYSVMIQKVILRDLLRFLLVYLVFLFGFAVALVSLSR
EARSPKAPEDNNSTVTEQPTVGQEEEPAPYRSILDASLELFKFTIGMGELAFQEQLRFRGVVLLLLLAYVLLTYVLLLNM
LIALMSETVNHVADNSWSIWKLQKAISVLEMENGYWWCRRKKHREGRLLKVGTRGDGTPDERWCFRVEEVNWAAWEKTLP
TLSAAPSGPGITGNKKNPTSKPGKNSASEEDHLPLQVLQSP
;
_entity_poly.pdbx_strand_id   A,B,C,D
#
loop_
_chem_comp.id
_chem_comp.type
_chem_comp.name
_chem_comp.formula
FZ4 non-polymer '2-aminoethyl diphenylborinate' 'C14 H16 B N O'
PEX non-polymer 1,2-DIDECANOYL-SN-GLYCERO-3-PHOSPHOETHANOLAMINE 'C25 H49 N O8 P -1'
#
# COMPACT_ATOMS: atom_id res chain seq x y z
N GLU A 31 6.86 47.37 3.62
CA GLU A 31 5.72 46.47 3.74
C GLU A 31 4.40 47.24 3.62
N PRO A 32 3.45 46.69 2.87
CA PRO A 32 2.16 47.34 2.73
C PRO A 32 1.46 47.44 4.06
N PRO A 33 0.75 48.53 4.33
CA PRO A 33 0.07 48.69 5.61
C PRO A 33 -1.13 47.75 5.72
N PRO A 34 -1.51 47.37 6.93
CA PRO A 34 -2.64 46.47 7.09
C PRO A 34 -3.97 47.13 6.76
N MET A 35 -4.96 46.30 6.41
CA MET A 35 -6.28 46.82 6.10
C MET A 35 -6.98 47.37 7.34
N GLU A 36 -6.92 46.63 8.45
CA GLU A 36 -7.54 47.05 9.70
C GLU A 36 -6.68 46.56 10.86
N SER A 37 -6.57 47.39 11.89
CA SER A 37 -5.71 47.04 13.02
C SER A 37 -6.25 47.57 14.33
N PRO A 38 -6.78 46.71 15.20
CA PRO A 38 -7.12 47.17 16.56
C PRO A 38 -5.92 47.66 17.35
N PHE A 39 -4.74 47.12 17.08
CA PHE A 39 -3.55 47.47 17.86
C PHE A 39 -2.76 48.59 17.18
N GLN A 40 -2.32 48.35 15.95
CA GLN A 40 -1.53 49.36 15.24
C GLN A 40 -2.40 50.51 14.78
N ARG A 41 -1.93 51.73 15.02
CA ARG A 41 -2.65 52.91 14.57
C ARG A 41 -2.44 53.12 13.08
N GLU A 42 -3.35 53.88 12.48
CA GLU A 42 -3.27 54.16 11.06
C GLU A 42 -2.12 55.12 10.77
N ASP A 43 -1.62 55.07 9.53
CA ASP A 43 -0.45 55.86 9.16
C ASP A 43 -0.77 57.36 9.19
N ARG A 44 0.17 58.13 9.75
CA ARG A 44 -0.03 59.58 9.82
C ARG A 44 0.25 60.24 8.48
N ASN A 45 1.17 59.69 7.70
CA ASN A 45 1.56 60.28 6.43
C ASN A 45 0.40 60.36 5.44
N PRO A 72 -16.66 75.68 17.28
CA PRO A 72 -17.07 74.35 17.72
C PRO A 72 -15.89 73.49 18.19
N ASP A 73 -16.21 72.36 18.82
CA ASP A 73 -15.16 71.47 19.32
C ASP A 73 -14.40 70.83 18.16
N ARG A 74 -13.13 70.52 18.41
CA ARG A 74 -12.28 69.96 17.37
C ARG A 74 -12.69 68.53 17.04
N PHE A 75 -12.63 68.19 15.76
CA PHE A 75 -12.97 66.87 15.25
C PHE A 75 -11.86 66.37 14.31
N ASP A 76 -10.64 66.41 14.82
CA ASP A 76 -9.46 66.00 14.07
C ASP A 76 -9.56 64.54 13.63
N ARG A 77 -8.59 64.14 12.79
CA ARG A 77 -8.64 62.84 12.13
C ARG A 77 -8.66 61.68 13.13
N ASP A 78 -7.82 61.76 14.17
CA ASP A 78 -7.74 60.67 15.14
C ASP A 78 -9.04 60.47 15.90
N ARG A 79 -9.67 61.56 16.36
CA ARG A 79 -10.92 61.45 17.10
C ARG A 79 -12.08 61.10 16.17
N LEU A 80 -11.94 61.43 14.89
CA LEU A 80 -12.93 61.01 13.90
C LEU A 80 -12.90 59.51 13.70
N PHE A 81 -11.70 58.93 13.59
CA PHE A 81 -11.58 57.49 13.38
C PHE A 81 -11.95 56.71 14.64
N SER A 82 -11.78 57.32 15.82
CA SER A 82 -12.09 56.62 17.05
C SER A 82 -13.60 56.41 17.21
N VAL A 83 -14.40 57.44 16.93
CA VAL A 83 -15.84 57.35 17.15
C VAL A 83 -16.48 56.41 16.13
N VAL A 84 -16.00 56.43 14.89
CA VAL A 84 -16.62 55.59 13.86
C VAL A 84 -16.35 54.12 14.12
N SER A 85 -15.18 53.78 14.65
CA SER A 85 -14.87 52.38 14.96
C SER A 85 -15.69 51.87 16.14
N ARG A 86 -15.94 52.71 17.15
CA ARG A 86 -16.72 52.29 18.31
C ARG A 86 -18.22 52.19 17.99
N GLY A 87 -18.68 52.84 16.93
CA GLY A 87 -20.07 52.74 16.53
C GLY A 87 -21.03 53.53 17.39
N VAL A 88 -20.61 54.66 17.94
CA VAL A 88 -21.49 55.51 18.74
C VAL A 88 -21.77 56.80 17.98
N PRO A 89 -22.95 56.94 17.37
CA PRO A 89 -23.24 58.18 16.63
C PRO A 89 -23.45 59.39 17.52
N GLU A 90 -23.64 59.20 18.82
CA GLU A 90 -23.92 60.34 19.71
C GLU A 90 -22.75 61.31 19.75
N GLU A 91 -21.52 60.79 19.83
CA GLU A 91 -20.36 61.67 19.87
C GLU A 91 -20.04 62.26 18.51
N LEU A 92 -20.59 61.68 17.43
CA LEU A 92 -20.28 62.14 16.09
C LEU A 92 -21.08 63.38 15.69
N THR A 93 -22.06 63.78 16.51
CA THR A 93 -23.04 64.78 16.09
C THR A 93 -22.39 66.11 15.73
N GLY A 94 -21.29 66.49 16.39
CA GLY A 94 -20.69 67.78 16.14
C GLY A 94 -19.80 67.83 14.91
N LEU A 95 -19.66 66.72 14.20
CA LEU A 95 -18.75 66.66 13.06
C LEU A 95 -19.17 67.64 11.97
N LEU A 96 -20.48 67.83 11.80
CA LEU A 96 -20.96 68.78 10.79
C LEU A 96 -20.50 70.20 11.10
N GLU A 97 -20.50 70.58 12.39
CA GLU A 97 -20.06 71.92 12.76
C GLU A 97 -18.59 72.13 12.46
N TYR A 98 -17.74 71.15 12.78
CA TYR A 98 -16.32 71.28 12.51
C TYR A 98 -16.03 71.32 11.02
N LEU A 99 -16.71 70.49 10.24
CA LEU A 99 -16.55 70.52 8.79
C LEU A 99 -17.02 71.85 8.22
N ARG A 100 -18.15 72.37 8.72
CA ARG A 100 -18.64 73.67 8.27
C ARG A 100 -17.68 74.78 8.67
N TRP A 101 -17.11 74.69 9.87
CA TRP A 101 -16.18 75.72 10.33
C TRP A 101 -14.93 75.76 9.45
N ASN A 102 -14.38 74.59 9.12
CA ASN A 102 -13.18 74.54 8.30
C ASN A 102 -13.46 74.53 6.81
N SER A 103 -14.73 74.45 6.42
CA SER A 103 -15.13 74.39 5.01
C SER A 103 -14.42 73.26 4.28
N LYS A 104 -14.43 72.08 4.90
CA LYS A 104 -13.76 70.90 4.36
C LYS A 104 -14.75 69.74 4.29
N TYR A 105 -14.29 68.65 3.66
CA TYR A 105 -15.12 67.48 3.44
C TYR A 105 -14.41 66.23 3.97
N LEU A 106 -15.20 65.20 4.26
CA LEU A 106 -14.65 63.97 4.81
C LEU A 106 -13.74 63.24 3.83
N THR A 107 -13.94 63.43 2.52
CA THR A 107 -13.11 62.78 1.51
C THR A 107 -11.72 63.38 1.43
N ASP A 108 -11.47 64.51 2.09
CA ASP A 108 -10.16 65.16 2.03
C ASP A 108 -9.08 64.25 2.61
N SER A 109 -7.85 64.47 2.13
CA SER A 109 -6.73 63.62 2.56
C SER A 109 -6.44 63.75 4.05
N ALA A 110 -6.91 64.84 4.66
CA ALA A 110 -6.68 65.04 6.10
C ALA A 110 -7.43 64.00 6.92
N TYR A 111 -8.57 63.52 6.45
CA TYR A 111 -9.39 62.56 7.17
C TYR A 111 -9.16 61.13 6.71
N THR A 112 -8.04 60.86 6.04
CA THR A 112 -7.67 59.50 5.66
C THR A 112 -6.20 59.28 6.02
N GLU A 113 -5.78 58.02 5.97
CA GLU A 113 -4.37 57.68 6.13
C GLU A 113 -3.69 57.80 4.78
N GLY A 114 -2.58 58.55 4.74
CA GLY A 114 -1.94 58.88 3.48
C GLY A 114 -1.35 57.70 2.74
N SER A 115 -1.05 56.61 3.45
CA SER A 115 -0.48 55.43 2.81
C SER A 115 -1.46 54.76 1.86
N THR A 116 -2.75 54.76 2.19
CA THR A 116 -3.74 54.09 1.35
C THR A 116 -4.85 55.04 0.92
N GLY A 117 -5.18 56.00 1.76
CA GLY A 117 -6.37 56.79 1.54
C GLY A 117 -7.63 56.21 2.15
N LYS A 118 -7.49 55.23 3.04
CA LYS A 118 -8.64 54.62 3.71
C LYS A 118 -9.45 55.67 4.46
N THR A 119 -10.69 55.87 4.01
CA THR A 119 -11.55 56.90 4.54
C THR A 119 -12.21 56.46 5.84
N CYS A 120 -12.88 57.41 6.49
CA CYS A 120 -13.58 57.11 7.74
C CYS A 120 -14.73 56.14 7.51
N LEU A 121 -15.42 56.26 6.37
CA LEU A 121 -16.49 55.34 6.05
C LEU A 121 -15.98 53.91 5.92
N MET A 122 -14.84 53.73 5.25
CA MET A 122 -14.26 52.39 5.16
C MET A 122 -13.78 51.90 6.51
N LYS A 123 -13.33 52.82 7.36
CA LYS A 123 -13.02 52.47 8.74
C LYS A 123 -14.27 51.98 9.47
N ALA A 124 -15.41 52.64 9.25
CA ALA A 124 -16.63 52.27 9.95
C ALA A 124 -17.10 50.87 9.60
N VAL A 125 -17.00 50.48 8.32
CA VAL A 125 -17.52 49.19 7.90
C VAL A 125 -16.57 48.06 8.28
N LEU A 126 -15.35 48.39 8.72
CA LEU A 126 -14.41 47.35 9.13
C LEU A 126 -14.60 46.90 10.58
N ASN A 127 -15.46 47.58 11.34
CA ASN A 127 -15.75 47.22 12.73
C ASN A 127 -17.25 47.08 12.95
N LEU A 128 -17.91 46.36 12.04
CA LEU A 128 -19.33 46.08 12.19
C LEU A 128 -19.59 45.29 13.46
N GLN A 129 -20.72 45.59 14.10
CA GLN A 129 -21.13 44.94 15.34
C GLN A 129 -22.42 44.17 15.07
N ASP A 130 -22.33 42.84 15.10
CA ASP A 130 -23.47 41.96 14.80
C ASP A 130 -24.06 42.27 13.44
N GLY A 131 -23.20 42.55 12.47
CA GLY A 131 -23.61 42.77 11.10
C GLY A 131 -24.03 44.19 10.77
N VAL A 132 -23.96 45.12 11.71
CA VAL A 132 -24.37 46.50 11.47
C VAL A 132 -23.49 47.43 12.30
N ASN A 133 -23.31 48.65 11.79
CA ASN A 133 -22.61 49.71 12.50
C ASN A 133 -23.52 50.94 12.47
N ALA A 134 -23.89 51.43 13.64
CA ALA A 134 -24.83 52.54 13.73
C ALA A 134 -24.22 53.87 13.31
N CYS A 135 -22.90 53.92 13.10
CA CYS A 135 -22.24 55.18 12.80
C CYS A 135 -22.20 55.48 11.30
N ILE A 136 -22.37 54.46 10.44
CA ILE A 136 -22.18 54.66 9.01
C ILE A 136 -23.31 55.53 8.43
N MET A 137 -24.53 55.33 8.90
CA MET A 137 -25.65 56.10 8.37
C MET A 137 -25.55 57.59 8.70
N PRO A 138 -25.28 58.01 9.93
CA PRO A 138 -25.03 59.45 10.15
C PRO A 138 -23.83 59.96 9.39
N LEU A 139 -22.81 59.11 9.18
CA LEU A 139 -21.62 59.53 8.46
C LEU A 139 -21.95 59.97 7.04
N LEU A 140 -22.80 59.21 6.34
CA LEU A 140 -23.20 59.59 4.99
C LEU A 140 -24.00 60.89 5.01
N GLN A 141 -24.86 61.07 6.02
CA GLN A 141 -25.66 62.28 6.12
C GLN A 141 -24.77 63.51 6.29
N ILE A 142 -23.82 63.46 7.23
CA ILE A 142 -22.93 64.60 7.46
C ILE A 142 -22.12 64.90 6.22
N ASP A 143 -21.70 63.86 5.49
CA ASP A 143 -21.01 64.07 4.22
C ASP A 143 -21.91 64.78 3.22
N LYS A 144 -23.20 64.43 3.21
CA LYS A 144 -24.14 65.10 2.31
C LYS A 144 -24.29 66.58 2.64
N ASP A 145 -24.41 66.91 3.94
CA ASP A 145 -24.54 68.31 4.31
C ASP A 145 -23.23 69.08 4.19
N SER A 146 -22.10 68.36 4.09
CA SER A 146 -20.81 69.04 3.97
C SER A 146 -20.58 69.59 2.57
N GLY A 147 -21.44 69.26 1.61
CA GLY A 147 -21.22 69.68 0.23
C GLY A 147 -20.02 69.03 -0.42
N ASN A 148 -19.83 67.74 -0.20
CA ASN A 148 -18.65 67.06 -0.71
C ASN A 148 -18.76 66.89 -2.23
N PRO A 149 -17.82 67.41 -3.01
CA PRO A 149 -17.83 67.16 -4.46
C PRO A 149 -17.50 65.73 -4.83
N LYS A 150 -16.86 64.97 -3.93
CA LYS A 150 -16.53 63.56 -4.15
C LYS A 150 -17.23 62.77 -3.04
N LEU A 151 -18.34 62.12 -3.39
CA LEU A 151 -19.17 61.44 -2.40
C LEU A 151 -18.36 60.35 -1.68
N LEU A 152 -18.56 60.27 -0.36
CA LEU A 152 -17.78 59.35 0.46
C LEU A 152 -18.06 57.90 0.12
N VAL A 153 -19.27 57.60 -0.36
CA VAL A 153 -19.62 56.22 -0.70
C VAL A 153 -18.74 55.70 -1.85
N ASN A 154 -18.38 56.59 -2.77
CA ASN A 154 -17.60 56.21 -3.95
C ASN A 154 -16.10 56.36 -3.74
N ALA A 155 -15.66 56.71 -2.54
CA ALA A 155 -14.23 56.88 -2.28
C ALA A 155 -13.50 55.55 -2.37
N GLN A 156 -12.27 55.62 -2.87
CA GLN A 156 -11.44 54.43 -3.07
C GLN A 156 -10.04 54.68 -2.54
N CYS A 157 -9.34 53.60 -2.19
CA CYS A 157 -7.96 53.70 -1.76
C CYS A 157 -7.05 54.06 -2.93
N THR A 158 -5.89 54.61 -2.61
CA THR A 158 -4.90 54.99 -3.61
C THR A 158 -3.60 54.21 -3.53
N ASP A 159 -3.45 53.36 -2.50
CA ASP A 159 -2.23 52.58 -2.36
C ASP A 159 -2.10 51.57 -3.48
N GLU A 160 -0.86 51.23 -3.83
CA GLU A 160 -0.62 50.24 -4.87
C GLU A 160 -1.09 48.86 -4.45
N PHE A 161 -1.26 48.64 -3.15
CA PHE A 161 -1.70 47.33 -2.66
C PHE A 161 -3.22 47.22 -2.66
N TYR A 162 -3.90 48.22 -2.12
CA TYR A 162 -5.36 48.22 -2.02
C TYR A 162 -6.02 49.16 -3.02
N GLN A 163 -5.43 49.35 -4.20
CA GLN A 163 -5.98 50.29 -5.17
C GLN A 163 -7.39 49.90 -5.59
N GLY A 164 -8.29 50.87 -5.56
CA GLY A 164 -9.67 50.64 -5.95
C GLY A 164 -10.56 50.08 -4.86
N HIS A 165 -10.02 49.76 -3.70
CA HIS A 165 -10.83 49.24 -2.61
C HIS A 165 -11.81 50.30 -2.11
N SER A 166 -13.07 49.89 -1.93
CA SER A 166 -14.13 50.82 -1.57
C SER A 166 -14.91 50.26 -0.38
N ALA A 167 -15.71 51.13 0.23
CA ALA A 167 -16.51 50.72 1.39
C ALA A 167 -17.53 49.65 1.02
N LEU A 168 -17.99 49.64 -0.23
CA LEU A 168 -18.95 48.62 -0.65
C LEU A 168 -18.33 47.22 -0.62
N HIS A 169 -17.07 47.11 -1.04
CA HIS A 169 -16.41 45.80 -1.01
C HIS A 169 -16.27 45.27 0.41
N ILE A 170 -15.95 46.14 1.36
CA ILE A 170 -15.80 45.70 2.75
C ILE A 170 -17.13 45.17 3.29
N ALA A 171 -18.22 45.87 3.00
CA ALA A 171 -19.53 45.42 3.47
C ALA A 171 -19.90 44.07 2.86
N ILE A 172 -19.57 43.87 1.58
CA ILE A 172 -19.86 42.59 0.93
C ILE A 172 -19.04 41.47 1.56
N GLU A 173 -17.75 41.73 1.81
CA GLU A 173 -16.90 40.70 2.42
C GLU A 173 -17.38 40.37 3.83
N LYS A 174 -17.74 41.40 4.60
CA LYS A 174 -18.21 41.19 5.97
C LYS A 174 -19.59 40.54 6.04
N ARG A 175 -20.16 40.15 4.90
CA ARG A 175 -21.43 39.43 4.82
C ARG A 175 -22.58 40.19 5.47
N SER A 176 -22.58 41.52 5.39
CA SER A 176 -23.64 42.32 5.99
C SER A 176 -24.52 42.86 4.87
N LEU A 177 -25.70 42.25 4.72
CA LEU A 177 -26.66 42.73 3.74
C LEU A 177 -27.20 44.11 4.11
N GLN A 178 -27.30 44.39 5.41
CA GLN A 178 -27.83 45.68 5.86
C GLN A 178 -26.94 46.84 5.42
N CYS A 179 -25.62 46.69 5.59
CA CYS A 179 -24.71 47.74 5.13
C CYS A 179 -24.67 47.80 3.60
N VAL A 180 -24.77 46.64 2.94
CA VAL A 180 -24.75 46.62 1.48
C VAL A 180 -25.93 47.40 0.92
N LYS A 181 -27.12 47.17 1.49
CA LYS A 181 -28.31 47.91 1.09
C LYS A 181 -28.16 49.40 1.39
N LEU A 182 -27.61 49.72 2.57
CA LEU A 182 -27.53 51.11 3.01
C LEU A 182 -26.60 51.93 2.13
N LEU A 183 -25.44 51.36 1.75
CA LEU A 183 -24.50 52.10 0.92
C LEU A 183 -25.02 52.28 -0.51
N VAL A 184 -25.58 51.21 -1.09
CA VAL A 184 -26.05 51.28 -2.47
C VAL A 184 -27.21 52.26 -2.60
N GLU A 185 -28.12 52.27 -1.63
CA GLU A 185 -29.25 53.20 -1.67
C GLU A 185 -28.78 54.65 -1.64
N ASN A 186 -27.60 54.91 -1.08
CA ASN A 186 -27.06 56.26 -0.99
C ASN A 186 -26.17 56.63 -2.18
N GLY A 187 -26.02 55.74 -3.15
CA GLY A 187 -25.28 56.03 -4.35
C GLY A 187 -23.92 55.38 -4.47
N ALA A 188 -23.69 54.25 -3.81
CA ALA A 188 -22.42 53.54 -3.95
C ALA A 188 -22.39 52.81 -5.29
N ASP A 189 -21.42 53.16 -6.13
CA ASP A 189 -21.31 52.54 -7.44
C ASP A 189 -21.03 51.05 -7.31
N VAL A 190 -21.77 50.25 -8.09
CA VAL A 190 -21.67 48.80 -8.02
C VAL A 190 -20.67 48.30 -9.06
N HIS A 191 -19.96 49.23 -9.70
CA HIS A 191 -18.96 48.89 -10.69
C HIS A 191 -17.58 49.41 -10.32
N LEU A 192 -17.32 49.59 -9.02
CA LEU A 192 -16.02 50.05 -8.57
C LEU A 192 -15.02 48.91 -8.66
N ARG A 193 -13.90 49.16 -9.33
CA ARG A 193 -12.89 48.14 -9.59
C ARG A 193 -11.80 48.22 -8.52
N ALA A 194 -11.67 47.18 -7.72
CA ALA A 194 -10.59 47.05 -6.74
C ALA A 194 -9.41 46.42 -7.45
N CYS A 195 -8.61 47.25 -8.10
CA CYS A 195 -7.51 46.80 -8.96
C CYS A 195 -6.15 46.95 -8.30
N GLY A 196 -6.08 46.73 -6.99
CA GLY A 196 -4.83 46.79 -6.27
C GLY A 196 -4.04 45.49 -6.40
N ARG A 197 -2.78 45.54 -5.94
CA ARG A 197 -1.94 44.35 -5.97
C ARG A 197 -2.44 43.26 -5.02
N PHE A 198 -3.18 43.65 -3.98
CA PHE A 198 -3.75 42.65 -3.07
C PHE A 198 -4.84 41.84 -3.75
N PHE A 199 -5.59 42.45 -4.67
CA PHE A 199 -6.71 41.79 -5.32
C PHE A 199 -6.32 41.09 -6.62
N GLN A 200 -5.09 41.28 -7.10
CA GLN A 200 -4.64 40.59 -8.31
C GLN A 200 -4.17 39.19 -7.98
N LYS A 201 -4.35 38.28 -8.93
CA LYS A 201 -3.97 36.88 -8.74
C LYS A 201 -2.47 36.71 -8.96
N HIS A 202 -1.77 36.33 -7.89
CA HIS A 202 -0.33 36.07 -7.96
C HIS A 202 0.06 35.24 -6.75
N GLN A 203 1.33 34.83 -6.73
CA GLN A 203 1.82 34.01 -5.63
C GLN A 203 1.85 34.79 -4.33
N GLY A 204 1.50 34.12 -3.24
CA GLY A 204 1.59 34.72 -1.92
C GLY A 204 0.31 35.45 -1.52
N THR A 205 0.49 36.64 -0.96
CA THR A 205 -0.62 37.44 -0.44
C THR A 205 -1.50 37.92 -1.58
N CYS A 206 -2.68 37.31 -1.72
CA CYS A 206 -3.63 37.71 -2.75
C CYS A 206 -5.00 37.13 -2.42
N PHE A 207 -6.03 37.77 -2.96
CA PHE A 207 -7.40 37.27 -2.93
C PHE A 207 -8.08 37.77 -4.21
N TYR A 208 -8.07 36.93 -5.24
CA TYR A 208 -8.69 37.31 -6.50
C TYR A 208 -10.15 36.88 -6.50
N PHE A 209 -11.04 37.85 -6.70
CA PHE A 209 -12.47 37.59 -6.81
C PHE A 209 -13.05 38.29 -8.03
N GLY A 210 -12.24 38.53 -9.06
CA GLY A 210 -12.55 39.58 -10.00
C GLY A 210 -12.10 40.91 -9.42
N GLU A 211 -12.84 41.97 -9.76
CA GLU A 211 -12.60 43.28 -9.19
C GLU A 211 -13.86 44.04 -8.84
N LEU A 212 -15.03 43.41 -8.90
CA LEU A 212 -16.29 44.10 -8.75
C LEU A 212 -17.04 43.64 -7.50
N PRO A 213 -17.90 44.50 -6.94
CA PRO A 213 -18.75 44.06 -5.82
C PRO A 213 -19.62 42.86 -6.17
N LEU A 214 -20.17 42.82 -7.38
CA LEU A 214 -20.98 41.67 -7.79
C LEU A 214 -20.13 40.41 -7.85
N SER A 215 -18.93 40.51 -8.41
CA SER A 215 -18.05 39.35 -8.48
C SER A 215 -17.57 38.92 -7.10
N LEU A 216 -17.33 39.87 -6.20
CA LEU A 216 -16.92 39.54 -4.84
C LEU A 216 -18.04 38.76 -4.13
N ALA A 217 -19.29 39.22 -4.29
CA ALA A 217 -20.40 38.52 -3.67
C ALA A 217 -20.58 37.11 -4.23
N ALA A 218 -20.39 36.95 -5.54
CA ALA A 218 -20.50 35.63 -6.15
C ALA A 218 -19.42 34.69 -5.63
N CYS A 219 -18.19 35.21 -5.45
CA CYS A 219 -17.09 34.38 -4.98
C CYS A 219 -17.26 33.97 -3.52
N THR A 220 -18.05 34.71 -2.75
CA THR A 220 -18.33 34.39 -1.36
C THR A 220 -19.68 33.69 -1.19
N LYS A 221 -20.26 33.20 -2.30
CA LYS A 221 -21.60 32.58 -2.35
C LYS A 221 -22.61 33.29 -1.47
N GLN A 222 -22.61 34.63 -1.50
CA GLN A 222 -23.61 35.41 -0.79
C GLN A 222 -24.82 35.53 -1.71
N TRP A 223 -25.69 34.51 -1.67
CA TRP A 223 -26.83 34.45 -2.58
C TRP A 223 -27.75 35.64 -2.39
N ASP A 224 -27.86 36.13 -1.15
CA ASP A 224 -28.74 37.27 -0.89
C ASP A 224 -28.16 38.56 -1.47
N VAL A 225 -26.83 38.70 -1.41
CA VAL A 225 -26.20 39.94 -1.87
C VAL A 225 -26.26 40.05 -3.40
N VAL A 226 -25.98 38.95 -4.11
CA VAL A 226 -25.99 39.00 -5.57
C VAL A 226 -27.40 39.27 -6.08
N THR A 227 -28.40 38.71 -5.40
CA THR A 227 -29.79 38.96 -5.76
C THR A 227 -30.12 40.45 -5.66
N TYR A 228 -29.63 41.09 -4.59
CA TYR A 228 -29.94 42.50 -4.39
C TYR A 228 -29.18 43.36 -5.41
N LEU A 229 -27.90 43.08 -5.59
CA LEU A 229 -27.07 43.87 -6.50
C LEU A 229 -27.55 43.80 -7.93
N LEU A 230 -28.25 42.72 -8.29
CA LEU A 230 -28.78 42.59 -9.65
C LEU A 230 -30.16 43.23 -9.76
N GLU A 231 -30.99 43.06 -8.74
CA GLU A 231 -32.40 43.46 -8.81
C GLU A 231 -32.70 44.79 -8.13
N ASN A 232 -31.71 45.45 -7.54
CA ASN A 232 -32.00 46.69 -6.82
C ASN A 232 -32.31 47.81 -7.81
N PRO A 233 -33.39 48.57 -7.60
CA PRO A 233 -33.70 49.69 -8.49
C PRO A 233 -32.73 50.86 -8.34
N HIS A 234 -32.03 50.97 -7.22
CA HIS A 234 -31.15 52.12 -7.00
C HIS A 234 -29.95 52.09 -7.94
N GLN A 235 -29.26 50.95 -8.02
CA GLN A 235 -28.10 50.82 -8.89
C GLN A 235 -27.85 49.36 -9.20
N PRO A 236 -28.47 48.80 -10.25
CA PRO A 236 -28.23 47.40 -10.60
C PRO A 236 -26.83 47.21 -11.16
N ALA A 237 -26.25 46.04 -10.87
CA ALA A 237 -24.94 45.69 -11.37
C ALA A 237 -25.08 44.82 -12.61
N SER A 238 -24.53 45.29 -13.73
CA SER A 238 -24.63 44.56 -14.98
C SER A 238 -23.79 43.28 -14.92
N LEU A 239 -24.34 42.19 -15.43
CA LEU A 239 -23.58 40.95 -15.54
C LEU A 239 -22.51 41.04 -16.62
N GLU A 240 -22.67 41.94 -17.58
CA GLU A 240 -21.65 42.19 -18.59
C GLU A 240 -20.47 42.99 -18.06
N ALA A 241 -20.57 43.52 -16.85
CA ALA A 241 -19.51 44.37 -16.31
C ALA A 241 -18.20 43.59 -16.22
N THR A 242 -17.10 44.27 -16.54
CA THR A 242 -15.82 43.63 -16.81
C THR A 242 -14.73 44.27 -15.96
N ASP A 243 -13.86 43.41 -15.41
CA ASP A 243 -12.73 43.89 -14.62
C ASP A 243 -11.59 44.37 -15.52
N SER A 244 -10.45 44.67 -14.91
CA SER A 244 -9.33 45.23 -15.65
C SER A 244 -8.68 44.25 -16.61
N LEU A 245 -8.79 42.94 -16.36
CA LEU A 245 -8.16 41.93 -17.19
C LEU A 245 -9.11 41.30 -18.19
N GLY A 246 -10.32 41.83 -18.33
CA GLY A 246 -11.31 41.25 -19.23
C GLY A 246 -12.23 40.24 -18.59
N ASN A 247 -11.99 39.86 -17.34
CA ASN A 247 -12.80 38.85 -16.69
C ASN A 247 -14.14 39.42 -16.23
N THR A 248 -15.22 38.74 -16.58
CA THR A 248 -16.53 39.07 -16.05
C THR A 248 -16.75 38.31 -14.74
N VAL A 249 -18.01 38.32 -14.27
CA VAL A 249 -18.33 37.58 -13.05
C VAL A 249 -18.21 36.08 -13.30
N LEU A 250 -18.61 35.61 -14.47
CA LEU A 250 -18.49 34.19 -14.79
C LEU A 250 -17.03 33.77 -14.90
N HIS A 251 -16.19 34.63 -15.48
CA HIS A 251 -14.76 34.32 -15.57
C HIS A 251 -14.13 34.24 -14.19
N ALA A 252 -14.54 35.12 -13.26
CA ALA A 252 -13.97 35.13 -11.92
C ALA A 252 -14.22 33.81 -11.21
N LEU A 253 -15.45 33.30 -11.31
CA LEU A 253 -15.78 32.03 -10.66
C LEU A 253 -14.95 30.89 -11.25
N VAL A 254 -14.64 30.96 -12.55
CA VAL A 254 -13.89 29.89 -13.20
C VAL A 254 -12.47 29.82 -12.64
N MET A 255 -11.80 30.96 -12.48
CA MET A 255 -10.39 30.97 -12.14
C MET A 255 -10.13 31.06 -10.64
N ILE A 256 -11.17 31.12 -9.81
CA ILE A 256 -10.99 30.84 -8.38
C ILE A 256 -11.32 29.40 -8.05
N ALA A 257 -11.82 28.63 -9.02
CA ALA A 257 -12.23 27.27 -8.78
C ALA A 257 -11.03 26.35 -8.58
N ASP A 258 -11.09 25.53 -7.54
CA ASP A 258 -10.14 24.45 -7.33
C ASP A 258 -10.75 23.14 -7.82
N ASN A 259 -9.91 22.11 -7.87
CA ASN A 259 -10.38 20.78 -8.26
C ASN A 259 -10.94 20.00 -7.08
N SER A 260 -10.92 20.57 -5.87
CA SER A 260 -11.54 19.94 -4.73
C SER A 260 -13.06 19.90 -4.91
N PRO A 261 -13.74 18.91 -4.33
CA PRO A 261 -15.18 18.81 -4.59
C PRO A 261 -16.04 19.73 -3.73
N GLU A 262 -15.55 20.16 -2.57
CA GLU A 262 -16.28 21.14 -1.78
C GLU A 262 -16.36 22.48 -2.50
N ASN A 263 -15.25 22.91 -3.10
CA ASN A 263 -15.21 24.21 -3.78
C ASN A 263 -15.77 24.11 -5.19
N SER A 264 -15.65 22.94 -5.82
CA SER A 264 -16.25 22.74 -7.13
C SER A 264 -17.77 22.88 -7.08
N ALA A 265 -18.39 22.35 -6.02
CA ALA A 265 -19.82 22.51 -5.84
C ALA A 265 -20.18 23.99 -5.65
N LEU A 266 -19.32 24.74 -4.98
CA LEU A 266 -19.54 26.17 -4.80
C LEU A 266 -19.55 26.88 -6.16
N VAL A 267 -18.56 26.59 -7.00
CA VAL A 267 -18.43 27.29 -8.27
C VAL A 267 -19.54 26.87 -9.23
N ILE A 268 -19.84 25.57 -9.29
CA ILE A 268 -20.86 25.08 -10.21
C ILE A 268 -22.23 25.66 -9.84
N HIS A 269 -22.56 25.68 -8.55
CA HIS A 269 -23.84 26.25 -8.12
C HIS A 269 -23.92 27.73 -8.42
N MET A 270 -22.84 28.48 -8.16
CA MET A 270 -22.81 29.90 -8.49
C MET A 270 -22.85 30.13 -9.99
N TYR A 271 -22.11 29.32 -10.75
CA TYR A 271 -22.11 29.48 -12.21
C TYR A 271 -23.49 29.19 -12.79
N ASP A 272 -24.15 28.14 -12.29
CA ASP A 272 -25.47 27.78 -12.80
C ASP A 272 -26.51 28.84 -12.48
N GLY A 273 -26.52 29.32 -11.22
CA GLY A 273 -27.52 30.30 -10.82
C GLY A 273 -27.36 31.63 -11.53
N LEU A 274 -26.11 32.10 -11.65
CA LEU A 274 -25.87 33.37 -12.34
C LEU A 274 -26.22 33.28 -13.82
N LEU A 275 -25.90 32.15 -14.46
CA LEU A 275 -26.27 31.96 -15.85
C LEU A 275 -27.78 31.92 -16.02
N GLN A 276 -28.48 31.22 -15.12
CA GLN A 276 -29.93 31.17 -15.18
C GLN A 276 -30.56 32.53 -14.91
N MET A 277 -30.02 33.27 -13.92
CA MET A 277 -30.53 34.61 -13.66
C MET A 277 -30.22 35.57 -14.81
N GLY A 278 -29.12 35.34 -15.53
CA GLY A 278 -28.82 36.19 -16.68
C GLY A 278 -29.87 36.09 -17.75
N ALA A 279 -30.46 34.90 -17.91
CA ALA A 279 -31.54 34.71 -18.88
C ALA A 279 -32.78 35.53 -18.54
N ARG A 280 -32.97 35.86 -17.26
CA ARG A 280 -34.12 36.65 -16.83
C ARG A 280 -33.84 38.14 -16.92
N LEU A 281 -32.69 38.58 -16.38
CA LEU A 281 -32.35 39.99 -16.39
C LEU A 281 -32.02 40.50 -17.79
N CYS A 282 -31.18 39.78 -18.52
CA CYS A 282 -30.77 40.16 -19.87
C CYS A 282 -30.94 38.96 -20.80
N PRO A 283 -32.18 38.70 -21.24
CA PRO A 283 -32.40 37.55 -22.12
C PRO A 283 -31.66 37.64 -23.45
N THR A 284 -31.39 38.84 -23.93
CA THR A 284 -30.74 39.03 -25.22
C THR A 284 -29.22 38.91 -25.16
N VAL A 285 -28.65 38.70 -23.98
CA VAL A 285 -27.20 38.65 -23.79
C VAL A 285 -26.79 37.21 -23.53
N GLN A 286 -25.82 36.74 -24.30
CA GLN A 286 -25.18 35.44 -24.07
C GLN A 286 -23.90 35.71 -23.27
N LEU A 287 -23.97 35.44 -21.96
CA LEU A 287 -22.88 35.81 -21.07
C LEU A 287 -21.62 35.01 -21.34
N GLU A 288 -21.75 33.77 -21.85
CA GLU A 288 -20.59 32.93 -22.08
C GLU A 288 -19.79 33.35 -23.31
N GLU A 289 -20.32 34.27 -24.13
CA GLU A 289 -19.62 34.72 -25.32
C GLU A 289 -18.66 35.88 -25.06
N ILE A 290 -18.69 36.47 -23.86
CA ILE A 290 -17.78 37.55 -23.54
C ILE A 290 -16.38 36.99 -23.29
N SER A 291 -15.37 37.64 -23.86
CA SER A 291 -13.99 37.18 -23.80
C SER A 291 -13.13 38.19 -23.05
N ASN A 292 -12.05 37.69 -22.45
CA ASN A 292 -11.11 38.56 -21.77
C ASN A 292 -10.24 39.30 -22.79
N HIS A 293 -9.27 40.06 -22.25
CA HIS A 293 -8.27 40.67 -23.13
C HIS A 293 -7.39 39.62 -23.79
N GLN A 294 -7.27 38.44 -23.19
CA GLN A 294 -6.60 37.32 -23.82
C GLN A 294 -7.45 36.65 -24.89
N GLY A 295 -8.73 37.00 -24.98
CA GLY A 295 -9.61 36.39 -25.95
C GLY A 295 -10.16 35.04 -25.56
N LEU A 296 -10.42 34.81 -24.28
CA LEU A 296 -10.88 33.53 -23.78
C LEU A 296 -12.29 33.67 -23.19
N THR A 297 -13.20 32.82 -23.67
CA THR A 297 -14.52 32.70 -23.07
C THR A 297 -14.42 31.92 -21.77
N PRO A 298 -15.45 31.95 -20.92
CA PRO A 298 -15.38 31.19 -19.66
C PRO A 298 -15.12 29.70 -19.87
N LEU A 299 -15.62 29.12 -20.96
CA LEU A 299 -15.29 27.74 -21.27
C LEU A 299 -13.82 27.60 -21.65
N LYS A 300 -13.31 28.50 -22.49
CA LYS A 300 -11.90 28.45 -22.87
C LYS A 300 -10.98 28.72 -21.68
N LEU A 301 -11.37 29.65 -20.81
CA LEU A 301 -10.54 29.96 -19.65
C LEU A 301 -10.40 28.76 -18.74
N ALA A 302 -11.49 28.01 -18.52
CA ALA A 302 -11.42 26.81 -17.70
C ALA A 302 -10.47 25.78 -18.30
N ALA A 303 -10.34 25.76 -19.62
CA ALA A 303 -9.40 24.84 -20.27
C ALA A 303 -7.97 25.29 -20.05
N LYS A 304 -7.70 26.59 -20.20
CA LYS A 304 -6.34 27.09 -20.06
C LYS A 304 -5.85 26.97 -18.62
N GLU A 305 -6.71 27.30 -17.65
CA GLU A 305 -6.34 27.20 -16.25
C GLU A 305 -6.29 25.76 -15.76
N GLY A 306 -6.75 24.80 -16.55
CA GLY A 306 -6.70 23.41 -16.18
C GLY A 306 -7.56 23.04 -14.99
N LYS A 307 -8.80 23.52 -14.95
CA LYS A 307 -9.72 23.23 -13.85
C LYS A 307 -10.85 22.36 -14.40
N ILE A 308 -10.68 21.04 -14.23
CA ILE A 308 -11.54 20.07 -14.89
C ILE A 308 -12.98 20.18 -14.40
N GLU A 309 -13.17 20.33 -13.08
CA GLU A 309 -14.51 20.23 -12.50
C GLU A 309 -15.44 21.29 -13.06
N ILE A 310 -14.98 22.54 -13.15
CA ILE A 310 -15.79 23.57 -13.78
C ILE A 310 -15.82 23.37 -15.30
N PHE A 311 -14.72 22.89 -15.87
CA PHE A 311 -14.66 22.66 -17.32
C PHE A 311 -15.64 21.56 -17.74
N ARG A 312 -15.70 20.47 -16.95
CA ARG A 312 -16.57 19.35 -17.30
C ARG A 312 -18.04 19.76 -17.24
N HIS A 313 -18.41 20.54 -16.21
CA HIS A 313 -19.81 20.94 -16.05
C HIS A 313 -20.28 21.80 -17.22
N ILE A 314 -19.46 22.78 -17.61
CA ILE A 314 -19.84 23.64 -18.73
C ILE A 314 -19.90 22.84 -20.03
N LEU A 315 -18.92 21.95 -20.24
CA LEU A 315 -18.85 21.19 -21.47
C LEU A 315 -20.02 20.21 -21.60
N GLN A 316 -20.55 19.73 -20.46
CA GLN A 316 -21.65 18.78 -20.47
C GLN A 316 -22.88 19.32 -19.74
N ARG A 317 -23.15 20.61 -19.88
CA ARG A 317 -24.25 21.23 -19.13
C ARG A 317 -25.59 20.89 -19.78
N GLU A 318 -26.52 20.39 -18.97
CA GLU A 318 -27.85 20.05 -19.42
C GLU A 318 -28.88 20.60 -18.44
N PHE A 319 -29.85 21.35 -18.95
CA PHE A 319 -30.92 21.91 -18.14
C PHE A 319 -32.25 21.40 -18.67
N SER A 320 -33.10 20.92 -17.76
CA SER A 320 -34.44 20.50 -18.12
C SER A 320 -35.46 21.54 -17.69
N GLY A 321 -36.41 21.82 -18.59
CA GLY A 321 -37.44 22.79 -18.32
C GLY A 321 -37.27 24.08 -19.10
N PRO A 322 -37.66 25.20 -18.51
CA PRO A 322 -37.58 26.49 -19.22
C PRO A 322 -36.17 26.92 -19.57
N TYR A 323 -35.15 26.45 -18.83
CA TYR A 323 -33.78 26.86 -19.05
C TYR A 323 -33.03 25.95 -20.03
N GLN A 324 -33.76 25.25 -20.90
CA GLN A 324 -33.13 24.40 -21.90
C GLN A 324 -32.16 25.14 -22.83
N PRO A 325 -32.46 26.34 -23.34
CA PRO A 325 -31.51 27.00 -24.25
C PRO A 325 -30.13 27.24 -23.66
N LEU A 326 -29.99 27.23 -22.34
CA LEU A 326 -28.68 27.37 -21.71
C LEU A 326 -27.89 26.06 -21.69
N SER A 327 -28.49 24.95 -22.12
CA SER A 327 -27.82 23.67 -22.08
C SER A 327 -26.77 23.56 -23.18
N ARG A 328 -25.81 22.65 -22.98
CA ARG A 328 -24.83 22.31 -23.99
C ARG A 328 -24.76 20.82 -24.30
N LYS A 329 -25.51 19.98 -23.59
CA LYS A 329 -25.61 18.55 -23.86
C LYS A 329 -27.09 18.21 -23.99
N PHE A 330 -27.61 18.32 -25.22
CA PHE A 330 -29.01 18.01 -25.49
C PHE A 330 -29.16 16.52 -25.70
N THR A 331 -29.75 15.84 -24.73
CA THR A 331 -30.03 14.41 -24.85
C THR A 331 -31.03 14.17 -25.99
N GLU A 332 -30.79 13.11 -26.76
CA GLU A 332 -31.57 12.84 -27.96
C GLU A 332 -32.50 11.65 -27.80
N TRP A 333 -31.96 10.48 -27.45
CA TRP A 333 -32.79 9.31 -27.22
C TRP A 333 -32.03 8.32 -26.35
N CYS A 334 -32.77 7.54 -25.57
CA CYS A 334 -32.19 6.57 -24.66
C CYS A 334 -32.88 5.22 -24.83
N TYR A 335 -32.08 4.16 -24.86
CA TYR A 335 -32.61 2.80 -24.94
C TYR A 335 -31.73 1.91 -24.09
N GLY A 336 -32.22 1.55 -22.91
CA GLY A 336 -31.45 0.79 -21.95
C GLY A 336 -30.21 1.54 -21.49
N PRO A 337 -29.06 0.87 -21.49
CA PRO A 337 -27.82 1.56 -21.11
C PRO A 337 -27.25 2.46 -22.20
N VAL A 338 -27.96 2.63 -23.32
CA VAL A 338 -27.48 3.42 -24.44
C VAL A 338 -28.09 4.81 -24.34
N ARG A 339 -27.25 5.82 -24.23
CA ARG A 339 -27.67 7.22 -24.23
C ARG A 339 -27.00 7.96 -25.39
N VAL A 340 -27.79 8.77 -26.08
CA VAL A 340 -27.32 9.58 -27.20
C VAL A 340 -27.61 11.04 -26.89
N SER A 341 -26.57 11.87 -26.96
CA SER A 341 -26.68 13.28 -26.61
C SER A 341 -26.07 14.12 -27.72
N LEU A 342 -26.65 15.30 -27.94
CA LEU A 342 -26.14 16.23 -28.94
C LEU A 342 -25.30 17.29 -28.23
N TYR A 343 -24.02 17.00 -28.02
CA TYR A 343 -23.11 17.97 -27.43
C TYR A 343 -22.89 19.13 -28.39
N ASP A 344 -22.71 20.32 -27.81
CA ASP A 344 -22.56 21.55 -28.59
C ASP A 344 -21.08 21.80 -28.82
N LEU A 345 -20.71 22.07 -30.06
CA LEU A 345 -19.32 22.29 -30.45
C LEU A 345 -18.97 23.76 -30.61
N SER A 346 -19.83 24.66 -30.14
CA SER A 346 -19.52 26.09 -30.19
C SER A 346 -18.27 26.38 -29.36
N SER A 347 -17.25 26.93 -30.00
CA SER A 347 -15.94 27.24 -29.44
C SER A 347 -15.19 25.99 -29.00
N VAL A 348 -15.63 24.80 -29.40
CA VAL A 348 -14.94 23.57 -29.02
C VAL A 348 -14.23 22.94 -30.21
N ASP A 349 -14.89 22.92 -31.38
CA ASP A 349 -14.28 22.34 -32.56
C ASP A 349 -13.04 23.13 -32.99
N SER A 350 -12.03 22.41 -33.47
CA SER A 350 -10.78 23.02 -33.89
C SER A 350 -10.91 23.82 -35.18
N TRP A 351 -12.08 23.75 -35.85
CA TRP A 351 -12.29 24.52 -37.08
C TRP A 351 -12.10 26.01 -36.85
N GLU A 352 -12.43 26.50 -35.67
CA GLU A 352 -12.29 27.91 -35.33
C GLU A 352 -11.00 28.12 -34.55
N LYS A 353 -10.34 29.26 -34.79
CA LYS A 353 -9.06 29.53 -34.15
C LYS A 353 -9.25 29.73 -32.65
N ASN A 354 -8.18 29.41 -31.90
CA ASN A 354 -8.17 29.52 -30.44
C ASN A 354 -9.30 28.73 -29.79
N SER A 355 -9.55 27.53 -30.29
CA SER A 355 -10.60 26.69 -29.74
C SER A 355 -10.14 26.03 -28.44
N VAL A 356 -11.07 25.32 -27.80
CA VAL A 356 -10.76 24.63 -26.56
C VAL A 356 -9.74 23.52 -26.80
N LEU A 357 -9.86 22.82 -27.93
CA LEU A 357 -8.94 21.72 -28.22
C LEU A 357 -7.51 22.22 -28.36
N GLU A 358 -7.31 23.35 -29.06
CA GLU A 358 -5.97 23.91 -29.18
C GLU A 358 -5.45 24.41 -27.84
N ILE A 359 -6.32 25.00 -27.02
CA ILE A 359 -5.90 25.57 -25.75
C ILE A 359 -5.39 24.47 -24.81
N ILE A 360 -6.11 23.35 -24.75
CA ILE A 360 -5.68 22.24 -23.89
C ILE A 360 -4.35 21.69 -24.35
N ALA A 361 -4.19 21.47 -25.65
CA ALA A 361 -2.99 20.82 -26.16
C ALA A 361 -1.78 21.73 -26.12
N PHE A 362 -1.93 22.98 -26.56
CA PHE A 362 -0.80 23.87 -26.78
C PHE A 362 -0.73 25.07 -25.85
N HIS A 363 -1.83 25.45 -25.21
CA HIS A 363 -1.83 26.62 -24.34
C HIS A 363 -1.91 26.28 -22.85
N CYS A 364 -2.56 25.19 -22.48
CA CYS A 364 -2.63 24.80 -21.08
C CYS A 364 -1.28 24.22 -20.63
N LYS A 365 -0.93 24.49 -19.38
CA LYS A 365 0.31 23.99 -18.80
C LYS A 365 0.08 23.21 -17.51
N SER A 366 -1.16 23.10 -17.06
CA SER A 366 -1.46 22.38 -15.83
C SER A 366 -1.28 20.87 -16.05
N PRO A 367 -1.02 20.12 -14.97
CA PRO A 367 -0.91 18.66 -15.10
C PRO A 367 -2.23 17.97 -15.41
N ASN A 368 -3.33 18.72 -15.51
CA ASN A 368 -4.64 18.15 -15.77
C ASN A 368 -4.98 18.01 -17.24
N ARG A 369 -4.01 18.25 -18.13
CA ARG A 369 -4.29 18.27 -19.57
C ARG A 369 -4.78 16.91 -20.06
N HIS A 370 -4.13 15.83 -19.60
CA HIS A 370 -4.50 14.49 -20.08
C HIS A 370 -5.88 14.07 -19.60
N ARG A 371 -6.34 14.60 -18.47
CA ARG A 371 -7.66 14.26 -17.95
C ARG A 371 -8.78 15.03 -18.63
N MET A 372 -8.45 16.06 -19.41
CA MET A 372 -9.49 16.85 -20.07
C MET A 372 -9.80 16.31 -21.47
N VAL A 373 -8.80 15.74 -22.15
CA VAL A 373 -9.01 15.21 -23.49
C VAL A 373 -9.78 13.90 -23.51
N VAL A 374 -10.11 13.36 -22.33
CA VAL A 374 -10.91 12.14 -22.25
C VAL A 374 -12.37 12.43 -21.93
N LEU A 375 -12.70 13.67 -21.59
CA LEU A 375 -14.10 14.02 -21.35
C LEU A 375 -14.85 14.12 -22.67
N GLU A 376 -16.12 13.73 -22.65
CA GLU A 376 -16.96 13.91 -23.82
C GLU A 376 -17.40 15.37 -23.91
N PRO A 377 -17.58 15.90 -25.14
CA PRO A 377 -17.43 15.23 -26.43
C PRO A 377 -15.99 15.21 -26.94
N LEU A 378 -15.02 15.72 -26.17
CA LEU A 378 -13.65 15.79 -26.64
C LEU A 378 -13.09 14.40 -26.94
N ASN A 379 -13.45 13.41 -26.13
CA ASN A 379 -12.95 12.06 -26.34
C ASN A 379 -13.41 11.50 -27.69
N LYS A 380 -14.71 11.65 -27.98
CA LYS A 380 -15.22 11.15 -29.26
C LYS A 380 -14.86 12.09 -30.41
N LEU A 381 -14.80 13.40 -30.16
CA LEU A 381 -14.44 14.34 -31.21
C LEU A 381 -13.01 14.10 -31.71
N LEU A 382 -12.09 13.85 -30.78
CA LEU A 382 -10.72 13.53 -31.18
C LEU A 382 -10.63 12.16 -31.83
N GLN A 383 -11.42 11.19 -31.36
CA GLN A 383 -11.45 9.88 -32.00
C GLN A 383 -12.00 9.97 -33.41
N GLU A 384 -13.02 10.82 -33.62
CA GLU A 384 -13.55 11.03 -34.96
C GLU A 384 -12.49 11.64 -35.88
N LYS A 385 -11.74 12.61 -35.36
CA LYS A 385 -10.65 13.20 -36.14
C LYS A 385 -9.53 12.19 -36.38
N TRP A 386 -9.20 11.40 -35.36
CA TRP A 386 -8.08 10.47 -35.48
C TRP A 386 -8.35 9.40 -36.53
N ASP A 387 -9.58 8.89 -36.58
CA ASP A 387 -9.92 7.87 -37.57
C ASP A 387 -9.81 8.42 -38.99
N ARG A 388 -10.13 9.70 -39.19
CA ARG A 388 -9.97 10.32 -40.49
C ARG A 388 -8.51 10.57 -40.83
N LEU A 389 -7.67 10.82 -39.81
CA LEU A 389 -6.27 11.16 -40.03
C LEU A 389 -5.31 10.00 -39.81
N VAL A 390 -5.79 8.83 -39.39
CA VAL A 390 -4.89 7.71 -39.15
C VAL A 390 -4.28 7.22 -40.46
N SER A 391 -4.97 7.42 -41.58
CA SER A 391 -4.40 7.07 -42.87
C SER A 391 -3.21 7.95 -43.20
N ARG A 392 -3.31 9.25 -42.91
CA ARG A 392 -2.20 10.15 -43.18
C ARG A 392 -1.04 9.93 -42.21
N PHE A 393 -1.35 9.61 -40.95
CA PHE A 393 -0.31 9.38 -39.95
C PHE A 393 0.60 8.24 -40.37
N PHE A 394 0.02 7.16 -40.90
CA PHE A 394 0.84 6.04 -41.33
C PHE A 394 1.60 6.36 -42.61
N PHE A 395 1.00 7.17 -43.48
CA PHE A 395 1.72 7.65 -44.66
C PHE A 395 2.92 8.52 -44.27
N ASN A 396 2.73 9.37 -43.26
CA ASN A 396 3.86 10.13 -42.73
C ASN A 396 4.90 9.21 -42.12
N PHE A 397 4.45 8.17 -41.40
CA PHE A 397 5.38 7.19 -40.85
C PHE A 397 6.10 6.43 -41.97
N ALA A 398 5.37 6.08 -43.03
CA ALA A 398 6.00 5.38 -44.14
C ALA A 398 7.06 6.22 -44.83
N CYS A 399 6.79 7.52 -44.99
CA CYS A 399 7.76 8.40 -45.63
C CYS A 399 9.02 8.55 -44.79
N TYR A 400 8.87 8.61 -43.47
CA TYR A 400 10.05 8.72 -42.60
C TYR A 400 10.85 7.42 -42.60
N LEU A 401 10.17 6.27 -42.63
CA LEU A 401 10.86 5.00 -42.70
C LEU A 401 11.66 4.88 -44.00
N VAL A 402 11.07 5.30 -45.12
CA VAL A 402 11.80 5.29 -46.38
C VAL A 402 12.97 6.25 -46.32
N TYR A 403 12.76 7.44 -45.75
CA TYR A 403 13.83 8.42 -45.64
C TYR A 403 14.98 7.89 -44.79
N MET A 404 14.66 7.17 -43.71
CA MET A 404 15.75 6.68 -42.88
C MET A 404 16.30 5.35 -43.39
N PHE A 405 15.51 4.59 -44.17
CA PHE A 405 16.10 3.43 -44.84
C PHE A 405 17.18 3.89 -45.81
N ILE A 406 16.91 4.98 -46.54
CA ILE A 406 17.91 5.55 -47.44
C ILE A 406 19.08 6.13 -46.65
N PHE A 407 18.80 6.76 -45.51
CA PHE A 407 19.87 7.32 -44.68
C PHE A 407 20.82 6.22 -44.20
N THR A 408 20.27 5.08 -43.78
CA THR A 408 21.10 3.98 -43.32
C THR A 408 21.96 3.42 -44.47
N VAL A 409 21.36 3.30 -45.67
CA VAL A 409 22.09 2.74 -46.80
C VAL A 409 23.26 3.64 -47.18
N VAL A 410 23.02 4.95 -47.26
CA VAL A 410 24.08 5.88 -47.64
C VAL A 410 25.16 5.96 -46.57
N ALA A 411 24.77 5.96 -45.30
CA ALA A 411 25.74 6.05 -44.21
C ALA A 411 26.67 4.85 -44.22
N TYR A 412 26.13 3.65 -44.39
CA TYR A 412 26.94 2.43 -44.36
C TYR A 412 27.72 2.27 -45.67
N HIS A 413 27.01 2.20 -46.80
CA HIS A 413 27.65 2.02 -48.10
C HIS A 413 28.25 3.34 -48.61
N GLN A 414 29.28 3.80 -47.91
CA GLN A 414 29.96 5.03 -48.23
C GLN A 414 31.47 4.81 -48.25
N PRO A 415 32.16 5.29 -49.29
CA PRO A 415 33.62 5.18 -49.40
C PRO A 415 34.36 5.88 -48.26
N PHE A 429 26.69 1.82 -61.53
CA PHE A 429 25.32 1.93 -61.04
C PHE A 429 25.31 2.13 -59.52
N GLY A 430 26.24 1.46 -58.83
CA GLY A 430 26.32 1.62 -57.39
C GLY A 430 26.68 3.03 -56.97
N GLU A 431 27.61 3.67 -57.70
CA GLU A 431 27.94 5.05 -57.42
C GLU A 431 26.77 5.98 -57.75
N SER A 432 26.03 5.69 -58.82
CA SER A 432 24.87 6.50 -59.16
C SER A 432 23.80 6.40 -58.07
N MET A 433 23.58 5.19 -57.53
CA MET A 433 22.63 5.04 -56.44
C MET A 433 23.08 5.82 -55.20
N LEU A 434 24.37 5.77 -54.89
CA LEU A 434 24.90 6.56 -53.78
C LEU A 434 24.77 8.05 -54.05
N LEU A 435 25.03 8.48 -55.28
CA LEU A 435 24.89 9.89 -55.62
C LEU A 435 23.44 10.34 -55.47
N LEU A 436 22.50 9.51 -55.93
CA LEU A 436 21.09 9.82 -55.73
C LEU A 436 20.72 9.78 -54.25
N GLY A 437 21.27 8.84 -53.50
CA GLY A 437 20.97 8.74 -52.09
C GLY A 437 21.43 9.98 -51.32
N HIS A 438 22.61 10.50 -51.66
CA HIS A 438 23.09 11.73 -51.04
C HIS A 438 22.17 12.90 -51.36
N ILE A 439 21.69 12.98 -52.60
CA ILE A 439 20.81 14.07 -53.00
C ILE A 439 19.46 13.96 -52.29
N LEU A 440 18.90 12.75 -52.23
CA LEU A 440 17.62 12.57 -51.57
C LEU A 440 17.69 12.89 -50.09
N ILE A 441 18.81 12.55 -49.44
CA ILE A 441 18.99 12.89 -48.03
C ILE A 441 19.02 14.40 -47.85
N LEU A 442 19.71 15.11 -48.74
CA LEU A 442 19.79 16.56 -48.64
C LEU A 442 18.41 17.20 -48.76
N LEU A 443 17.61 16.74 -49.72
CA LEU A 443 16.24 17.25 -49.85
C LEU A 443 15.39 16.86 -48.66
N GLY A 444 15.55 15.63 -48.17
CA GLY A 444 14.80 15.20 -47.00
C GLY A 444 15.16 16.00 -45.76
N GLY A 445 16.45 16.28 -45.57
CA GLY A 445 16.86 17.08 -44.43
C GLY A 445 16.34 18.50 -44.51
N ILE A 446 16.35 19.09 -45.71
CA ILE A 446 15.81 20.44 -45.88
C ILE A 446 14.31 20.44 -45.63
N TYR A 447 13.61 19.41 -46.13
CA TYR A 447 12.16 19.33 -45.93
C TYR A 447 11.81 19.25 -44.45
N LEU A 448 12.52 18.40 -43.70
CA LEU A 448 12.27 18.29 -42.28
C LEU A 448 12.66 19.57 -41.54
N LEU A 449 13.74 20.22 -41.97
CA LEU A 449 14.17 21.46 -41.34
C LEU A 449 13.11 22.55 -41.49
N LEU A 450 12.56 22.69 -42.70
CA LEU A 450 11.52 23.70 -42.93
C LEU A 450 10.25 23.37 -42.17
N GLY A 451 9.88 22.09 -42.12
CA GLY A 451 8.67 21.70 -41.41
C GLY A 451 8.75 21.98 -39.92
N GLN A 452 9.90 21.65 -39.31
CA GLN A 452 10.06 21.89 -37.88
C GLN A 452 10.18 23.37 -37.55
N LEU A 453 10.84 24.15 -38.41
CA LEU A 453 10.88 25.59 -38.20
C LEU A 453 9.49 26.20 -38.30
N TRP A 454 8.67 25.71 -39.22
CA TRP A 454 7.29 26.17 -39.33
C TRP A 454 6.50 25.82 -38.07
N TYR A 455 6.75 24.63 -37.50
CA TYR A 455 6.07 24.23 -36.28
C TYR A 455 6.42 25.17 -35.13
N PHE A 456 7.71 25.47 -34.96
CA PHE A 456 8.12 26.37 -33.89
C PHE A 456 7.69 27.81 -34.15
N TRP A 457 7.57 28.21 -35.41
CA TRP A 457 7.04 29.54 -35.71
C TRP A 457 5.59 29.67 -35.27
N ARG A 458 4.78 28.63 -35.53
CA ARG A 458 3.39 28.65 -35.10
C ARG A 458 3.27 28.62 -33.58
N ARG A 459 4.07 27.78 -32.92
CA ARG A 459 4.05 27.65 -31.48
C ARG A 459 5.05 28.58 -30.79
N ARG A 460 5.39 29.70 -31.42
CA ARG A 460 6.38 30.61 -30.86
C ARG A 460 5.91 31.24 -29.56
N LEU A 461 4.60 31.34 -29.36
CA LEU A 461 4.08 32.02 -28.18
C LEU A 461 4.16 31.16 -26.93
N PHE A 462 4.34 29.84 -27.06
CA PHE A 462 4.35 28.96 -25.91
C PHE A 462 5.47 27.93 -25.98
N ILE A 463 6.68 28.37 -26.37
CA ILE A 463 7.82 27.46 -26.35
C ILE A 463 8.25 27.20 -24.91
N TRP A 464 8.79 26.01 -24.66
CA TRP A 464 9.33 25.62 -23.37
C TRP A 464 8.26 25.57 -22.29
N ILE A 465 6.99 25.77 -22.66
CA ILE A 465 5.90 25.64 -21.69
C ILE A 465 5.50 24.18 -21.50
N SER A 466 5.62 23.36 -22.54
CA SER A 466 5.25 21.95 -22.46
C SER A 466 6.37 21.11 -23.07
N PHE A 467 7.61 21.38 -22.64
CA PHE A 467 8.77 20.73 -23.24
C PHE A 467 8.71 19.21 -23.10
N MET A 468 7.95 18.70 -22.14
CA MET A 468 7.77 17.26 -22.02
C MET A 468 7.07 16.66 -23.23
N ASP A 469 6.27 17.45 -23.94
CA ASP A 469 5.57 16.96 -25.12
C ASP A 469 6.24 17.39 -26.42
N SER A 470 6.94 18.52 -26.43
CA SER A 470 7.56 19.02 -27.65
C SER A 470 9.00 18.55 -27.78
N TYR A 471 9.49 17.70 -26.87
CA TYR A 471 10.88 17.27 -26.93
C TYR A 471 11.16 16.40 -28.14
N PHE A 472 10.13 15.71 -28.65
CA PHE A 472 10.30 14.97 -29.90
C PHE A 472 10.36 15.92 -31.10
N GLU A 473 9.66 17.05 -31.04
CA GLU A 473 9.73 18.01 -32.13
C GLU A 473 11.08 18.72 -32.17
N ILE A 474 11.75 18.83 -31.01
CA ILE A 474 13.11 19.37 -30.99
C ILE A 474 14.08 18.37 -31.63
N LEU A 475 13.92 17.09 -31.30
CA LEU A 475 14.81 16.06 -31.84
C LEU A 475 14.69 15.95 -33.36
N PHE A 476 13.46 16.06 -33.89
CA PHE A 476 13.29 16.04 -35.33
C PHE A 476 13.99 17.24 -35.99
N LEU A 477 13.91 18.42 -35.35
CA LEU A 477 14.61 19.58 -35.87
C LEU A 477 16.13 19.41 -35.75
N LEU A 478 16.60 18.88 -34.62
CA LEU A 478 18.04 18.70 -34.43
C LEU A 478 18.61 17.72 -35.44
N GLN A 479 17.89 16.62 -35.69
CA GLN A 479 18.35 15.66 -36.70
C GLN A 479 18.31 16.27 -38.09
N ALA A 480 17.34 17.15 -38.34
CA ALA A 480 17.27 17.81 -39.65
C ALA A 480 18.41 18.80 -39.84
N LEU A 481 18.78 19.53 -38.79
CA LEU A 481 19.89 20.47 -38.89
C LEU A 481 21.20 19.74 -39.15
N LEU A 482 21.43 18.64 -38.43
CA LEU A 482 22.67 17.88 -38.63
C LEU A 482 22.70 17.23 -40.00
N THR A 483 21.54 16.80 -40.51
CA THR A 483 21.50 16.20 -41.84
C THR A 483 21.89 17.22 -42.91
N VAL A 484 21.37 18.43 -42.81
CA VAL A 484 21.68 19.47 -43.79
C VAL A 484 23.13 19.93 -43.64
N LEU A 485 23.57 20.14 -42.39
CA LEU A 485 24.92 20.63 -42.15
C LEU A 485 25.97 19.61 -42.60
N SER A 486 25.70 18.33 -42.38
CA SER A 486 26.64 17.29 -42.81
C SER A 486 26.80 17.29 -44.33
N GLN A 487 25.70 17.44 -45.06
CA GLN A 487 25.78 17.51 -46.52
C GLN A 487 26.52 18.76 -46.97
N VAL A 488 26.35 19.88 -46.26
CA VAL A 488 27.10 21.09 -46.57
C VAL A 488 28.59 20.86 -46.37
N LEU A 489 28.95 20.19 -45.27
CA LEU A 489 30.36 19.88 -45.02
C LEU A 489 30.91 18.93 -46.06
N ARG A 490 30.09 18.01 -46.57
CA ARG A 490 30.54 17.13 -47.65
C ARG A 490 30.82 17.92 -48.92
N PHE A 491 30.03 18.96 -49.18
CA PHE A 491 30.31 19.85 -50.30
C PHE A 491 31.64 20.56 -50.11
N MET A 492 31.94 20.97 -48.88
CA MET A 492 33.24 21.56 -48.57
C MET A 492 34.35 20.52 -48.56
N GLU A 493 34.01 19.23 -48.64
CA GLU A 493 34.98 18.13 -48.70
C GLU A 493 35.82 18.01 -47.44
N THR A 494 35.33 18.51 -46.31
CA THR A 494 36.03 18.34 -45.05
C THR A 494 35.80 16.92 -44.51
N GLU A 495 36.76 16.44 -43.72
CA GLU A 495 36.66 15.09 -43.18
C GLU A 495 35.63 15.00 -42.07
N TRP A 496 35.21 16.13 -41.52
CA TRP A 496 34.29 16.14 -40.38
C TRP A 496 32.84 15.95 -40.78
N TYR A 497 32.54 15.78 -42.07
CA TYR A 497 31.15 15.57 -42.48
C TYR A 497 30.65 14.20 -42.04
N LEU A 498 31.53 13.19 -42.03
CA LEU A 498 31.14 11.83 -41.67
C LEU A 498 30.58 11.71 -40.26
N PRO A 499 31.22 12.31 -39.24
CA PRO A 499 30.62 12.24 -37.89
C PRO A 499 29.22 12.80 -37.82
N LEU A 500 29.00 13.99 -38.39
CA LEU A 500 27.68 14.63 -38.31
C LEU A 500 26.63 13.80 -39.03
N LEU A 501 27.00 13.17 -40.15
CA LEU A 501 26.08 12.28 -40.83
C LEU A 501 25.76 11.07 -39.97
N VAL A 502 26.73 10.60 -39.19
CA VAL A 502 26.49 9.45 -38.31
C VAL A 502 25.58 9.84 -37.15
N LEU A 503 25.85 10.98 -36.50
CA LEU A 503 24.96 11.44 -35.43
C LEU A 503 23.55 11.74 -35.95
N SER A 504 23.44 12.16 -37.21
CA SER A 504 22.12 12.31 -37.81
C SER A 504 21.40 10.96 -37.90
N LEU A 505 22.13 9.92 -38.28
CA LEU A 505 21.55 8.58 -38.36
C LEU A 505 21.14 8.08 -36.98
N VAL A 506 21.96 8.38 -35.96
CA VAL A 506 21.68 7.90 -34.61
C VAL A 506 20.42 8.56 -34.06
N LEU A 507 20.31 9.88 -34.21
CA LEU A 507 19.17 10.60 -33.69
C LEU A 507 17.89 10.18 -34.40
N GLY A 508 17.95 10.05 -35.73
CA GLY A 508 16.76 9.70 -36.49
C GLY A 508 16.18 8.36 -36.11
N TRP A 509 17.05 7.37 -35.88
CA TRP A 509 16.54 6.08 -35.41
C TRP A 509 15.91 6.18 -34.03
N LEU A 510 16.42 7.09 -33.21
CA LEU A 510 15.77 7.39 -31.94
C LEU A 510 14.48 8.16 -32.15
N ASN A 511 14.45 9.02 -33.17
CA ASN A 511 13.24 9.77 -33.49
C ASN A 511 12.12 8.88 -34.01
N LEU A 512 12.45 7.64 -34.41
CA LEU A 512 11.43 6.71 -34.88
C LEU A 512 10.47 6.31 -33.76
N LEU A 513 10.85 6.51 -32.50
CA LEU A 513 9.99 6.15 -31.39
C LEU A 513 8.80 7.08 -31.25
N TYR A 514 8.81 8.21 -31.95
CA TYR A 514 7.67 9.14 -31.90
C TYR A 514 6.42 8.51 -32.48
N TYR A 515 6.57 7.72 -33.54
CA TYR A 515 5.41 7.17 -34.25
C TYR A 515 4.77 5.99 -33.53
N THR A 516 5.34 5.55 -32.40
CA THR A 516 4.72 4.48 -31.64
C THR A 516 3.39 4.91 -31.03
N ARG A 517 3.15 6.22 -30.92
CA ARG A 517 1.90 6.71 -30.35
C ARG A 517 0.69 6.41 -31.22
N GLY A 518 0.89 6.10 -32.49
CA GLY A 518 -0.22 5.80 -33.38
C GLY A 518 -0.86 4.45 -33.13
N PHE A 519 -0.15 3.54 -32.48
CA PHE A 519 -0.68 2.22 -32.14
C PHE A 519 -0.98 2.15 -30.66
N GLN A 520 -2.19 1.71 -30.32
CA GLN A 520 -2.54 1.48 -28.92
C GLN A 520 -1.68 0.37 -28.33
N HIS A 521 -1.35 -0.63 -29.15
CA HIS A 521 -0.60 -1.78 -28.68
C HIS A 521 0.79 -1.38 -28.19
N THR A 522 1.41 -0.42 -28.88
CA THR A 522 2.75 0.03 -28.53
C THR A 522 2.76 1.38 -27.82
N GLY A 523 1.82 2.27 -28.16
CA GLY A 523 1.85 3.62 -27.59
C GLY A 523 1.57 3.63 -26.10
N ILE A 524 0.67 2.77 -25.64
CA ILE A 524 0.30 2.74 -24.23
C ILE A 524 1.49 2.34 -23.37
N TYR A 525 2.25 1.34 -23.81
CA TYR A 525 3.41 0.88 -23.04
C TYR A 525 4.49 1.96 -22.99
N SER A 526 4.69 2.67 -24.10
CA SER A 526 5.75 3.68 -24.15
C SER A 526 5.47 4.83 -23.19
N VAL A 527 4.19 5.18 -23.00
CA VAL A 527 3.84 6.32 -22.16
C VAL A 527 4.27 6.10 -20.71
N MET A 528 4.15 4.87 -20.21
CA MET A 528 4.50 4.61 -18.81
C MET A 528 5.98 4.87 -18.53
N ILE A 529 6.82 4.82 -19.57
CA ILE A 529 8.26 4.79 -19.36
C ILE A 529 8.85 6.20 -19.40
N GLN A 530 8.64 6.92 -20.51
CA GLN A 530 9.32 8.19 -20.73
C GLN A 530 8.78 9.33 -19.87
N LYS A 531 7.82 9.07 -18.97
CA LYS A 531 7.24 10.14 -18.19
C LYS A 531 8.23 10.76 -17.22
N VAL A 532 8.93 9.94 -16.43
CA VAL A 532 9.80 10.45 -15.37
C VAL A 532 11.24 9.99 -15.55
N ILE A 533 11.42 8.73 -15.94
CA ILE A 533 12.73 8.08 -15.86
C ILE A 533 13.76 8.86 -16.68
N LEU A 534 13.40 9.25 -17.91
CA LEU A 534 14.34 9.95 -18.76
C LEU A 534 14.76 11.30 -18.16
N ARG A 535 13.82 12.03 -17.57
CA ARG A 535 14.14 13.31 -16.95
C ARG A 535 14.90 13.15 -15.65
N ASP A 536 14.83 11.97 -15.02
CA ASP A 536 15.49 11.76 -13.74
C ASP A 536 17.00 11.60 -13.94
N LEU A 537 17.42 10.91 -15.00
CA LEU A 537 18.82 10.59 -15.20
C LEU A 537 19.71 11.83 -15.29
N LEU A 538 19.18 12.95 -15.78
CA LEU A 538 19.99 14.17 -15.85
C LEU A 538 20.33 14.68 -14.45
N ARG A 539 19.49 14.39 -13.47
CA ARG A 539 19.67 14.80 -12.09
C ARG A 539 20.77 14.00 -11.40
N PHE A 540 20.91 12.72 -11.74
CA PHE A 540 22.01 11.91 -11.25
C PHE A 540 23.31 12.25 -11.96
N LEU A 541 23.25 12.48 -13.28
CA LEU A 541 24.46 12.73 -14.05
C LEU A 541 25.12 14.03 -13.63
N LEU A 542 24.33 15.05 -13.27
CA LEU A 542 24.90 16.33 -12.86
C LEU A 542 25.76 16.19 -11.61
N VAL A 543 25.30 15.43 -10.62
CA VAL A 543 26.13 15.15 -9.45
C VAL A 543 27.26 14.20 -9.81
N TYR A 544 26.97 13.20 -10.63
CA TYR A 544 27.99 12.21 -11.01
C TYR A 544 29.14 12.85 -11.77
N LEU A 545 28.82 13.75 -12.70
CA LEU A 545 29.87 14.44 -13.45
C LEU A 545 30.68 15.36 -12.54
N VAL A 546 30.04 15.97 -11.54
CA VAL A 546 30.79 16.71 -10.54
C VAL A 546 31.71 15.78 -9.76
N PHE A 547 31.20 14.62 -9.35
CA PHE A 547 32.03 13.62 -8.69
C PHE A 547 33.11 13.10 -9.64
N LEU A 548 32.77 12.92 -10.92
CA LEU A 548 33.72 12.36 -11.88
C LEU A 548 34.92 13.29 -12.07
N PHE A 549 34.67 14.59 -12.24
CA PHE A 549 35.77 15.52 -12.48
C PHE A 549 36.59 15.75 -11.22
N GLY A 550 35.94 15.70 -10.05
CA GLY A 550 36.67 15.90 -8.80
C GLY A 550 37.67 14.80 -8.52
N PHE A 551 37.27 13.55 -8.76
CA PHE A 551 38.18 12.43 -8.53
C PHE A 551 39.21 12.32 -9.64
N ALA A 552 38.84 12.69 -10.88
CA ALA A 552 39.76 12.57 -12.00
C ALA A 552 41.00 13.43 -11.81
N VAL A 553 40.80 14.67 -11.37
CA VAL A 553 41.93 15.56 -11.11
C VAL A 553 42.78 15.01 -9.97
N ALA A 554 42.12 14.44 -8.96
CA ALA A 554 42.84 13.91 -7.81
C ALA A 554 43.76 12.75 -8.22
N LEU A 555 43.26 11.84 -9.04
CA LEU A 555 44.08 10.72 -9.49
C LEU A 555 45.23 11.18 -10.38
N VAL A 556 44.96 12.13 -11.28
CA VAL A 556 46.00 12.62 -12.18
C VAL A 556 47.10 13.32 -11.38
N SER A 557 46.70 14.16 -10.42
CA SER A 557 47.69 14.87 -9.61
C SER A 557 48.48 13.90 -8.73
N LEU A 558 47.98 12.68 -8.56
CA LEU A 558 48.60 11.71 -7.68
C LEU A 558 49.36 10.61 -8.41
N SER A 559 49.16 10.48 -9.72
CA SER A 559 49.80 9.42 -10.50
C SER A 559 50.91 9.93 -11.40
N ARG A 560 51.40 11.16 -11.19
CA ARG A 560 52.40 11.76 -12.06
C ARG A 560 53.80 11.71 -11.49
N GLU A 561 54.02 11.00 -10.38
CA GLU A 561 55.34 10.96 -9.77
C GLU A 561 56.16 9.78 -10.31
N PRO A 589 49.18 4.81 -16.46
CA PRO A 589 47.75 5.00 -16.24
C PRO A 589 47.44 6.37 -15.61
N TYR A 590 46.22 6.87 -15.86
CA TYR A 590 45.77 8.17 -15.35
C TYR A 590 46.73 9.28 -15.76
N ARG A 591 47.18 9.24 -17.03
CA ARG A 591 48.10 10.25 -17.53
C ARG A 591 47.44 11.60 -17.73
N SER A 592 46.12 11.64 -17.82
CA SER A 592 45.40 12.90 -18.02
C SER A 592 44.00 12.75 -17.45
N ILE A 593 43.33 13.89 -17.27
CA ILE A 593 41.96 13.89 -16.74
C ILE A 593 41.05 13.08 -17.65
N LEU A 594 41.24 13.21 -18.96
CA LEU A 594 40.41 12.48 -19.92
C LEU A 594 40.54 10.97 -19.74
N ASP A 595 41.76 10.48 -19.56
CA ASP A 595 41.95 9.05 -19.31
C ASP A 595 41.46 8.68 -17.91
N ALA A 596 41.72 9.55 -16.92
CA ALA A 596 41.23 9.29 -15.58
C ALA A 596 39.72 9.27 -15.51
N SER A 597 39.08 10.22 -16.22
CA SER A 597 37.62 10.22 -16.29
C SER A 597 37.12 8.96 -16.99
N LEU A 598 37.83 8.52 -18.03
CA LEU A 598 37.46 7.29 -18.73
C LEU A 598 37.57 6.09 -17.79
N GLU A 599 38.68 5.98 -17.06
CA GLU A 599 38.88 4.83 -16.18
C GLU A 599 37.85 4.81 -15.05
N LEU A 600 37.56 5.98 -14.46
CA LEU A 600 36.61 6.03 -13.36
C LEU A 600 35.20 5.63 -13.83
N PHE A 601 34.82 6.03 -15.04
CA PHE A 601 33.50 5.68 -15.56
C PHE A 601 33.39 4.18 -15.80
N LYS A 602 34.49 3.52 -16.12
CA LYS A 602 34.46 2.08 -16.39
C LYS A 602 34.02 1.30 -15.15
N PHE A 603 34.28 1.84 -13.96
CA PHE A 603 33.85 1.17 -12.74
C PHE A 603 32.34 1.12 -12.63
N THR A 604 31.63 2.05 -13.28
CA THR A 604 30.17 2.06 -13.21
C THR A 604 29.55 0.98 -14.10
N ILE A 605 30.23 0.60 -15.18
CA ILE A 605 29.70 -0.37 -16.12
C ILE A 605 30.27 -1.74 -15.82
N GLY A 606 30.81 -1.91 -14.62
CA GLY A 606 31.36 -3.18 -14.19
C GLY A 606 32.59 -3.62 -14.98
N MET A 607 33.49 -2.67 -15.24
CA MET A 607 34.72 -3.01 -15.97
C MET A 607 35.93 -2.30 -15.36
N GLY A 608 35.85 -1.85 -14.11
CA GLY A 608 36.96 -1.12 -13.52
C GLY A 608 38.12 -2.04 -13.18
N GLU A 609 39.33 -1.54 -13.42
CA GLU A 609 40.55 -2.27 -13.11
C GLU A 609 41.08 -1.82 -11.74
N LEU A 610 40.34 -2.22 -10.71
CA LEU A 610 40.66 -1.82 -9.34
C LEU A 610 41.79 -2.71 -8.82
N ALA A 611 43.03 -2.28 -9.06
CA ALA A 611 44.22 -2.98 -8.62
C ALA A 611 45.19 -2.01 -7.96
N PHE A 612 46.27 -2.56 -7.40
CA PHE A 612 47.32 -1.72 -6.80
C PHE A 612 48.05 -0.87 -7.82
N GLN A 613 47.94 -1.22 -9.11
CA GLN A 613 48.52 -0.52 -10.25
C GLN A 613 50.03 -0.71 -10.35
N GLU A 614 50.64 -1.26 -9.30
CA GLU A 614 51.98 -1.85 -9.36
C GLU A 614 53.08 -0.87 -9.73
N GLN A 615 52.75 0.38 -10.03
CA GLN A 615 53.76 1.32 -10.49
C GLN A 615 53.85 2.55 -9.59
N LEU A 616 52.72 3.17 -9.30
CA LEU A 616 52.71 4.42 -8.55
C LEU A 616 53.26 4.22 -7.15
N ARG A 617 54.11 5.15 -6.71
CA ARG A 617 54.64 5.07 -5.35
C ARG A 617 53.54 5.19 -4.32
N PHE A 618 52.59 6.10 -4.54
CA PHE A 618 51.40 6.22 -3.69
C PHE A 618 50.31 5.26 -4.12
N ARG A 619 50.64 3.97 -4.28
CA ARG A 619 49.67 2.99 -4.78
C ARG A 619 48.55 2.78 -3.78
N GLY A 620 48.87 2.76 -2.48
CA GLY A 620 47.84 2.56 -1.47
C GLY A 620 46.85 3.71 -1.41
N VAL A 621 47.36 4.95 -1.44
CA VAL A 621 46.49 6.11 -1.34
C VAL A 621 45.66 6.28 -2.61
N VAL A 622 46.26 6.02 -3.77
CA VAL A 622 45.50 6.05 -5.02
C VAL A 622 44.40 5.00 -5.00
N LEU A 623 44.69 3.82 -4.43
CA LEU A 623 43.65 2.82 -4.27
C LEU A 623 42.53 3.33 -3.36
N LEU A 624 42.88 4.09 -2.33
CA LEU A 624 41.85 4.62 -1.43
C LEU A 624 40.87 5.51 -2.19
N LEU A 625 41.37 6.32 -3.12
CA LEU A 625 40.48 7.14 -3.94
C LEU A 625 39.58 6.27 -4.81
N LEU A 626 40.14 5.21 -5.41
CA LEU A 626 39.32 4.31 -6.23
C LEU A 626 38.30 3.58 -5.37
N LEU A 627 38.70 3.12 -4.19
CA LEU A 627 37.76 2.49 -3.28
C LEU A 627 36.71 3.49 -2.79
N ALA A 628 37.12 4.71 -2.49
CA ALA A 628 36.16 5.74 -2.10
C ALA A 628 35.22 6.08 -3.24
N TYR A 629 35.76 6.15 -4.46
CA TYR A 629 34.92 6.44 -5.62
C TYR A 629 33.89 5.32 -5.85
N VAL A 630 34.31 4.07 -5.68
CA VAL A 630 33.39 2.94 -5.86
C VAL A 630 32.26 3.02 -4.84
N LEU A 631 32.61 3.25 -3.57
CA LEU A 631 31.59 3.37 -2.54
C LEU A 631 30.68 4.57 -2.79
N LEU A 632 31.27 5.70 -3.18
CA LEU A 632 30.48 6.91 -3.41
C LEU A 632 29.54 6.75 -4.60
N THR A 633 30.03 6.13 -5.69
CA THR A 633 29.19 6.01 -6.89
C THR A 633 28.08 4.98 -6.69
N TYR A 634 28.26 4.04 -5.76
CA TYR A 634 27.19 3.11 -5.45
C TYR A 634 26.19 3.71 -4.46
N VAL A 635 26.64 4.62 -3.60
CA VAL A 635 25.71 5.39 -2.78
C VAL A 635 24.82 6.25 -3.65
N LEU A 636 25.41 6.91 -4.64
CA LEU A 636 24.64 7.72 -5.58
C LEU A 636 23.67 6.87 -6.39
N LEU A 637 24.10 5.69 -6.85
CA LEU A 637 23.21 4.81 -7.60
C LEU A 637 22.07 4.31 -6.71
N LEU A 638 22.37 3.93 -5.47
CA LEU A 638 21.32 3.56 -4.53
C LEU A 638 20.41 4.74 -4.21
N ASN A 639 21.00 5.94 -4.09
CA ASN A 639 20.20 7.15 -3.94
C ASN A 639 19.25 7.32 -5.11
N MET A 640 19.74 7.05 -6.33
CA MET A 640 18.92 7.18 -7.53
C MET A 640 17.83 6.11 -7.58
N LEU A 641 18.18 4.86 -7.28
CA LEU A 641 17.22 3.77 -7.37
C LEU A 641 16.06 3.96 -6.40
N ILE A 642 16.36 4.37 -5.16
CA ILE A 642 15.33 4.54 -4.16
C ILE A 642 14.40 5.70 -4.55
N ALA A 643 14.97 6.82 -5.00
CA ALA A 643 14.14 7.95 -5.40
C ALA A 643 13.30 7.62 -6.62
N LEU A 644 13.88 6.90 -7.60
CA LEU A 644 13.15 6.56 -8.81
C LEU A 644 12.06 5.52 -8.52
N MET A 645 12.37 4.55 -7.65
CA MET A 645 11.39 3.50 -7.33
C MET A 645 10.19 4.06 -6.59
N SER A 646 10.36 5.19 -5.88
CA SER A 646 9.27 5.77 -5.12
C SER A 646 8.09 6.19 -6.00
N GLU A 647 8.33 6.40 -7.30
CA GLU A 647 7.24 6.79 -8.20
C GLU A 647 6.30 5.63 -8.51
N THR A 648 6.70 4.40 -8.21
CA THR A 648 5.88 3.24 -8.57
C THR A 648 4.61 3.16 -7.72
N VAL A 649 4.67 3.61 -6.47
CA VAL A 649 3.54 3.45 -5.56
C VAL A 649 2.33 4.26 -6.03
N ASN A 650 2.56 5.51 -6.42
CA ASN A 650 1.47 6.43 -6.73
C ASN A 650 0.99 6.35 -8.18
N HIS A 651 1.65 5.55 -9.02
CA HIS A 651 1.26 5.48 -10.42
C HIS A 651 -0.09 4.78 -10.59
N VAL A 652 -0.88 5.28 -11.53
CA VAL A 652 -2.17 4.69 -11.89
C VAL A 652 -2.17 4.43 -13.39
N ALA A 653 -2.58 3.23 -13.78
CA ALA A 653 -2.58 2.85 -15.19
C ALA A 653 -3.57 3.69 -16.00
N ASP A 654 -4.59 4.27 -15.36
CA ASP A 654 -5.52 5.13 -16.08
C ASP A 654 -4.84 6.39 -16.58
N ASN A 655 -3.80 6.86 -15.88
CA ASN A 655 -3.07 8.03 -16.34
C ASN A 655 -2.33 7.73 -17.64
N SER A 656 -1.71 6.56 -17.74
CA SER A 656 -0.98 6.20 -18.96
C SER A 656 -1.91 6.15 -20.17
N TRP A 657 -3.11 5.60 -20.00
CA TRP A 657 -4.09 5.62 -21.08
C TRP A 657 -4.51 7.05 -21.41
N SER A 658 -4.71 7.88 -20.37
CA SER A 658 -5.12 9.27 -20.60
C SER A 658 -4.04 10.06 -21.31
N ILE A 659 -2.78 9.88 -20.92
CA ILE A 659 -1.69 10.62 -21.54
C ILE A 659 -1.53 10.21 -23.00
N TRP A 660 -1.73 8.93 -23.31
CA TRP A 660 -1.66 8.49 -24.70
C TRP A 660 -2.75 9.16 -25.54
N LYS A 661 -3.94 9.32 -24.97
CA LYS A 661 -4.99 10.05 -25.67
C LYS A 661 -4.61 11.50 -25.92
N LEU A 662 -3.93 12.13 -24.94
CA LEU A 662 -3.43 13.48 -25.15
C LEU A 662 -2.36 13.53 -26.24
N GLN A 663 -1.49 12.51 -26.28
CA GLN A 663 -0.46 12.47 -27.31
C GLN A 663 -1.09 12.38 -28.70
N LYS A 664 -2.13 11.56 -28.85
CA LYS A 664 -2.85 11.52 -30.12
C LYS A 664 -3.58 12.83 -30.38
N ALA A 665 -4.05 13.49 -29.32
CA ALA A 665 -4.73 14.77 -29.49
C ALA A 665 -3.79 15.83 -30.05
N ILE A 666 -2.55 15.87 -29.56
CA ILE A 666 -1.58 16.84 -30.05
C ILE A 666 -1.25 16.56 -31.51
N SER A 667 -1.06 15.28 -31.86
CA SER A 667 -0.71 14.92 -33.23
C SER A 667 -1.84 15.28 -34.20
N VAL A 668 -3.08 15.05 -33.78
CA VAL A 668 -4.23 15.35 -34.65
C VAL A 668 -4.30 16.84 -34.92
N LEU A 669 -4.18 17.66 -33.88
CA LEU A 669 -4.30 19.10 -34.04
C LEU A 669 -3.13 19.71 -34.78
N GLU A 670 -2.04 18.96 -34.95
CA GLU A 670 -0.90 19.46 -35.73
C GLU A 670 -1.03 19.06 -37.19
N MET A 671 -1.39 17.80 -37.45
CA MET A 671 -1.55 17.34 -38.82
C MET A 671 -2.87 17.79 -39.45
N GLU A 672 -3.78 18.36 -38.67
CA GLU A 672 -4.97 18.96 -39.26
C GLU A 672 -4.62 20.18 -40.11
N ASN A 673 -3.51 20.85 -39.80
CA ASN A 673 -3.05 21.99 -40.58
C ASN A 673 -2.37 21.58 -41.88
N GLY A 674 -2.43 20.30 -42.25
CA GLY A 674 -1.77 19.85 -43.47
C GLY A 674 -0.26 19.90 -43.29
N TYR A 675 0.43 20.29 -44.37
CA TYR A 675 1.86 20.45 -44.35
C TYR A 675 2.21 21.92 -44.52
N TRP A 676 3.49 22.25 -44.28
CA TRP A 676 3.94 23.63 -44.43
C TRP A 676 3.80 24.10 -45.88
N TRP A 677 4.02 23.21 -46.84
CA TRP A 677 3.89 23.55 -48.25
C TRP A 677 2.45 23.48 -48.76
N CYS A 678 1.53 22.89 -47.98
CA CYS A 678 0.13 22.79 -48.39
C CYS A 678 -0.73 22.84 -47.13
N ARG A 679 -1.24 24.05 -46.83
CA ARG A 679 -2.13 24.26 -45.69
C ARG A 679 -3.58 24.03 -46.12
N ARG A 680 -3.98 22.76 -46.11
CA ARG A 680 -5.31 22.38 -46.56
C ARG A 680 -6.37 22.86 -45.56
N LYS A 681 -7.58 23.04 -46.07
CA LYS A 681 -8.67 23.60 -45.27
C LYS A 681 -9.11 22.60 -44.20
N LYS A 682 -9.76 23.15 -43.17
CA LYS A 682 -10.22 22.38 -42.02
C LYS A 682 -11.69 22.07 -42.15
N HIS A 683 -12.05 20.82 -41.91
CA HIS A 683 -13.45 20.38 -41.98
C HIS A 683 -14.15 20.66 -40.66
N ARG A 684 -15.32 21.30 -40.74
CA ARG A 684 -16.12 21.57 -39.55
C ARG A 684 -16.80 20.29 -39.08
N GLU A 685 -16.71 20.02 -37.79
CA GLU A 685 -17.26 18.79 -37.23
C GLU A 685 -18.71 18.99 -36.82
N GLY A 686 -19.47 17.88 -36.80
CA GLY A 686 -20.85 17.93 -36.41
C GLY A 686 -21.76 18.43 -37.52
N ARG A 687 -23.04 18.56 -37.17
CA ARG A 687 -24.05 19.04 -38.10
C ARG A 687 -24.87 20.14 -37.44
N LEU A 688 -25.36 21.06 -38.26
CA LEU A 688 -26.15 22.19 -37.76
C LEU A 688 -27.57 21.71 -37.47
N LEU A 689 -27.99 21.82 -36.21
CA LEU A 689 -29.30 21.37 -35.79
C LEU A 689 -29.98 22.44 -34.96
N LYS A 690 -31.29 22.60 -35.16
CA LYS A 690 -32.07 23.55 -34.39
C LYS A 690 -32.43 22.93 -33.05
N VAL A 691 -32.06 23.60 -31.95
CA VAL A 691 -32.23 23.06 -30.60
C VAL A 691 -33.25 23.84 -29.79
N GLY A 692 -33.76 24.96 -30.29
CA GLY A 692 -34.73 25.73 -29.52
C GLY A 692 -34.99 27.08 -30.14
N THR A 693 -35.28 28.05 -29.29
CA THR A 693 -35.56 29.41 -29.72
C THR A 693 -34.83 30.39 -28.81
N ARG A 694 -34.16 31.36 -29.42
CA ARG A 694 -33.45 32.40 -28.67
C ARG A 694 -34.39 33.53 -28.28
N ASP A 700 -32.89 28.64 -32.55
CA ASP A 700 -31.56 28.50 -31.98
C ASP A 700 -30.92 27.27 -32.63
N GLU A 701 -29.95 27.51 -33.51
CA GLU A 701 -29.31 26.44 -34.24
C GLU A 701 -27.84 26.40 -33.83
N ARG A 702 -27.35 25.19 -33.56
CA ARG A 702 -25.99 25.00 -33.10
C ARG A 702 -25.36 23.85 -33.88
N TRP A 703 -24.03 23.87 -33.95
CA TRP A 703 -23.28 22.80 -34.61
C TRP A 703 -23.11 21.67 -33.60
N CYS A 704 -24.16 20.89 -33.42
CA CYS A 704 -24.17 19.81 -32.44
C CYS A 704 -23.39 18.60 -32.95
N PHE A 705 -22.80 17.86 -32.02
CA PHE A 705 -22.04 16.65 -32.31
C PHE A 705 -22.70 15.49 -31.56
N ARG A 706 -23.13 14.48 -32.31
CA ARG A 706 -23.88 13.37 -31.74
C ARG A 706 -22.92 12.38 -31.09
N VAL A 707 -22.94 12.32 -29.76
CA VAL A 707 -22.14 11.38 -28.98
C VAL A 707 -23.08 10.35 -28.38
N GLU A 708 -22.79 9.07 -28.58
CA GLU A 708 -23.59 7.98 -28.05
C GLU A 708 -22.85 7.34 -26.89
N GLU A 709 -23.54 7.19 -25.76
CA GLU A 709 -22.93 6.79 -24.49
C GLU A 709 -23.55 5.47 -24.03
N VAL A 710 -22.72 4.44 -23.94
CA VAL A 710 -23.16 3.16 -23.38
C VAL A 710 -22.57 3.03 -21.99
N ASN A 711 -23.45 2.86 -20.99
CA ASN A 711 -23.01 2.79 -19.59
C ASN A 711 -23.99 1.87 -18.86
N TRP A 712 -23.58 0.61 -18.68
CA TRP A 712 -24.43 -0.34 -17.96
C TRP A 712 -24.49 -0.01 -16.48
N ALA A 713 -23.36 0.36 -15.88
CA ALA A 713 -23.32 0.61 -14.44
C ALA A 713 -24.22 1.78 -14.05
N ALA A 714 -24.17 2.87 -14.84
CA ALA A 714 -25.02 4.01 -14.54
C ALA A 714 -26.50 3.69 -14.77
N TRP A 715 -26.81 2.93 -15.82
CA TRP A 715 -28.20 2.58 -16.10
C TRP A 715 -28.79 1.70 -14.99
N GLU A 716 -28.01 0.72 -14.52
CA GLU A 716 -28.51 -0.17 -13.48
C GLU A 716 -28.69 0.58 -12.16
N LYS A 717 -27.96 1.68 -11.96
CA LYS A 717 -28.13 2.47 -10.74
C LYS A 717 -29.52 3.09 -10.67
N THR A 718 -30.05 3.57 -11.79
CA THR A 718 -31.38 4.14 -11.83
C THR A 718 -32.48 3.08 -11.75
N LEU A 719 -32.16 1.83 -12.10
CA LEU A 719 -33.15 0.77 -12.05
C LEU A 719 -33.53 0.46 -10.60
N PRO A 720 -34.78 0.01 -10.37
CA PRO A 720 -35.24 -0.37 -9.04
C PRO A 720 -34.41 -1.48 -8.41
N GLU B 31 -23.57 7.00 -41.26
CA GLU B 31 -23.95 6.79 -39.87
C GLU B 31 -25.41 6.37 -39.75
N PRO B 32 -25.68 5.38 -38.90
CA PRO B 32 -27.06 4.93 -38.72
C PRO B 32 -27.91 6.05 -38.15
N PRO B 33 -29.16 6.16 -38.58
CA PRO B 33 -30.03 7.23 -38.09
C PRO B 33 -30.42 6.99 -36.63
N PRO B 34 -30.73 8.05 -35.89
CA PRO B 34 -31.10 7.88 -34.49
C PRO B 34 -32.47 7.24 -34.33
N MET B 35 -32.68 6.62 -33.17
CA MET B 35 -33.96 5.99 -32.88
C MET B 35 -35.06 7.04 -32.70
N GLU B 36 -34.78 8.10 -31.94
CA GLU B 36 -35.75 9.16 -31.71
C GLU B 36 -35.00 10.48 -31.58
N SER B 37 -35.60 11.54 -32.13
CA SER B 37 -34.93 12.84 -32.13
C SER B 37 -35.92 13.98 -32.02
N PRO B 38 -35.98 14.65 -30.87
CA PRO B 38 -36.78 15.89 -30.79
C PRO B 38 -36.28 16.98 -31.72
N PHE B 39 -34.97 17.02 -32.01
CA PHE B 39 -34.39 18.07 -32.83
C PHE B 39 -34.33 17.66 -34.30
N GLN B 40 -33.61 16.58 -34.59
CA GLN B 40 -33.45 16.14 -35.97
C GLN B 40 -34.75 15.51 -36.48
N ARG B 41 -35.15 15.91 -37.68
CA ARG B 41 -36.34 15.33 -38.30
C ARG B 41 -36.02 13.94 -38.85
N GLU B 42 -37.07 13.16 -39.06
CA GLU B 42 -36.91 11.82 -39.59
C GLU B 42 -36.52 11.88 -41.07
N ASP B 43 -35.89 10.80 -41.54
CA ASP B 43 -35.37 10.77 -42.90
C ASP B 43 -36.51 10.78 -43.91
N ARG B 44 -36.35 11.59 -44.96
CA ARG B 44 -37.38 11.66 -46.00
C ARG B 44 -37.31 10.46 -46.93
N ASN B 45 -36.12 9.92 -47.15
CA ASN B 45 -35.92 8.81 -48.08
C ASN B 45 -36.70 7.57 -47.67
N PRO B 72 -61.35 15.16 -48.10
CA PRO B 72 -60.96 15.43 -46.72
C PRO B 72 -59.62 16.15 -46.61
N ASP B 73 -59.29 16.64 -45.41
CA ASP B 73 -58.05 17.36 -45.20
C ASP B 73 -56.86 16.42 -45.33
N ARG B 74 -55.73 16.97 -45.77
CA ARG B 74 -54.54 16.17 -45.99
C ARG B 74 -53.95 15.70 -44.66
N PHE B 75 -53.46 14.45 -44.66
CA PHE B 75 -52.84 13.83 -43.50
C PHE B 75 -51.51 13.18 -43.90
N ASP B 76 -50.67 14.00 -44.54
CA ASP B 76 -49.35 13.56 -45.02
C ASP B 76 -48.49 13.05 -43.87
N ARG B 77 -47.34 12.48 -44.25
CA ARG B 77 -46.48 11.79 -43.30
C ARG B 77 -45.99 12.71 -42.19
N ASP B 78 -45.57 13.93 -42.53
CA ASP B 78 -45.04 14.84 -41.52
C ASP B 78 -46.08 15.24 -40.49
N ARG B 79 -47.31 15.56 -40.93
CA ARG B 79 -48.35 15.95 -39.98
C ARG B 79 -48.87 14.75 -39.21
N LEU B 80 -48.72 13.55 -39.79
CA LEU B 80 -49.07 12.33 -39.07
C LEU B 80 -48.11 12.09 -37.92
N PHE B 81 -46.81 12.27 -38.16
CA PHE B 81 -45.82 12.05 -37.10
C PHE B 81 -45.87 13.14 -36.04
N SER B 82 -46.32 14.34 -36.41
CA SER B 82 -46.39 15.43 -35.45
C SER B 82 -47.46 15.19 -34.39
N VAL B 83 -48.65 14.75 -34.82
CA VAL B 83 -49.76 14.59 -33.89
C VAL B 83 -49.51 13.41 -32.96
N VAL B 84 -48.91 12.32 -33.46
CA VAL B 84 -48.71 11.15 -32.63
C VAL B 84 -47.67 11.41 -31.55
N SER B 85 -46.65 12.22 -31.85
CA SER B 85 -45.64 12.54 -30.85
C SER B 85 -46.19 13.45 -29.76
N ARG B 86 -47.07 14.39 -30.11
CA ARG B 86 -47.64 15.30 -29.11
C ARG B 86 -48.69 14.61 -28.25
N GLY B 87 -49.25 13.49 -28.70
CA GLY B 87 -50.20 12.74 -27.90
C GLY B 87 -51.58 13.34 -27.82
N VAL B 88 -52.03 14.03 -28.87
CA VAL B 88 -53.38 14.60 -28.90
C VAL B 88 -54.21 13.85 -29.92
N PRO B 89 -55.11 12.96 -29.48
CA PRO B 89 -55.94 12.22 -30.44
C PRO B 89 -57.00 13.06 -31.13
N GLU B 90 -57.27 14.27 -30.64
CA GLU B 90 -58.33 15.09 -31.22
C GLU B 90 -58.00 15.47 -32.66
N GLU B 91 -56.75 15.83 -32.92
CA GLU B 91 -56.37 16.20 -34.28
C GLU B 91 -56.22 14.99 -35.18
N LEU B 92 -56.10 13.79 -34.61
CA LEU B 92 -55.89 12.59 -35.40
C LEU B 92 -57.18 12.04 -36.00
N THR B 93 -58.33 12.60 -35.63
CA THR B 93 -59.61 11.98 -35.95
C THR B 93 -59.84 11.84 -37.45
N GLY B 94 -59.33 12.78 -38.25
CA GLY B 94 -59.57 12.74 -39.69
C GLY B 94 -58.69 11.79 -40.45
N LEU B 95 -57.77 11.09 -39.76
CA LEU B 95 -56.82 10.22 -40.44
C LEU B 95 -57.53 9.09 -41.19
N LEU B 96 -58.63 8.59 -40.63
CA LEU B 96 -59.38 7.54 -41.29
C LEU B 96 -59.93 8.00 -42.63
N GLU B 97 -60.40 9.26 -42.71
CA GLU B 97 -60.93 9.78 -43.96
C GLU B 97 -59.85 9.88 -45.03
N TYR B 98 -58.66 10.37 -44.66
CA TYR B 98 -57.58 10.49 -45.64
C TYR B 98 -57.10 9.12 -46.11
N LEU B 99 -56.99 8.16 -45.18
CA LEU B 99 -56.62 6.80 -45.56
C LEU B 99 -57.66 6.17 -46.46
N ARG B 100 -58.94 6.39 -46.14
CA ARG B 100 -60.02 5.87 -46.98
C ARG B 100 -60.01 6.55 -48.36
N TRP B 101 -59.75 7.85 -48.39
CA TRP B 101 -59.71 8.57 -49.67
C TRP B 101 -58.60 8.05 -50.57
N ASN B 102 -57.42 7.82 -49.99
CA ASN B 102 -56.28 7.35 -50.78
C ASN B 102 -56.22 5.83 -50.90
N SER B 103 -57.09 5.11 -50.17
CA SER B 103 -57.11 3.64 -50.16
C SER B 103 -55.74 3.09 -49.78
N LYS B 104 -55.16 3.64 -48.72
CA LYS B 104 -53.83 3.25 -48.25
C LYS B 104 -53.90 2.89 -46.77
N TYR B 105 -52.78 2.37 -46.27
CA TYR B 105 -52.69 1.90 -44.91
C TYR B 105 -51.50 2.54 -44.21
N LEU B 106 -51.55 2.58 -42.88
CA LEU B 106 -50.49 3.22 -42.10
C LEU B 106 -49.15 2.47 -42.21
N THR B 107 -49.19 1.17 -42.50
CA THR B 107 -47.96 0.39 -42.63
C THR B 107 -47.21 0.68 -43.92
N ASP B 108 -47.81 1.43 -44.85
CA ASP B 108 -47.17 1.72 -46.11
C ASP B 108 -45.89 2.53 -45.91
N SER B 109 -44.97 2.40 -46.86
CA SER B 109 -43.67 3.06 -46.74
C SER B 109 -43.81 4.57 -46.74
N ALA B 110 -44.93 5.09 -47.25
CA ALA B 110 -45.13 6.54 -47.27
C ALA B 110 -45.26 7.11 -45.86
N TYR B 111 -45.78 6.34 -44.91
CA TYR B 111 -45.97 6.79 -43.55
C TYR B 111 -44.85 6.36 -42.60
N THR B 112 -43.69 5.99 -43.15
CA THR B 112 -42.52 5.66 -42.35
C THR B 112 -41.32 6.40 -42.93
N GLU B 113 -40.23 6.40 -42.17
CA GLU B 113 -38.95 6.90 -42.67
C GLU B 113 -38.24 5.77 -43.41
N GLY B 114 -37.82 6.05 -44.64
CA GLY B 114 -37.28 5.01 -45.50
C GLY B 114 -35.98 4.41 -45.02
N SER B 115 -35.22 5.14 -44.19
CA SER B 115 -33.96 4.62 -43.69
C SER B 115 -34.14 3.43 -42.77
N THR B 116 -35.21 3.40 -41.97
CA THR B 116 -35.42 2.32 -41.02
C THR B 116 -36.78 1.65 -41.22
N GLY B 117 -37.78 2.42 -41.66
CA GLY B 117 -39.14 1.93 -41.66
C GLY B 117 -39.88 2.17 -40.37
N LYS B 118 -39.36 3.03 -39.50
CA LYS B 118 -40.00 3.36 -38.23
C LYS B 118 -41.40 3.90 -38.48
N THR B 119 -42.42 3.16 -38.01
CA THR B 119 -43.81 3.50 -38.25
C THR B 119 -44.29 4.57 -37.29
N CYS B 120 -45.50 5.07 -37.55
CA CYS B 120 -46.10 6.07 -36.68
C CYS B 120 -46.38 5.52 -35.29
N LEU B 121 -46.77 4.24 -35.21
CA LEU B 121 -47.01 3.63 -33.91
C LEU B 121 -45.74 3.58 -33.08
N MET B 122 -44.61 3.23 -33.70
CA MET B 122 -43.34 3.23 -32.99
C MET B 122 -42.92 4.65 -32.62
N LYS B 123 -43.28 5.62 -33.46
CA LYS B 123 -43.09 7.02 -33.10
C LYS B 123 -43.91 7.38 -31.87
N ALA B 124 -45.15 6.88 -31.78
CA ALA B 124 -46.02 7.24 -30.67
C ALA B 124 -45.48 6.74 -29.34
N VAL B 125 -44.93 5.52 -29.32
CA VAL B 125 -44.48 4.93 -28.06
C VAL B 125 -43.14 5.51 -27.63
N LEU B 126 -42.46 6.25 -28.50
CA LEU B 126 -41.19 6.86 -28.13
C LEU B 126 -41.34 8.19 -27.40
N ASN B 127 -42.56 8.73 -27.33
CA ASN B 127 -42.82 9.98 -26.61
C ASN B 127 -43.95 9.79 -25.61
N LEU B 128 -43.87 8.73 -24.83
CA LEU B 128 -44.85 8.50 -23.76
C LEU B 128 -44.81 9.62 -22.74
N GLN B 129 -45.99 9.97 -22.23
CA GLN B 129 -46.15 11.03 -21.25
C GLN B 129 -46.65 10.42 -19.95
N ASP B 130 -45.80 10.42 -18.93
CA ASP B 130 -46.11 9.81 -17.63
C ASP B 130 -46.50 8.35 -17.78
N GLY B 131 -45.81 7.65 -18.68
CA GLY B 131 -46.01 6.23 -18.88
C GLY B 131 -47.12 5.84 -19.82
N VAL B 132 -47.81 6.80 -20.44
CA VAL B 132 -48.89 6.52 -21.36
C VAL B 132 -48.93 7.58 -22.45
N ASN B 133 -49.41 7.17 -23.63
CA ASN B 133 -49.64 8.08 -24.75
C ASN B 133 -51.07 7.86 -25.23
N ALA B 134 -51.87 8.92 -25.19
CA ALA B 134 -53.28 8.81 -25.53
C ALA B 134 -53.51 8.60 -27.02
N CYS B 135 -52.48 8.74 -27.85
CA CYS B 135 -52.66 8.65 -29.29
C CYS B 135 -52.52 7.23 -29.83
N ILE B 136 -51.90 6.33 -29.08
CA ILE B 136 -51.60 4.99 -29.60
C ILE B 136 -52.88 4.18 -29.75
N MET B 137 -53.81 4.31 -28.81
CA MET B 137 -55.05 3.54 -28.89
C MET B 137 -55.91 3.94 -30.08
N PRO B 138 -56.19 5.22 -30.35
CA PRO B 138 -56.89 5.54 -31.61
C PRO B 138 -56.11 5.14 -32.85
N LEU B 139 -54.77 5.16 -32.77
CA LEU B 139 -53.96 4.79 -33.92
C LEU B 139 -54.22 3.35 -34.34
N LEU B 140 -54.30 2.43 -33.38
CA LEU B 140 -54.59 1.04 -33.70
C LEU B 140 -55.99 0.88 -34.28
N GLN B 141 -56.95 1.66 -33.76
CA GLN B 141 -58.32 1.58 -34.26
C GLN B 141 -58.40 2.03 -35.72
N ILE B 142 -57.79 3.17 -36.04
CA ILE B 142 -57.82 3.67 -37.41
C ILE B 142 -57.13 2.68 -38.34
N ASP B 143 -56.06 2.05 -37.88
CA ASP B 143 -55.40 1.01 -38.67
C ASP B 143 -56.35 -0.16 -38.92
N LYS B 144 -57.15 -0.51 -37.91
CA LYS B 144 -58.10 -1.60 -38.06
C LYS B 144 -59.16 -1.27 -39.11
N ASP B 145 -59.70 -0.04 -39.07
CA ASP B 145 -60.71 0.35 -40.05
C ASP B 145 -60.12 0.58 -41.43
N SER B 146 -58.79 0.76 -41.53
CA SER B 146 -58.16 0.99 -42.82
C SER B 146 -58.05 -0.28 -43.65
N GLY B 147 -58.35 -1.44 -43.07
CA GLY B 147 -58.17 -2.69 -43.78
C GLY B 147 -56.73 -3.05 -44.06
N ASN B 148 -55.84 -2.82 -43.09
CA ASN B 148 -54.42 -3.05 -43.31
C ASN B 148 -54.13 -4.54 -43.39
N PRO B 149 -53.56 -5.03 -44.49
CA PRO B 149 -53.15 -6.44 -44.54
C PRO B 149 -51.96 -6.77 -43.64
N LYS B 150 -51.18 -5.77 -43.24
CA LYS B 150 -50.04 -5.94 -42.33
C LYS B 150 -50.33 -5.08 -41.11
N LEU B 151 -50.74 -5.73 -40.01
CA LEU B 151 -51.16 -5.00 -38.81
C LEU B 151 -50.02 -4.14 -38.27
N LEU B 152 -50.37 -2.92 -37.85
CA LEU B 152 -49.36 -1.96 -37.42
C LEU B 152 -48.66 -2.40 -36.14
N VAL B 153 -49.34 -3.19 -35.31
CA VAL B 153 -48.71 -3.66 -34.07
C VAL B 153 -47.53 -4.57 -34.36
N ASN B 154 -47.58 -5.33 -35.44
CA ASN B 154 -46.53 -6.28 -35.79
C ASN B 154 -45.49 -5.69 -36.73
N ALA B 155 -45.57 -4.40 -37.05
CA ALA B 155 -44.62 -3.79 -37.95
C ALA B 155 -43.23 -3.74 -37.32
N GLN B 156 -42.21 -3.89 -38.16
CA GLN B 156 -40.83 -3.91 -37.70
C GLN B 156 -39.97 -3.04 -38.62
N CYS B 157 -38.86 -2.56 -38.07
CA CYS B 157 -37.92 -1.78 -38.87
C CYS B 157 -37.20 -2.66 -39.89
N THR B 158 -36.67 -2.03 -40.94
CA THR B 158 -35.95 -2.74 -41.99
C THR B 158 -34.49 -2.35 -42.07
N ASP B 159 -34.05 -1.34 -41.30
CA ASP B 159 -32.66 -0.92 -41.34
C ASP B 159 -31.75 -2.02 -40.80
N GLU B 160 -30.51 -2.04 -41.31
CA GLU B 160 -29.53 -3.02 -40.84
C GLU B 160 -29.16 -2.78 -39.38
N PHE B 161 -29.41 -1.57 -38.88
CA PHE B 161 -29.06 -1.26 -37.49
C PHE B 161 -30.18 -1.66 -36.53
N TYR B 162 -31.42 -1.28 -36.85
CA TYR B 162 -32.57 -1.56 -36.00
C TYR B 162 -33.46 -2.65 -36.56
N GLN B 163 -32.90 -3.64 -37.26
CA GLN B 163 -33.70 -4.68 -37.89
C GLN B 163 -34.48 -5.47 -36.83
N GLY B 164 -35.78 -5.65 -37.10
CA GLY B 164 -36.65 -6.37 -36.21
C GLY B 164 -37.22 -5.58 -35.05
N HIS B 165 -36.82 -4.32 -34.89
CA HIS B 165 -37.34 -3.50 -33.81
C HIS B 165 -38.83 -3.24 -34.01
N SER B 166 -39.60 -3.39 -32.94
CA SER B 166 -41.05 -3.28 -33.01
C SER B 166 -41.54 -2.35 -31.91
N ALA B 167 -42.81 -1.94 -32.03
CA ALA B 167 -43.40 -1.05 -31.04
C ALA B 167 -43.50 -1.70 -29.67
N LEU B 168 -43.62 -3.03 -29.62
CA LEU B 168 -43.68 -3.72 -28.34
C LEU B 168 -42.37 -3.58 -27.57
N HIS B 169 -41.23 -3.66 -28.27
CA HIS B 169 -39.94 -3.51 -27.60
C HIS B 169 -39.78 -2.13 -26.98
N ILE B 170 -40.23 -1.08 -27.69
CA ILE B 170 -40.11 0.28 -27.17
C ILE B 170 -40.92 0.44 -25.91
N ALA B 171 -42.15 -0.10 -25.89
CA ALA B 171 -42.98 0.00 -24.70
C ALA B 171 -42.35 -0.73 -23.52
N ILE B 172 -41.74 -1.89 -23.77
CA ILE B 172 -41.08 -2.64 -22.70
C ILE B 172 -39.89 -1.86 -22.16
N GLU B 173 -39.09 -1.28 -23.05
CA GLU B 173 -37.93 -0.51 -22.60
C GLU B 173 -38.36 0.73 -21.81
N LYS B 174 -39.40 1.42 -22.28
CA LYS B 174 -39.90 2.61 -21.60
C LYS B 174 -40.60 2.29 -20.28
N ARG B 175 -40.60 1.03 -19.85
CA ARG B 175 -41.15 0.60 -18.57
C ARG B 175 -42.62 0.96 -18.41
N SER B 176 -43.40 0.94 -19.49
CA SER B 176 -44.82 1.27 -19.42
C SER B 176 -45.61 -0.02 -19.55
N LEU B 177 -46.14 -0.49 -18.42
CA LEU B 177 -47.01 -1.67 -18.43
C LEU B 177 -48.32 -1.40 -19.16
N GLN B 178 -48.80 -0.16 -19.11
CA GLN B 178 -50.07 0.18 -19.75
C GLN B 178 -49.98 0.04 -21.26
N CYS B 179 -48.90 0.54 -21.86
CA CYS B 179 -48.72 0.35 -23.30
C CYS B 179 -48.44 -1.10 -23.65
N VAL B 180 -47.70 -1.81 -22.79
CA VAL B 180 -47.41 -3.22 -23.05
C VAL B 180 -48.70 -4.04 -23.10
N LYS B 181 -49.59 -3.79 -22.14
CA LYS B 181 -50.88 -4.46 -22.14
C LYS B 181 -51.71 -4.08 -23.36
N LEU B 182 -51.69 -2.79 -23.71
CA LEU B 182 -52.54 -2.30 -24.79
C LEU B 182 -52.13 -2.88 -26.15
N LEU B 183 -50.83 -2.97 -26.41
CA LEU B 183 -50.38 -3.50 -27.70
C LEU B 183 -50.62 -5.01 -27.80
N VAL B 184 -50.31 -5.74 -26.73
CA VAL B 184 -50.47 -7.20 -26.77
C VAL B 184 -51.93 -7.59 -26.91
N GLU B 185 -52.84 -6.89 -26.22
CA GLU B 185 -54.26 -7.18 -26.34
C GLU B 185 -54.77 -6.98 -27.76
N ASN B 186 -54.10 -6.13 -28.55
CA ASN B 186 -54.50 -5.85 -29.92
C ASN B 186 -53.80 -6.76 -30.93
N GLY B 187 -52.98 -7.70 -30.48
CA GLY B 187 -52.35 -8.65 -31.36
C GLY B 187 -50.87 -8.45 -31.62
N ALA B 188 -50.14 -7.79 -30.73
CA ALA B 188 -48.71 -7.62 -30.91
C ALA B 188 -48.00 -8.93 -30.59
N ASP B 189 -47.29 -9.48 -31.56
CA ASP B 189 -46.59 -10.74 -31.37
C ASP B 189 -45.52 -10.59 -30.30
N VAL B 190 -45.47 -11.57 -29.39
CA VAL B 190 -44.54 -11.52 -28.27
C VAL B 190 -43.27 -12.29 -28.62
N HIS B 191 -43.14 -12.68 -29.90
CA HIS B 191 -41.98 -13.41 -30.37
C HIS B 191 -41.28 -12.67 -31.51
N LEU B 192 -41.43 -11.35 -31.55
CA LEU B 192 -40.77 -10.55 -32.59
C LEU B 192 -39.29 -10.43 -32.26
N ARG B 193 -38.44 -10.78 -33.23
CA ARG B 193 -37.00 -10.80 -33.04
C ARG B 193 -36.39 -9.49 -33.53
N ALA B 194 -35.82 -8.72 -32.60
CA ALA B 194 -35.09 -7.50 -32.93
C ALA B 194 -33.65 -7.90 -33.24
N CYS B 195 -33.41 -8.30 -34.48
CA CYS B 195 -32.12 -8.87 -34.89
C CYS B 195 -31.27 -7.87 -35.67
N GLY B 196 -31.32 -6.59 -35.29
CA GLY B 196 -30.50 -5.58 -35.92
C GLY B 196 -29.10 -5.54 -35.36
N ARG B 197 -28.22 -4.78 -36.03
CA ARG B 197 -26.85 -4.62 -35.56
C ARG B 197 -26.78 -3.88 -34.24
N PHE B 198 -27.78 -3.05 -33.92
CA PHE B 198 -27.80 -2.36 -32.64
C PHE B 198 -28.04 -3.32 -31.49
N PHE B 199 -28.82 -4.38 -31.72
CA PHE B 199 -29.17 -5.32 -30.67
C PHE B 199 -28.22 -6.51 -30.57
N GLN B 200 -27.28 -6.64 -31.51
CA GLN B 200 -26.29 -7.71 -31.43
C GLN B 200 -25.14 -7.32 -30.52
N LYS B 201 -24.57 -8.32 -29.86
CA LYS B 201 -23.48 -8.09 -28.91
C LYS B 201 -22.16 -7.92 -29.67
N HIS B 202 -21.58 -6.73 -29.57
CA HIS B 202 -20.29 -6.44 -30.19
C HIS B 202 -19.72 -5.19 -29.54
N GLN B 203 -18.49 -4.86 -29.92
CA GLN B 203 -17.81 -3.71 -29.34
C GLN B 203 -18.50 -2.41 -29.76
N GLY B 204 -18.58 -1.48 -28.82
CA GLY B 204 -19.12 -0.17 -29.12
C GLY B 204 -20.62 -0.08 -28.89
N THR B 205 -21.29 0.55 -29.85
CA THR B 205 -22.73 0.81 -29.76
C THR B 205 -23.50 -0.52 -29.86
N CYS B 206 -24.03 -0.96 -28.72
CA CYS B 206 -24.81 -2.19 -28.68
C CYS B 206 -25.60 -2.24 -27.38
N PHE B 207 -26.68 -3.01 -27.41
CA PHE B 207 -27.46 -3.36 -26.22
C PHE B 207 -28.05 -4.74 -26.47
N TYR B 208 -27.36 -5.77 -25.99
CA TYR B 208 -27.83 -7.13 -26.17
C TYR B 208 -28.71 -7.52 -24.99
N PHE B 209 -29.95 -7.91 -25.30
CA PHE B 209 -30.90 -8.39 -24.30
C PHE B 209 -31.54 -9.69 -24.75
N GLY B 210 -30.86 -10.47 -25.58
CA GLY B 210 -31.55 -11.42 -26.43
C GLY B 210 -32.11 -10.70 -27.64
N GLU B 211 -33.24 -11.18 -28.13
CA GLU B 211 -33.94 -10.52 -29.22
C GLU B 211 -35.45 -10.48 -29.05
N LEU B 212 -35.97 -10.85 -27.88
CA LEU B 212 -37.40 -11.01 -27.70
C LEU B 212 -37.94 -10.01 -26.67
N PRO B 213 -39.24 -9.67 -26.77
CA PRO B 213 -39.84 -8.82 -25.73
C PRO B 213 -39.75 -9.42 -24.34
N LEU B 214 -39.93 -10.73 -24.21
CA LEU B 214 -39.80 -11.37 -22.91
C LEU B 214 -38.37 -11.27 -22.39
N SER B 215 -37.38 -11.49 -23.26
CA SER B 215 -35.99 -11.38 -22.83
C SER B 215 -35.62 -9.94 -22.51
N LEU B 216 -36.17 -8.98 -23.25
CA LEU B 216 -35.90 -7.57 -22.96
C LEU B 216 -36.43 -7.19 -21.59
N ALA B 217 -37.64 -7.65 -21.26
CA ALA B 217 -38.23 -7.36 -19.96
C ALA B 217 -37.43 -8.00 -18.83
N ALA B 218 -36.94 -9.22 -19.05
CA ALA B 218 -36.12 -9.89 -18.04
C ALA B 218 -34.81 -9.14 -17.81
N CYS B 219 -34.19 -8.65 -18.88
CA CYS B 219 -32.93 -7.93 -18.76
C CYS B 219 -33.09 -6.58 -18.07
N THR B 220 -34.29 -6.01 -18.08
CA THR B 220 -34.58 -4.75 -17.40
C THR B 220 -35.24 -4.96 -16.04
N LYS B 221 -35.20 -6.19 -15.52
CA LYS B 221 -35.86 -6.62 -14.28
C LYS B 221 -37.25 -5.99 -14.11
N GLN B 222 -38.04 -5.97 -15.19
CA GLN B 222 -39.42 -5.51 -15.12
C GLN B 222 -40.26 -6.72 -14.69
N TRP B 223 -40.33 -6.93 -13.37
CA TRP B 223 -41.02 -8.11 -12.84
C TRP B 223 -42.49 -8.12 -13.23
N ASP B 224 -43.10 -6.93 -13.34
CA ASP B 224 -44.51 -6.87 -13.71
C ASP B 224 -44.71 -7.23 -15.18
N VAL B 225 -43.77 -6.82 -16.04
CA VAL B 225 -43.93 -7.07 -17.47
C VAL B 225 -43.77 -8.55 -17.79
N VAL B 226 -42.76 -9.21 -17.21
CA VAL B 226 -42.53 -10.62 -17.51
C VAL B 226 -43.69 -11.46 -17.00
N THR B 227 -44.27 -11.08 -15.86
CA THR B 227 -45.43 -11.78 -15.35
C THR B 227 -46.59 -11.71 -16.34
N TYR B 228 -46.80 -10.53 -16.93
CA TYR B 228 -47.92 -10.37 -17.86
C TYR B 228 -47.65 -11.13 -19.15
N LEU B 229 -46.44 -10.98 -19.70
CA LEU B 229 -46.09 -11.61 -20.98
C LEU B 229 -46.16 -13.12 -20.90
N LEU B 230 -46.00 -13.69 -19.70
CA LEU B 230 -46.09 -15.14 -19.54
C LEU B 230 -47.52 -15.58 -19.29
N GLU B 231 -48.27 -14.81 -18.48
CA GLU B 231 -49.58 -15.23 -18.02
C GLU B 231 -50.74 -14.61 -18.80
N ASN B 232 -50.47 -13.76 -19.79
CA ASN B 232 -51.56 -13.10 -20.48
C ASN B 232 -52.30 -14.09 -21.39
N PRO B 233 -53.63 -14.13 -21.34
CA PRO B 233 -54.38 -15.04 -22.23
C PRO B 233 -54.34 -14.61 -23.68
N HIS B 234 -54.07 -13.33 -23.97
CA HIS B 234 -54.11 -12.86 -25.35
C HIS B 234 -52.98 -13.45 -26.19
N GLN B 235 -51.76 -13.40 -25.67
CA GLN B 235 -50.60 -13.94 -26.38
C GLN B 235 -49.47 -14.23 -25.41
N PRO B 236 -49.44 -15.43 -24.81
CA PRO B 236 -48.35 -15.75 -23.88
C PRO B 236 -47.03 -15.94 -24.63
N ALA B 237 -45.94 -15.56 -23.97
CA ALA B 237 -44.61 -15.70 -24.52
C ALA B 237 -43.97 -16.97 -23.97
N SER B 238 -43.62 -17.89 -24.87
CA SER B 238 -43.02 -19.16 -24.44
C SER B 238 -41.62 -18.93 -23.89
N LEU B 239 -41.30 -19.61 -22.78
CA LEU B 239 -39.95 -19.56 -22.25
C LEU B 239 -38.97 -20.31 -23.13
N GLU B 240 -39.46 -21.26 -23.94
CA GLU B 240 -38.61 -21.96 -24.89
C GLU B 240 -38.27 -21.12 -26.11
N ALA B 241 -38.88 -19.95 -26.27
CA ALA B 241 -38.67 -19.14 -27.45
C ALA B 241 -37.20 -18.73 -27.56
N THR B 242 -36.69 -18.73 -28.79
CA THR B 242 -35.26 -18.70 -29.04
C THR B 242 -34.94 -17.57 -30.02
N ASP B 243 -33.86 -16.84 -29.74
CA ASP B 243 -33.40 -15.77 -30.61
C ASP B 243 -32.63 -16.35 -31.81
N SER B 244 -32.03 -15.45 -32.59
CA SER B 244 -31.35 -15.84 -33.82
C SER B 244 -30.08 -16.65 -33.56
N LEU B 245 -29.43 -16.47 -32.41
CA LEU B 245 -28.18 -17.15 -32.11
C LEU B 245 -28.37 -18.39 -31.24
N GLY B 246 -29.60 -18.82 -31.00
CA GLY B 246 -29.86 -19.95 -30.15
C GLY B 246 -30.09 -19.62 -28.69
N ASN B 247 -29.91 -18.36 -28.30
CA ASN B 247 -30.06 -17.97 -26.90
C ASN B 247 -31.54 -17.85 -26.53
N THR B 248 -31.91 -18.50 -25.43
CA THR B 248 -33.23 -18.30 -24.85
C THR B 248 -33.19 -17.13 -23.87
N VAL B 249 -34.26 -16.99 -23.08
CA VAL B 249 -34.30 -15.92 -22.08
C VAL B 249 -33.27 -16.18 -20.99
N LEU B 250 -33.08 -17.44 -20.60
CA LEU B 250 -32.09 -17.77 -19.58
C LEU B 250 -30.67 -17.51 -20.11
N HIS B 251 -30.42 -17.82 -21.38
CA HIS B 251 -29.11 -17.54 -21.95
C HIS B 251 -28.82 -16.05 -22.00
N ALA B 252 -29.83 -15.25 -22.31
CA ALA B 252 -29.64 -13.80 -22.40
C ALA B 252 -29.20 -13.22 -21.07
N LEU B 253 -29.83 -13.65 -19.97
CA LEU B 253 -29.45 -13.16 -18.65
C LEU B 253 -28.01 -13.56 -18.31
N VAL B 254 -27.58 -14.73 -18.78
CA VAL B 254 -26.23 -15.20 -18.47
C VAL B 254 -25.18 -14.29 -19.12
N MET B 255 -25.37 -13.94 -20.39
CA MET B 255 -24.33 -13.24 -21.14
C MET B 255 -24.45 -11.72 -21.09
N ILE B 256 -25.47 -11.17 -20.40
CA ILE B 256 -25.43 -9.77 -20.01
C ILE B 256 -24.88 -9.59 -18.60
N ALA B 257 -24.63 -10.68 -17.88
CA ALA B 257 -24.19 -10.60 -16.50
C ALA B 257 -22.74 -10.13 -16.42
N ASP B 258 -22.50 -9.17 -15.54
CA ASP B 258 -21.15 -8.76 -15.18
C ASP B 258 -20.75 -9.44 -13.87
N ASN B 259 -19.47 -9.31 -13.54
CA ASN B 259 -18.98 -9.84 -12.26
C ASN B 259 -19.16 -8.88 -11.11
N SER B 260 -19.70 -7.69 -11.36
CA SER B 260 -20.03 -6.77 -10.29
C SER B 260 -21.16 -7.33 -9.43
N PRO B 261 -21.21 -6.99 -8.14
CA PRO B 261 -22.24 -7.61 -7.29
C PRO B 261 -23.60 -6.97 -7.38
N GLU B 262 -23.70 -5.71 -7.80
CA GLU B 262 -25.00 -5.10 -8.02
C GLU B 262 -25.73 -5.76 -9.19
N ASN B 263 -25.00 -6.05 -10.27
CA ASN B 263 -25.63 -6.64 -11.45
C ASN B 263 -25.74 -8.15 -11.32
N SER B 264 -24.83 -8.78 -10.56
CA SER B 264 -24.93 -10.21 -10.30
C SER B 264 -26.21 -10.53 -9.53
N ALA B 265 -26.57 -9.69 -8.56
CA ALA B 265 -27.83 -9.88 -7.85
C ALA B 265 -29.02 -9.74 -8.78
N LEU B 266 -28.92 -8.84 -9.76
CA LEU B 266 -29.98 -8.68 -10.75
C LEU B 266 -30.16 -9.97 -11.56
N VAL B 267 -29.06 -10.53 -12.04
CA VAL B 267 -29.14 -11.70 -12.91
C VAL B 267 -29.58 -12.93 -12.12
N ILE B 268 -29.03 -13.11 -10.92
CA ILE B 268 -29.37 -14.27 -10.11
C ILE B 268 -30.84 -14.25 -9.73
N HIS B 269 -31.35 -13.09 -9.33
CA HIS B 269 -32.76 -12.99 -8.97
C HIS B 269 -33.65 -13.24 -10.17
N MET B 270 -33.30 -12.69 -11.33
CA MET B 270 -34.08 -12.94 -12.55
C MET B 270 -33.96 -14.40 -12.99
N TYR B 271 -32.76 -14.97 -12.90
CA TYR B 271 -32.59 -16.36 -13.28
C TYR B 271 -33.38 -17.29 -12.37
N ASP B 272 -33.37 -17.01 -11.07
CA ASP B 272 -34.09 -17.86 -10.11
C ASP B 272 -35.59 -17.78 -10.31
N GLY B 273 -36.11 -16.56 -10.47
CA GLY B 273 -37.55 -16.40 -10.61
C GLY B 273 -38.08 -16.99 -11.89
N LEU B 274 -37.38 -16.77 -13.01
CA LEU B 274 -37.81 -17.33 -14.28
C LEU B 274 -37.76 -18.85 -14.28
N LEU B 275 -36.71 -19.42 -13.68
CA LEU B 275 -36.63 -20.87 -13.56
C LEU B 275 -37.76 -21.42 -12.71
N GLN B 276 -38.05 -20.75 -11.58
CA GLN B 276 -39.14 -21.20 -10.72
C GLN B 276 -40.49 -21.04 -11.41
N MET B 277 -40.70 -19.92 -12.13
CA MET B 277 -41.95 -19.75 -12.87
C MET B 277 -42.06 -20.75 -14.02
N GLY B 278 -40.94 -21.17 -14.59
CA GLY B 278 -40.99 -22.17 -15.65
C GLY B 278 -41.55 -23.49 -15.18
N ALA B 279 -41.28 -23.83 -13.91
CA ALA B 279 -41.83 -25.05 -13.33
C ALA B 279 -43.34 -25.00 -13.21
N ARG B 280 -43.94 -23.80 -13.13
CA ARG B 280 -45.38 -23.67 -13.03
C ARG B 280 -46.03 -23.62 -14.42
N LEU B 281 -45.50 -22.80 -15.31
CA LEU B 281 -46.08 -22.66 -16.65
C LEU B 281 -45.85 -23.91 -17.49
N CYS B 282 -44.63 -24.43 -17.52
CA CYS B 282 -44.28 -25.62 -18.31
C CYS B 282 -43.54 -26.60 -17.42
N PRO B 283 -44.27 -27.35 -16.58
CA PRO B 283 -43.59 -28.31 -15.69
C PRO B 283 -42.83 -29.39 -16.43
N THR B 284 -43.23 -29.74 -17.64
CA THR B 284 -42.59 -30.82 -18.40
C THR B 284 -41.35 -30.37 -19.14
N VAL B 285 -41.00 -29.09 -19.09
CA VAL B 285 -39.88 -28.54 -19.84
C VAL B 285 -38.74 -28.23 -18.87
N GLN B 286 -37.55 -28.75 -19.18
CA GLN B 286 -36.33 -28.40 -18.46
C GLN B 286 -35.64 -27.30 -19.25
N LEU B 287 -35.78 -26.05 -18.77
CA LEU B 287 -35.31 -24.90 -19.53
C LEU B 287 -33.80 -24.87 -19.65
N GLU B 288 -33.07 -25.43 -18.68
CA GLU B 288 -31.62 -25.40 -18.71
C GLU B 288 -31.02 -26.36 -19.72
N GLU B 289 -31.82 -27.25 -20.30
CA GLU B 289 -31.32 -28.21 -21.28
C GLU B 289 -31.32 -27.67 -22.71
N ILE B 290 -31.92 -26.49 -22.95
CA ILE B 290 -31.90 -25.91 -24.28
C ILE B 290 -30.52 -25.33 -24.57
N SER B 291 -30.02 -25.60 -25.78
CA SER B 291 -28.68 -25.20 -26.18
C SER B 291 -28.74 -24.22 -27.34
N ASN B 292 -27.72 -23.39 -27.45
CA ASN B 292 -27.62 -22.45 -28.56
C ASN B 292 -27.20 -23.18 -29.83
N HIS B 293 -27.00 -22.41 -30.90
CA HIS B 293 -26.42 -22.95 -32.11
C HIS B 293 -24.98 -23.41 -31.89
N GLN B 294 -24.29 -22.84 -30.91
CA GLN B 294 -22.97 -23.32 -30.50
C GLN B 294 -23.05 -24.59 -29.67
N GLY B 295 -24.25 -24.99 -29.24
CA GLY B 295 -24.39 -26.19 -28.43
C GLY B 295 -24.08 -25.99 -26.96
N LEU B 296 -24.40 -24.82 -26.40
CA LEU B 296 -24.08 -24.51 -25.01
C LEU B 296 -25.37 -24.30 -24.22
N THR B 297 -25.49 -25.02 -23.11
CA THR B 297 -26.56 -24.80 -22.15
C THR B 297 -26.25 -23.54 -21.35
N PRO B 298 -27.24 -22.98 -20.63
CA PRO B 298 -26.96 -21.77 -19.84
C PRO B 298 -25.83 -21.96 -18.83
N LEU B 299 -25.67 -23.17 -18.28
CA LEU B 299 -24.53 -23.43 -17.42
C LEU B 299 -23.23 -23.41 -18.20
N LYS B 300 -23.22 -24.07 -19.37
CA LYS B 300 -22.02 -24.08 -20.20
C LYS B 300 -21.68 -22.70 -20.72
N LEU B 301 -22.70 -21.91 -21.09
CA LEU B 301 -22.45 -20.57 -21.60
C LEU B 301 -21.80 -19.69 -20.55
N ALA B 302 -22.25 -19.79 -19.29
CA ALA B 302 -21.62 -19.02 -18.22
C ALA B 302 -20.15 -19.39 -18.05
N ALA B 303 -19.80 -20.64 -18.34
CA ALA B 303 -18.39 -21.04 -18.25
C ALA B 303 -17.57 -20.45 -19.40
N LYS B 304 -18.12 -20.49 -20.62
CA LYS B 304 -17.37 -19.98 -21.77
C LYS B 304 -17.20 -18.47 -21.68
N GLU B 305 -18.25 -17.74 -21.29
CA GLU B 305 -18.15 -16.30 -21.16
C GLU B 305 -17.34 -15.87 -19.95
N GLY B 306 -16.99 -16.79 -19.06
CA GLY B 306 -16.18 -16.45 -17.90
C GLY B 306 -16.86 -15.55 -16.90
N LYS B 307 -18.13 -15.81 -16.58
CA LYS B 307 -18.88 -15.00 -15.62
C LYS B 307 -19.13 -15.85 -14.38
N ILE B 308 -18.26 -15.69 -13.39
CA ILE B 308 -18.22 -16.58 -12.23
C ILE B 308 -19.50 -16.47 -11.42
N GLU B 309 -19.98 -15.25 -11.19
CA GLU B 309 -21.07 -15.03 -10.25
C GLU B 309 -22.34 -15.77 -10.67
N ILE B 310 -22.70 -15.69 -11.95
CA ILE B 310 -23.83 -16.48 -12.42
C ILE B 310 -23.46 -17.95 -12.52
N PHE B 311 -22.20 -18.25 -12.87
CA PHE B 311 -21.74 -19.64 -12.97
C PHE B 311 -21.77 -20.32 -11.62
N ARG B 312 -21.33 -19.62 -10.57
CA ARG B 312 -21.28 -20.23 -9.24
C ARG B 312 -22.68 -20.53 -8.72
N HIS B 313 -23.62 -19.61 -8.95
CA HIS B 313 -24.97 -19.79 -8.44
C HIS B 313 -25.65 -21.01 -9.08
N ILE B 314 -25.52 -21.15 -10.39
CA ILE B 314 -26.11 -22.30 -11.08
C ILE B 314 -25.44 -23.59 -10.63
N LEU B 315 -24.12 -23.58 -10.52
CA LEU B 315 -23.38 -24.78 -10.16
C LEU B 315 -23.69 -25.23 -8.74
N GLN B 316 -24.01 -24.30 -7.85
CA GLN B 316 -24.31 -24.62 -6.45
C GLN B 316 -25.72 -24.21 -6.06
N ARG B 317 -26.69 -24.35 -6.96
CA ARG B 317 -28.05 -23.90 -6.70
C ARG B 317 -28.77 -24.88 -5.79
N GLU B 318 -29.35 -24.35 -4.71
CA GLU B 318 -30.11 -25.15 -3.76
C GLU B 318 -31.41 -24.44 -3.44
N PHE B 319 -32.53 -25.15 -3.58
CA PHE B 319 -33.85 -24.63 -3.27
C PHE B 319 -34.49 -25.50 -2.20
N SER B 320 -35.03 -24.86 -1.16
CA SER B 320 -35.75 -25.58 -0.13
C SER B 320 -37.26 -25.38 -0.31
N GLY B 321 -38.00 -26.48 -0.16
CA GLY B 321 -39.44 -26.44 -0.30
C GLY B 321 -39.92 -27.12 -1.57
N PRO B 322 -41.01 -26.60 -2.14
CA PRO B 322 -41.58 -27.23 -3.34
C PRO B 322 -40.67 -27.17 -4.56
N TYR B 323 -39.74 -26.23 -4.62
CA TYR B 323 -38.86 -26.08 -5.78
C TYR B 323 -37.56 -26.86 -5.64
N GLN B 324 -37.54 -27.91 -4.83
CA GLN B 324 -36.36 -28.75 -4.69
C GLN B 324 -35.87 -29.38 -6.01
N PRO B 325 -36.73 -29.88 -6.90
CA PRO B 325 -36.21 -30.51 -8.12
C PRO B 325 -35.38 -29.58 -9.00
N LEU B 326 -35.51 -28.26 -8.83
CA LEU B 326 -34.69 -27.31 -9.56
C LEU B 326 -33.30 -27.13 -8.97
N SER B 327 -33.02 -27.74 -7.82
CA SER B 327 -31.74 -27.58 -7.16
C SER B 327 -30.65 -28.38 -7.87
N ARG B 328 -29.40 -27.96 -7.65
CA ARG B 328 -28.24 -28.70 -8.12
C ARG B 328 -27.24 -29.04 -7.02
N LYS B 329 -27.46 -28.58 -5.79
CA LYS B 329 -26.64 -28.91 -4.63
C LYS B 329 -27.56 -29.43 -3.54
N PHE B 330 -27.80 -30.74 -3.56
CA PHE B 330 -28.67 -31.37 -2.57
C PHE B 330 -27.85 -31.68 -1.32
N THR B 331 -28.09 -30.91 -0.26
CA THR B 331 -27.43 -31.16 1.01
C THR B 331 -27.86 -32.51 1.57
N GLU B 332 -26.90 -33.24 2.15
CA GLU B 332 -27.12 -34.60 2.59
C GLU B 332 -27.17 -34.73 4.10
N TRP B 333 -26.12 -34.30 4.80
CA TRP B 333 -26.11 -34.33 6.25
C TRP B 333 -25.08 -33.34 6.76
N CYS B 334 -25.34 -32.80 7.96
CA CYS B 334 -24.48 -31.81 8.57
C CYS B 334 -24.19 -32.20 10.02
N TYR B 335 -22.93 -32.05 10.42
CA TYR B 335 -22.51 -32.33 11.78
C TYR B 335 -21.45 -31.30 12.16
N GLY B 336 -21.84 -30.29 12.94
CA GLY B 336 -20.95 -29.21 13.27
C GLY B 336 -20.53 -28.41 12.05
N PRO B 337 -19.23 -28.14 11.93
CA PRO B 337 -18.73 -27.43 10.74
C PRO B 337 -18.64 -28.30 9.50
N VAL B 338 -19.07 -29.56 9.57
CA VAL B 338 -18.97 -30.49 8.46
C VAL B 338 -20.30 -30.50 7.71
N ARG B 339 -20.26 -30.14 6.43
CA ARG B 339 -21.41 -30.20 5.56
C ARG B 339 -21.12 -31.13 4.38
N VAL B 340 -22.10 -31.97 4.05
CA VAL B 340 -21.99 -32.89 2.93
C VAL B 340 -23.15 -32.62 1.97
N SER B 341 -22.83 -32.39 0.71
CA SER B 341 -23.82 -32.04 -0.29
C SER B 341 -23.64 -32.91 -1.52
N LEU B 342 -24.75 -33.24 -2.18
CA LEU B 342 -24.72 -34.04 -3.40
C LEU B 342 -24.83 -33.10 -4.59
N TYR B 343 -23.70 -32.58 -5.05
CA TYR B 343 -23.67 -31.75 -6.24
C TYR B 343 -24.01 -32.57 -7.47
N ASP B 344 -24.70 -31.93 -8.43
CA ASP B 344 -25.16 -32.59 -9.63
C ASP B 344 -24.11 -32.41 -10.72
N LEU B 345 -23.75 -33.52 -11.36
CA LEU B 345 -22.72 -33.53 -12.41
C LEU B 345 -23.30 -33.53 -13.82
N SER B 346 -24.60 -33.27 -13.97
CA SER B 346 -25.20 -33.19 -15.29
C SER B 346 -24.55 -32.05 -16.09
N SER B 347 -23.97 -32.40 -17.23
CA SER B 347 -23.23 -31.50 -18.12
C SER B 347 -21.97 -30.93 -17.46
N VAL B 348 -21.53 -31.46 -16.33
CA VAL B 348 -20.33 -30.97 -15.66
C VAL B 348 -19.18 -31.96 -15.78
N ASP B 349 -19.47 -33.26 -15.61
CA ASP B 349 -18.43 -34.28 -15.71
C ASP B 349 -17.85 -34.33 -17.12
N SER B 350 -16.54 -34.57 -17.20
CA SER B 350 -15.86 -34.63 -18.48
C SER B 350 -16.20 -35.88 -19.28
N TRP B 351 -16.94 -36.82 -18.68
CA TRP B 351 -17.33 -38.04 -19.39
C TRP B 351 -18.11 -37.72 -20.66
N GLU B 352 -18.89 -36.65 -20.65
CA GLU B 352 -19.68 -36.24 -21.80
C GLU B 352 -18.95 -35.14 -22.57
N LYS B 353 -19.06 -35.16 -23.89
CA LYS B 353 -18.35 -34.21 -24.72
C LYS B 353 -18.89 -32.79 -24.51
N ASN B 354 -18.00 -31.81 -24.72
CA ASN B 354 -18.32 -30.39 -24.56
C ASN B 354 -18.86 -30.08 -23.16
N SER B 355 -18.25 -30.68 -22.14
CA SER B 355 -18.67 -30.44 -20.78
C SER B 355 -18.16 -29.09 -20.28
N VAL B 356 -18.58 -28.74 -19.06
CA VAL B 356 -18.16 -27.48 -18.44
C VAL B 356 -16.66 -27.50 -18.19
N LEU B 357 -16.12 -28.64 -17.76
CA LEU B 357 -14.69 -28.73 -17.46
C LEU B 357 -13.85 -28.47 -18.71
N GLU B 358 -14.24 -29.05 -19.84
CA GLU B 358 -13.51 -28.81 -21.08
C GLU B 358 -13.64 -27.37 -21.54
N ILE B 359 -14.83 -26.78 -21.36
CA ILE B 359 -15.07 -25.42 -21.82
C ILE B 359 -14.21 -24.42 -21.06
N ILE B 360 -14.10 -24.59 -19.74
CA ILE B 360 -13.27 -23.68 -18.95
C ILE B 360 -11.81 -23.81 -19.35
N ALA B 361 -11.32 -25.03 -19.50
CA ALA B 361 -9.89 -25.24 -19.74
C ALA B 361 -9.50 -24.86 -21.17
N PHE B 362 -10.28 -25.28 -22.16
CA PHE B 362 -9.88 -25.17 -23.55
C PHE B 362 -10.72 -24.21 -24.39
N HIS B 363 -11.93 -23.85 -23.95
CA HIS B 363 -12.79 -22.97 -24.73
C HIS B 363 -12.93 -21.57 -24.15
N CYS B 364 -12.86 -21.43 -22.83
CA CYS B 364 -12.92 -20.10 -22.22
C CYS B 364 -11.62 -19.34 -22.43
N LYS B 365 -11.73 -18.02 -22.64
CA LYS B 365 -10.57 -17.17 -22.84
C LYS B 365 -10.53 -16.01 -21.85
N SER B 366 -11.52 -15.89 -20.97
CA SER B 366 -11.55 -14.82 -19.99
C SER B 366 -10.47 -15.03 -18.93
N PRO B 367 -10.02 -13.95 -18.29
CA PRO B 367 -9.03 -14.09 -17.20
C PRO B 367 -9.61 -14.76 -15.95
N ASN B 368 -10.89 -15.12 -15.95
CA ASN B 368 -11.52 -15.71 -14.78
C ASN B 368 -11.44 -17.24 -14.76
N ARG B 369 -10.65 -17.84 -15.66
CA ARG B 369 -10.61 -19.29 -15.76
C ARG B 369 -10.08 -19.94 -14.49
N HIS B 370 -9.03 -19.38 -13.90
CA HIS B 370 -8.43 -19.98 -12.71
C HIS B 370 -9.34 -19.89 -11.50
N ARG B 371 -10.24 -18.89 -11.46
CA ARG B 371 -11.15 -18.75 -10.34
C ARG B 371 -12.37 -19.66 -10.45
N MET B 372 -12.58 -20.30 -11.60
CA MET B 372 -13.73 -21.18 -11.76
C MET B 372 -13.40 -22.62 -11.41
N VAL B 373 -12.15 -23.03 -11.63
CA VAL B 373 -11.74 -24.41 -11.35
C VAL B 373 -11.56 -24.66 -9.86
N VAL B 374 -11.71 -23.63 -9.02
CA VAL B 374 -11.62 -23.80 -7.57
C VAL B 374 -12.99 -23.86 -6.91
N LEU B 375 -14.06 -23.58 -7.66
CA LEU B 375 -15.40 -23.70 -7.10
C LEU B 375 -15.81 -25.15 -6.99
N GLU B 376 -16.57 -25.48 -5.95
CA GLU B 376 -17.13 -26.81 -5.83
C GLU B 376 -18.33 -26.97 -6.77
N PRO B 377 -18.53 -28.17 -7.31
CA PRO B 377 -17.78 -29.41 -7.10
C PRO B 377 -16.56 -29.54 -8.00
N LEU B 378 -16.26 -28.52 -8.81
CA LEU B 378 -15.13 -28.62 -9.73
C LEU B 378 -13.81 -28.82 -8.99
N ASN B 379 -13.65 -28.15 -7.85
CA ASN B 379 -12.42 -28.28 -7.08
C ASN B 379 -12.20 -29.71 -6.62
N LYS B 380 -13.24 -30.34 -6.06
CA LYS B 380 -13.12 -31.72 -5.60
C LYS B 380 -13.17 -32.70 -6.76
N LEU B 381 -13.95 -32.41 -7.80
CA LEU B 381 -14.04 -33.30 -8.95
C LEU B 381 -12.69 -33.41 -9.65
N LEU B 382 -11.98 -32.29 -9.82
CA LEU B 382 -10.65 -32.34 -10.41
C LEU B 382 -9.64 -32.99 -9.48
N GLN B 383 -9.76 -32.77 -8.17
CA GLN B 383 -8.90 -33.44 -7.21
C GLN B 383 -9.12 -34.95 -7.23
N GLU B 384 -10.37 -35.38 -7.37
CA GLU B 384 -10.67 -36.80 -7.48
C GLU B 384 -10.03 -37.39 -8.73
N LYS B 385 -10.12 -36.67 -9.85
CA LYS B 385 -9.48 -37.13 -11.07
C LYS B 385 -7.96 -37.10 -10.96
N TRP B 386 -7.41 -36.05 -10.33
CA TRP B 386 -5.96 -35.92 -10.24
C TRP B 386 -5.34 -37.04 -9.42
N ASP B 387 -5.99 -37.42 -8.31
CA ASP B 387 -5.46 -38.50 -7.49
C ASP B 387 -5.44 -39.82 -8.25
N ARG B 388 -6.42 -40.05 -9.12
CA ARG B 388 -6.42 -41.25 -9.95
C ARG B 388 -5.36 -41.18 -11.04
N LEU B 389 -5.04 -39.99 -11.52
CA LEU B 389 -4.12 -39.82 -12.65
C LEU B 389 -2.72 -39.40 -12.22
N VAL B 390 -2.47 -39.16 -10.94
CA VAL B 390 -1.14 -38.74 -10.49
C VAL B 390 -0.13 -39.86 -10.69
N SER B 391 -0.58 -41.11 -10.66
CA SER B 391 0.31 -42.23 -10.94
C SER B 391 0.79 -42.21 -12.39
N ARG B 392 -0.13 -41.91 -13.32
CA ARG B 392 0.25 -41.85 -14.74
C ARG B 392 1.11 -40.62 -15.03
N PHE B 393 0.81 -39.50 -14.37
CA PHE B 393 1.57 -38.27 -14.60
C PHE B 393 3.06 -38.48 -14.27
N PHE B 394 3.34 -39.18 -13.18
CA PHE B 394 4.73 -39.43 -12.81
C PHE B 394 5.37 -40.46 -13.74
N PHE B 395 4.58 -41.43 -14.22
CA PHE B 395 5.08 -42.36 -15.22
C PHE B 395 5.42 -41.64 -16.52
N ASN B 396 4.58 -40.69 -16.92
CA ASN B 396 4.90 -39.85 -18.08
C ASN B 396 6.16 -39.03 -17.81
N PHE B 397 6.30 -38.49 -16.60
CA PHE B 397 7.50 -37.76 -16.24
C PHE B 397 8.72 -38.67 -16.24
N ALA B 398 8.56 -39.90 -15.75
CA ALA B 398 9.68 -40.85 -15.73
C ALA B 398 10.13 -41.21 -17.14
N CYS B 399 9.17 -41.38 -18.06
CA CYS B 399 9.52 -41.71 -19.43
C CYS B 399 10.27 -40.58 -20.11
N TYR B 400 9.87 -39.33 -19.84
CA TYR B 400 10.56 -38.19 -20.43
C TYR B 400 11.95 -38.03 -19.85
N LEU B 401 12.11 -38.28 -18.56
CA LEU B 401 13.44 -38.21 -17.94
C LEU B 401 14.37 -39.27 -18.53
N VAL B 402 13.86 -40.49 -18.74
CA VAL B 402 14.68 -41.52 -19.37
C VAL B 402 15.01 -41.12 -20.80
N TYR B 403 14.02 -40.59 -21.52
CA TYR B 403 14.26 -40.17 -22.90
C TYR B 403 15.31 -39.07 -22.98
N MET B 404 15.29 -38.14 -22.03
CA MET B 404 16.28 -37.07 -22.10
C MET B 404 17.59 -37.47 -21.43
N PHE B 405 17.58 -38.45 -20.52
CA PHE B 405 18.86 -38.99 -20.05
C PHE B 405 19.60 -39.64 -21.21
N ILE B 406 18.88 -40.37 -22.06
CA ILE B 406 19.49 -40.96 -23.25
C ILE B 406 19.91 -39.88 -24.24
N PHE B 407 19.10 -38.82 -24.37
CA PHE B 407 19.46 -37.73 -25.28
C PHE B 407 20.76 -37.06 -24.86
N THR B 408 20.93 -36.84 -23.55
CA THR B 408 22.16 -36.22 -23.06
C THR B 408 23.36 -37.13 -23.30
N VAL B 409 23.20 -38.43 -23.10
CA VAL B 409 24.31 -39.37 -23.26
C VAL B 409 24.76 -39.41 -24.72
N VAL B 410 23.81 -39.48 -25.65
CA VAL B 410 24.15 -39.55 -27.06
C VAL B 410 24.75 -38.24 -27.55
N ALA B 411 24.19 -37.12 -27.10
CA ALA B 411 24.71 -35.81 -27.53
C ALA B 411 26.16 -35.62 -27.09
N TYR B 412 26.47 -35.97 -25.85
CA TYR B 412 27.83 -35.78 -25.34
C TYR B 412 28.77 -36.84 -25.88
N HIS B 413 28.47 -38.12 -25.63
CA HIS B 413 29.33 -39.22 -26.09
C HIS B 413 29.09 -39.51 -27.57
N GLN B 414 29.50 -38.55 -28.39
CA GLN B 414 29.36 -38.65 -29.84
C GLN B 414 30.67 -38.29 -30.52
N PRO B 415 31.12 -39.10 -31.49
CA PRO B 415 32.35 -38.83 -32.25
C PRO B 415 32.29 -37.52 -33.02
N PHE B 429 31.19 -52.44 -27.81
CA PHE B 429 29.96 -52.31 -27.03
C PHE B 429 29.55 -50.85 -26.90
N GLY B 430 30.55 -49.97 -26.78
CA GLY B 430 30.26 -48.55 -26.69
C GLY B 430 29.61 -48.00 -27.95
N GLU B 431 30.10 -48.43 -29.11
CA GLU B 431 29.47 -48.04 -30.37
C GLU B 431 28.07 -48.62 -30.51
N SER B 432 27.86 -49.85 -30.05
CA SER B 432 26.53 -50.45 -30.10
C SER B 432 25.55 -49.68 -29.21
N MET B 433 26.01 -49.26 -28.02
CA MET B 433 25.15 -48.45 -27.16
C MET B 433 24.81 -47.12 -27.81
N LEU B 434 25.79 -46.49 -28.45
CA LEU B 434 25.53 -45.25 -29.18
C LEU B 434 24.58 -45.48 -30.35
N LEU B 435 24.76 -46.60 -31.07
CA LEU B 435 23.87 -46.92 -32.19
C LEU B 435 22.45 -47.12 -31.69
N LEU B 436 22.29 -47.84 -30.58
CA LEU B 436 20.96 -48.00 -29.99
C LEU B 436 20.42 -46.66 -29.49
N GLY B 437 21.29 -45.84 -28.90
CA GLY B 437 20.84 -44.54 -28.40
C GLY B 437 20.32 -43.64 -29.50
N HIS B 438 21.00 -43.65 -30.66
CA HIS B 438 20.52 -42.89 -31.80
C HIS B 438 19.16 -43.39 -32.29
N ILE B 439 18.97 -44.71 -32.29
CA ILE B 439 17.70 -45.28 -32.74
C ILE B 439 16.59 -44.94 -31.76
N LEU B 440 16.87 -45.08 -30.46
CA LEU B 440 15.84 -44.78 -29.46
C LEU B 440 15.43 -43.31 -29.49
N ILE B 441 16.39 -42.41 -29.74
CA ILE B 441 16.07 -40.99 -29.86
C ILE B 441 15.16 -40.75 -31.05
N LEU B 442 15.43 -41.41 -32.18
CA LEU B 442 14.61 -41.24 -33.37
C LEU B 442 13.17 -41.69 -33.12
N LEU B 443 13.00 -42.84 -32.46
CA LEU B 443 11.65 -43.30 -32.13
C LEU B 443 11.00 -42.37 -31.11
N GLY B 444 11.77 -41.92 -30.12
CA GLY B 444 11.22 -40.99 -29.14
C GLY B 444 10.80 -39.67 -29.75
N GLY B 445 11.61 -39.14 -30.68
CA GLY B 445 11.24 -37.92 -31.36
C GLY B 445 10.00 -38.07 -32.22
N ILE B 446 9.88 -39.20 -32.91
CA ILE B 446 8.68 -39.47 -33.71
C ILE B 446 7.46 -39.61 -32.81
N TYR B 447 7.62 -40.31 -31.68
CA TYR B 447 6.50 -40.48 -30.76
C TYR B 447 6.00 -39.16 -30.22
N LEU B 448 6.93 -38.28 -29.81
CA LEU B 448 6.52 -36.96 -29.32
C LEU B 448 5.93 -36.12 -30.43
N LEU B 449 6.47 -36.22 -31.65
CA LEU B 449 5.94 -35.47 -32.78
C LEU B 449 4.50 -35.85 -33.07
N LEU B 450 4.21 -37.15 -33.08
CA LEU B 450 2.85 -37.60 -33.36
C LEU B 450 1.90 -37.20 -32.23
N GLY B 451 2.37 -37.30 -30.98
CA GLY B 451 1.52 -36.94 -29.86
C GLY B 451 1.15 -35.47 -29.85
N GLN B 452 2.12 -34.59 -30.13
CA GLN B 452 1.84 -33.16 -30.16
C GLN B 452 0.98 -32.77 -31.35
N LEU B 453 1.20 -33.39 -32.51
CA LEU B 453 0.33 -33.13 -33.66
C LEU B 453 -1.10 -33.56 -33.37
N TRP B 454 -1.28 -34.68 -32.67
CA TRP B 454 -2.61 -35.12 -32.28
C TRP B 454 -3.25 -34.13 -31.31
N TYR B 455 -2.45 -33.55 -30.41
CA TYR B 455 -2.97 -32.56 -29.48
C TYR B 455 -3.47 -31.32 -30.22
N PHE B 456 -2.69 -30.82 -31.16
CA PHE B 456 -3.09 -29.65 -31.92
C PHE B 456 -4.23 -29.96 -32.88
N TRP B 457 -4.34 -31.20 -33.37
CA TRP B 457 -5.49 -31.57 -34.19
C TRP B 457 -6.78 -31.53 -33.38
N ARG B 458 -6.74 -32.01 -32.13
CA ARG B 458 -7.92 -31.95 -31.28
C ARG B 458 -8.28 -30.52 -30.92
N ARG B 459 -7.28 -29.71 -30.58
CA ARG B 459 -7.48 -28.32 -30.20
C ARG B 459 -7.38 -27.37 -31.38
N ARG B 460 -7.67 -27.85 -32.60
CA ARG B 460 -7.54 -27.02 -33.78
C ARG B 460 -8.52 -25.86 -33.80
N LEU B 461 -9.65 -26.00 -33.09
CA LEU B 461 -10.67 -24.97 -33.12
C LEU B 461 -10.33 -23.77 -32.25
N PHE B 462 -9.38 -23.91 -31.32
CA PHE B 462 -9.06 -22.82 -30.40
C PHE B 462 -7.55 -22.64 -30.23
N ILE B 463 -6.80 -22.68 -31.34
CA ILE B 463 -5.37 -22.41 -31.25
C ILE B 463 -5.16 -20.91 -31.04
N TRP B 464 -4.06 -20.58 -30.35
CA TRP B 464 -3.65 -19.20 -30.10
C TRP B 464 -4.66 -18.43 -29.25
N ILE B 465 -5.69 -19.11 -28.76
CA ILE B 465 -6.65 -18.48 -27.87
C ILE B 465 -6.14 -18.44 -26.43
N SER B 466 -5.36 -19.43 -26.03
CA SER B 466 -4.82 -19.52 -24.68
C SER B 466 -3.33 -19.83 -24.75
N PHE B 467 -2.60 -19.09 -25.60
CA PHE B 467 -1.20 -19.39 -25.84
C PHE B 467 -0.36 -19.33 -24.56
N MET B 468 -0.84 -18.62 -23.54
CA MET B 468 -0.14 -18.59 -22.27
C MET B 468 -0.10 -19.96 -21.60
N ASP B 469 -1.06 -20.84 -21.92
CA ASP B 469 -1.11 -22.17 -21.34
C ASP B 469 -0.59 -23.24 -22.29
N SER B 470 -0.73 -23.03 -23.60
CA SER B 470 -0.29 -24.02 -24.58
C SER B 470 1.13 -23.80 -25.06
N TYR B 471 1.85 -22.83 -24.48
CA TYR B 471 3.20 -22.53 -24.94
C TYR B 471 4.16 -23.67 -24.61
N PHE B 472 3.87 -24.45 -23.57
CA PHE B 472 4.66 -25.64 -23.31
C PHE B 472 4.38 -26.74 -24.31
N GLU B 473 3.14 -26.82 -24.81
CA GLU B 473 2.82 -27.83 -25.82
C GLU B 473 3.46 -27.50 -27.16
N ILE B 474 3.70 -26.21 -27.43
CA ILE B 474 4.45 -25.82 -28.62
C ILE B 474 5.91 -26.22 -28.49
N LEU B 475 6.49 -25.98 -27.31
CA LEU B 475 7.90 -26.33 -27.09
C LEU B 475 8.15 -27.82 -27.20
N PHE B 476 7.23 -28.65 -26.69
CA PHE B 476 7.37 -30.09 -26.85
C PHE B 476 7.32 -30.49 -28.32
N LEU B 477 6.44 -29.85 -29.10
CA LEU B 477 6.40 -30.13 -30.53
C LEU B 477 7.67 -29.63 -31.23
N LEU B 478 8.13 -28.44 -30.87
CA LEU B 478 9.33 -27.90 -31.51
C LEU B 478 10.55 -28.76 -31.23
N GLN B 479 10.69 -29.22 -29.99
CA GLN B 479 11.81 -30.11 -29.66
C GLN B 479 11.67 -31.45 -30.38
N ALA B 480 10.43 -31.91 -30.59
CA ALA B 480 10.23 -33.17 -31.31
C ALA B 480 10.57 -33.02 -32.79
N LEU B 481 10.22 -31.89 -33.39
CA LEU B 481 10.55 -31.66 -34.80
C LEU B 481 12.06 -31.60 -35.01
N LEU B 482 12.76 -30.88 -34.13
CA LEU B 482 14.22 -30.79 -34.25
C LEU B 482 14.89 -32.12 -34.00
N THR B 483 14.34 -32.92 -33.09
CA THR B 483 14.89 -34.25 -32.82
C THR B 483 14.80 -35.15 -34.06
N VAL B 484 13.64 -35.15 -34.72
CA VAL B 484 13.46 -35.97 -35.91
C VAL B 484 14.29 -35.44 -37.07
N LEU B 485 14.27 -34.12 -37.26
CA LEU B 485 14.99 -33.51 -38.38
C LEU B 485 16.50 -33.71 -38.24
N SER B 486 17.02 -33.62 -37.02
CA SER B 486 18.45 -33.83 -36.80
C SER B 486 18.86 -35.25 -37.16
N GLN B 487 18.04 -36.24 -36.79
CA GLN B 487 18.33 -37.62 -37.16
C GLN B 487 18.25 -37.82 -38.67
N VAL B 488 17.32 -37.14 -39.33
CA VAL B 488 17.24 -37.20 -40.79
C VAL B 488 18.51 -36.63 -41.41
N LEU B 489 18.98 -35.51 -40.89
CA LEU B 489 20.22 -34.91 -41.39
C LEU B 489 21.41 -35.81 -41.13
N ARG B 490 21.41 -36.55 -40.02
CA ARG B 490 22.48 -37.50 -39.76
C ARG B 490 22.47 -38.63 -40.79
N PHE B 491 21.28 -39.05 -41.21
CA PHE B 491 21.18 -40.03 -42.30
C PHE B 491 21.77 -39.47 -43.58
N MET B 492 21.51 -38.20 -43.86
CA MET B 492 22.13 -37.53 -45.01
C MET B 492 23.61 -37.28 -44.82
N GLU B 493 24.13 -37.49 -43.61
CA GLU B 493 25.55 -37.34 -43.28
C GLU B 493 26.05 -35.91 -43.43
N THR B 494 25.16 -34.93 -43.35
CA THR B 494 25.57 -33.54 -43.38
C THR B 494 26.14 -33.13 -42.02
N GLU B 495 27.03 -32.14 -42.04
CA GLU B 495 27.66 -31.68 -40.80
C GLU B 495 26.69 -30.88 -39.94
N TRP B 496 25.59 -30.42 -40.52
CA TRP B 496 24.66 -29.55 -39.79
C TRP B 496 23.71 -30.32 -38.89
N TYR B 497 23.82 -31.65 -38.81
CA TYR B 497 22.94 -32.40 -37.93
C TYR B 497 23.28 -32.17 -36.46
N LEU B 498 24.57 -31.96 -36.14
CA LEU B 498 25.01 -31.77 -34.77
C LEU B 498 24.38 -30.55 -34.10
N PRO B 499 24.33 -29.37 -34.76
CA PRO B 499 23.65 -28.23 -34.12
C PRO B 499 22.20 -28.51 -33.76
N LEU B 500 21.43 -29.07 -34.69
CA LEU B 500 20.01 -29.31 -34.44
C LEU B 500 19.81 -30.31 -33.31
N LEU B 501 20.69 -31.31 -33.22
CA LEU B 501 20.63 -32.23 -32.11
C LEU B 501 20.93 -31.53 -30.79
N VAL B 502 21.83 -30.55 -30.82
CA VAL B 502 22.17 -29.80 -29.61
C VAL B 502 21.01 -28.90 -29.19
N LEU B 503 20.41 -28.16 -30.14
CA LEU B 503 19.25 -27.34 -29.80
C LEU B 503 18.07 -28.19 -29.35
N SER B 504 17.96 -29.43 -29.85
CA SER B 504 16.95 -30.34 -29.32
C SER B 504 17.22 -30.66 -27.86
N LEU B 505 18.48 -30.87 -27.50
CA LEU B 505 18.83 -31.15 -26.10
C LEU B 505 18.57 -29.94 -25.22
N VAL B 506 18.84 -28.73 -25.74
CA VAL B 506 18.64 -27.51 -24.96
C VAL B 506 17.17 -27.28 -24.66
N LEU B 507 16.33 -27.42 -25.70
CA LEU B 507 14.90 -27.17 -25.52
C LEU B 507 14.28 -28.21 -24.59
N GLY B 508 14.66 -29.48 -24.76
CA GLY B 508 14.07 -30.53 -23.95
C GLY B 508 14.36 -30.36 -22.46
N TRP B 509 15.58 -29.96 -22.12
CA TRP B 509 15.88 -29.68 -20.72
C TRP B 509 15.07 -28.50 -20.20
N LEU B 510 14.76 -27.54 -21.06
CA LEU B 510 13.84 -26.47 -20.70
C LEU B 510 12.41 -26.98 -20.63
N ASN B 511 12.06 -27.95 -21.48
CA ASN B 511 10.73 -28.53 -21.44
C ASN B 511 10.50 -29.36 -20.19
N LEU B 512 11.55 -29.71 -19.46
CA LEU B 512 11.40 -30.45 -18.22
C LEU B 512 10.68 -29.64 -17.15
N LEU B 513 10.64 -28.31 -17.29
CA LEU B 513 9.96 -27.47 -16.31
C LEU B 513 8.45 -27.62 -16.36
N TYR B 514 7.91 -28.25 -17.40
CA TYR B 514 6.47 -28.46 -17.50
C TYR B 514 5.97 -29.36 -16.37
N TYR B 515 6.76 -30.37 -16.02
CA TYR B 515 6.32 -31.38 -15.05
C TYR B 515 6.38 -30.89 -13.61
N THR B 516 6.88 -29.68 -13.38
CA THR B 516 6.89 -29.13 -12.02
C THR B 516 5.48 -28.87 -11.50
N ARG B 517 4.49 -28.77 -12.39
CA ARG B 517 3.12 -28.52 -11.97
C ARG B 517 2.51 -29.69 -11.19
N GLY B 518 3.09 -30.89 -11.31
CA GLY B 518 2.57 -32.03 -10.59
C GLY B 518 2.82 -32.01 -9.09
N PHE B 519 3.79 -31.23 -8.65
CA PHE B 519 4.12 -31.09 -7.24
C PHE B 519 3.63 -29.74 -6.74
N GLN B 520 2.89 -29.73 -5.63
CA GLN B 520 2.50 -28.47 -5.00
C GLN B 520 3.72 -27.73 -4.48
N HIS B 521 4.73 -28.47 -4.02
CA HIS B 521 5.92 -27.86 -3.44
C HIS B 521 6.67 -27.02 -4.46
N THR B 522 6.71 -27.49 -5.71
CA THR B 522 7.43 -26.79 -6.77
C THR B 522 6.50 -26.06 -7.74
N GLY B 523 5.29 -26.60 -7.98
CA GLY B 523 4.41 -25.99 -8.96
C GLY B 523 3.91 -24.62 -8.54
N ILE B 524 3.63 -24.44 -7.25
CA ILE B 524 3.10 -23.17 -6.77
C ILE B 524 4.10 -22.05 -6.98
N TYR B 525 5.38 -22.31 -6.67
CA TYR B 525 6.42 -21.29 -6.84
C TYR B 525 6.60 -20.92 -8.30
N SER B 526 6.54 -21.92 -9.20
CA SER B 526 6.77 -21.67 -10.61
C SER B 526 5.70 -20.76 -11.20
N VAL B 527 4.45 -20.89 -10.71
CA VAL B 527 3.34 -20.14 -11.27
C VAL B 527 3.54 -18.63 -11.08
N MET B 528 4.09 -18.22 -9.95
CA MET B 528 4.26 -16.79 -9.67
C MET B 528 5.19 -16.13 -10.68
N ILE B 529 6.09 -16.92 -11.30
CA ILE B 529 7.18 -16.35 -12.07
C ILE B 529 6.81 -16.18 -13.53
N GLN B 530 6.43 -17.28 -14.19
CA GLN B 530 6.23 -17.28 -15.64
C GLN B 530 4.97 -16.55 -16.09
N LYS B 531 4.23 -15.94 -15.17
CA LYS B 531 2.98 -15.29 -15.56
C LYS B 531 3.21 -14.07 -16.45
N VAL B 532 4.10 -13.16 -16.05
CA VAL B 532 4.27 -11.89 -16.76
C VAL B 532 5.70 -11.72 -17.25
N ILE B 533 6.66 -12.09 -16.40
CA ILE B 533 8.06 -11.71 -16.61
C ILE B 533 8.55 -12.20 -17.97
N LEU B 534 8.28 -13.47 -18.30
CA LEU B 534 8.75 -14.02 -19.56
C LEU B 534 8.16 -13.29 -20.76
N ARG B 535 6.88 -12.93 -20.71
CA ARG B 535 6.26 -12.21 -21.81
C ARG B 535 6.70 -10.75 -21.87
N ASP B 536 7.23 -10.21 -20.78
CA ASP B 536 7.64 -8.81 -20.76
C ASP B 536 8.94 -8.62 -21.52
N LEU B 537 9.87 -9.57 -21.39
CA LEU B 537 11.21 -9.41 -21.98
C LEU B 537 11.18 -9.22 -23.49
N LEU B 538 10.19 -9.79 -24.18
CA LEU B 538 10.10 -9.61 -25.63
C LEU B 538 9.81 -8.15 -25.98
N ARG B 539 9.13 -7.44 -25.08
CA ARG B 539 8.78 -6.04 -25.27
C ARG B 539 9.98 -5.12 -25.13
N PHE B 540 10.92 -5.46 -24.24
CA PHE B 540 12.17 -4.73 -24.13
C PHE B 540 13.12 -5.07 -25.27
N LEU B 541 13.17 -6.35 -25.66
CA LEU B 541 14.11 -6.77 -26.69
C LEU B 541 13.78 -6.15 -28.04
N LEU B 542 12.49 -5.97 -28.33
CA LEU B 542 12.10 -5.38 -29.61
C LEU B 542 12.63 -3.96 -29.76
N VAL B 543 12.53 -3.15 -28.71
CA VAL B 543 13.12 -1.81 -28.75
C VAL B 543 14.64 -1.91 -28.70
N TYR B 544 15.17 -2.81 -27.87
CA TYR B 544 16.61 -2.94 -27.73
C TYR B 544 17.27 -3.37 -29.04
N LEU B 545 16.67 -4.32 -29.74
CA LEU B 545 17.21 -4.74 -31.03
C LEU B 545 17.13 -3.62 -32.07
N VAL B 546 16.08 -2.80 -32.01
CA VAL B 546 16.03 -1.61 -32.85
C VAL B 546 17.16 -0.65 -32.48
N PHE B 547 17.38 -0.45 -31.19
CA PHE B 547 18.50 0.38 -30.74
C PHE B 547 19.84 -0.27 -31.11
N LEU B 548 19.91 -1.60 -31.01
CA LEU B 548 21.16 -2.32 -31.28
C LEU B 548 21.58 -2.15 -32.73
N PHE B 549 20.65 -2.33 -33.67
CA PHE B 549 21.00 -2.26 -35.08
C PHE B 549 21.26 -0.81 -35.50
N GLY B 550 20.58 0.15 -34.88
CA GLY B 550 20.79 1.54 -35.24
C GLY B 550 22.18 2.03 -34.87
N PHE B 551 22.65 1.66 -33.68
CA PHE B 551 23.98 2.07 -33.26
C PHE B 551 25.07 1.26 -33.95
N ALA B 552 24.79 -0.01 -34.27
CA ALA B 552 25.78 -0.87 -34.89
C ALA B 552 26.20 -0.34 -36.26
N VAL B 553 25.22 0.08 -37.07
CA VAL B 553 25.53 0.65 -38.37
C VAL B 553 26.30 1.96 -38.21
N ALA B 554 25.94 2.74 -37.19
CA ALA B 554 26.62 4.02 -36.96
C ALA B 554 28.09 3.81 -36.64
N LEU B 555 28.40 2.85 -35.76
CA LEU B 555 29.79 2.60 -35.41
C LEU B 555 30.58 2.05 -36.60
N VAL B 556 29.97 1.15 -37.37
CA VAL B 556 30.66 0.57 -38.52
C VAL B 556 30.95 1.64 -39.57
N SER B 557 29.96 2.50 -39.84
CA SER B 557 30.16 3.56 -40.82
C SER B 557 31.19 4.58 -40.34
N LEU B 558 31.49 4.57 -39.05
CA LEU B 558 32.39 5.55 -38.46
C LEU B 558 33.78 4.99 -38.14
N SER B 559 33.95 3.67 -38.16
CA SER B 559 35.22 3.05 -37.81
C SER B 559 35.95 2.48 -39.02
N ARG B 560 35.56 2.86 -40.24
CA ARG B 560 36.14 2.30 -41.45
C ARG B 560 37.17 3.21 -42.11
N GLU B 561 37.56 4.30 -41.47
CA GLU B 561 38.50 5.24 -42.07
C GLU B 561 39.94 4.88 -41.69
N PRO B 589 38.60 -3.03 -34.84
CA PRO B 589 37.31 -3.17 -34.15
C PRO B 589 36.14 -2.61 -34.95
N TYR B 590 34.94 -3.14 -34.70
CA TYR B 590 33.72 -2.71 -35.40
C TYR B 590 33.88 -2.84 -36.91
N ARG B 591 34.49 -3.93 -37.36
CA ARG B 591 34.71 -4.14 -38.78
C ARG B 591 33.42 -4.45 -39.53
N SER B 592 32.38 -4.89 -38.83
CA SER B 592 31.11 -5.22 -39.46
C SER B 592 30.00 -5.03 -38.45
N ILE B 593 28.75 -4.98 -38.95
CA ILE B 593 27.59 -4.83 -38.08
C ILE B 593 27.53 -5.97 -37.08
N LEU B 594 27.86 -7.19 -37.51
CA LEU B 594 27.81 -8.35 -36.64
C LEU B 594 28.78 -8.20 -35.47
N ASP B 595 30.00 -7.74 -35.74
CA ASP B 595 30.95 -7.48 -34.65
C ASP B 595 30.53 -6.28 -33.83
N ALA B 596 30.02 -5.23 -34.48
CA ALA B 596 29.56 -4.05 -33.75
C ALA B 596 28.37 -4.39 -32.88
N SER B 597 27.43 -5.20 -33.39
CA SER B 597 26.31 -5.64 -32.56
C SER B 597 26.79 -6.51 -31.41
N LEU B 598 27.81 -7.34 -31.64
CA LEU B 598 28.39 -8.14 -30.58
C LEU B 598 29.01 -7.25 -29.50
N GLU B 599 29.80 -6.27 -29.92
CA GLU B 599 30.48 -5.41 -28.95
C GLU B 599 29.48 -4.58 -28.14
N LEU B 600 28.45 -4.04 -28.80
CA LEU B 600 27.47 -3.23 -28.10
C LEU B 600 26.70 -4.05 -27.07
N PHE B 601 26.39 -5.31 -27.40
CA PHE B 601 25.67 -6.16 -26.46
C PHE B 601 26.51 -6.48 -25.23
N LYS B 602 27.83 -6.52 -25.39
CA LYS B 602 28.71 -6.85 -24.26
C LYS B 602 28.61 -5.79 -23.16
N PHE B 603 28.27 -4.56 -23.53
CA PHE B 603 28.09 -3.51 -22.54
C PHE B 603 26.93 -3.80 -21.60
N THR B 604 25.94 -4.57 -22.06
CA THR B 604 24.78 -4.88 -21.23
C THR B 604 25.11 -5.93 -20.17
N ILE B 605 26.06 -6.82 -20.45
CA ILE B 605 26.40 -7.90 -19.54
C ILE B 605 27.61 -7.51 -18.71
N GLY B 606 27.92 -6.21 -18.66
CA GLY B 606 29.02 -5.70 -17.89
C GLY B 606 30.39 -6.16 -18.37
N MET B 607 30.57 -6.15 -19.70
CA MET B 607 31.87 -6.55 -20.26
C MET B 607 32.27 -5.63 -21.41
N GLY B 608 31.71 -4.43 -21.49
CA GLY B 608 32.04 -3.54 -22.60
C GLY B 608 33.42 -2.95 -22.46
N GLU B 609 34.12 -2.85 -23.59
CA GLU B 609 35.45 -2.27 -23.65
C GLU B 609 35.34 -0.79 -24.06
N LEU B 610 34.81 0.00 -23.13
CA LEU B 610 34.58 1.42 -23.39
C LEU B 610 35.88 2.19 -23.24
N ALA B 611 36.64 2.29 -24.32
CA ALA B 611 37.91 3.00 -24.35
C ALA B 611 37.97 3.90 -25.57
N PHE B 612 39.04 4.71 -25.64
CA PHE B 612 39.24 5.59 -26.79
C PHE B 612 39.49 4.81 -28.08
N GLN B 613 39.85 3.54 -27.98
CA GLN B 613 40.09 2.60 -29.07
C GLN B 613 41.40 2.89 -29.79
N GLU B 614 42.03 4.04 -29.51
CA GLU B 614 43.43 4.31 -29.80
C GLU B 614 43.79 4.28 -31.29
N GLN B 615 42.82 3.94 -32.16
CA GLN B 615 43.14 3.78 -33.58
C GLN B 615 42.32 4.73 -34.45
N LEU B 616 41.00 4.73 -34.25
CA LEU B 616 40.12 5.50 -35.11
C LEU B 616 40.40 6.99 -35.00
N ARG B 617 40.42 7.67 -36.15
CA ARG B 617 40.64 9.11 -36.16
C ARG B 617 39.51 9.82 -35.43
N PHE B 618 38.28 9.40 -35.66
CA PHE B 618 37.13 9.92 -34.92
C PHE B 618 36.92 9.20 -33.60
N ARG B 619 37.97 9.08 -32.79
CA ARG B 619 37.88 8.32 -31.56
C ARG B 619 36.95 8.99 -30.56
N GLY B 620 36.97 10.32 -30.50
CA GLY B 620 36.09 11.02 -29.56
C GLY B 620 34.63 10.87 -29.91
N VAL B 621 34.30 11.01 -31.20
CA VAL B 621 32.90 10.93 -31.62
C VAL B 621 32.39 9.49 -31.51
N VAL B 622 33.23 8.52 -31.86
CA VAL B 622 32.86 7.12 -31.67
C VAL B 622 32.62 6.82 -30.20
N LEU B 623 33.43 7.40 -29.32
CA LEU B 623 33.19 7.25 -27.88
C LEU B 623 31.85 7.86 -27.49
N LEU B 624 31.47 8.97 -28.13
CA LEU B 624 30.19 9.59 -27.81
C LEU B 624 29.04 8.64 -28.09
N LEU B 625 29.11 7.89 -29.20
CA LEU B 625 28.08 6.90 -29.49
C LEU B 625 28.06 5.80 -28.43
N LEU B 626 29.24 5.32 -28.03
CA LEU B 626 29.30 4.30 -26.98
C LEU B 626 28.76 4.84 -25.66
N LEU B 627 29.14 6.07 -25.31
CA LEU B 627 28.61 6.69 -24.09
C LEU B 627 27.11 6.91 -24.20
N ALA B 628 26.64 7.36 -25.38
CA ALA B 628 25.21 7.53 -25.58
C ALA B 628 24.48 6.20 -25.53
N TYR B 629 25.08 5.16 -26.11
CA TYR B 629 24.48 3.83 -26.07
C TYR B 629 24.38 3.31 -24.64
N VAL B 630 25.42 3.53 -23.83
CA VAL B 630 25.40 3.08 -22.44
C VAL B 630 24.29 3.78 -21.67
N LEU B 631 24.19 5.10 -21.82
CA LEU B 631 23.12 5.84 -21.15
C LEU B 631 21.75 5.41 -21.64
N LEU B 632 21.60 5.22 -22.96
CA LEU B 632 20.31 4.84 -23.52
C LEU B 632 19.89 3.44 -23.08
N THR B 633 20.85 2.50 -23.05
CA THR B 633 20.49 1.12 -22.70
C THR B 633 20.20 0.99 -21.20
N TYR B 634 20.72 1.90 -20.39
CA TYR B 634 20.38 1.89 -18.97
C TYR B 634 19.06 2.61 -18.70
N VAL B 635 18.72 3.59 -19.54
CA VAL B 635 17.38 4.18 -19.47
C VAL B 635 16.33 3.13 -19.81
N LEU B 636 16.58 2.34 -20.86
CA LEU B 636 15.67 1.28 -21.24
C LEU B 636 15.57 0.21 -20.15
N LEU B 637 16.70 -0.17 -19.54
CA LEU B 637 16.66 -1.15 -18.45
C LEU B 637 15.91 -0.60 -17.25
N LEU B 638 16.13 0.67 -16.89
CA LEU B 638 15.37 1.28 -15.82
C LEU B 638 13.89 1.40 -16.20
N ASN B 639 13.61 1.71 -17.48
CA ASN B 639 12.24 1.69 -17.96
C ASN B 639 11.60 0.32 -17.77
N MET B 640 12.39 -0.74 -18.04
CA MET B 640 11.89 -2.11 -17.90
C MET B 640 11.68 -2.47 -16.43
N LEU B 641 12.64 -2.13 -15.58
CA LEU B 641 12.56 -2.50 -14.17
C LEU B 641 11.36 -1.86 -13.49
N ILE B 642 11.13 -0.57 -13.77
CA ILE B 642 10.02 0.13 -13.14
C ILE B 642 8.69 -0.43 -13.61
N ALA B 643 8.55 -0.68 -14.90
CA ALA B 643 7.30 -1.24 -15.43
C ALA B 643 7.06 -2.66 -14.89
N LEU B 644 8.13 -3.46 -14.83
CA LEU B 644 7.98 -4.84 -14.35
C LEU B 644 7.70 -4.87 -12.85
N MET B 645 8.35 -4.00 -12.09
CA MET B 645 8.16 -3.98 -10.64
C MET B 645 6.75 -3.54 -10.27
N SER B 646 6.08 -2.79 -11.13
CA SER B 646 4.74 -2.31 -10.84
C SER B 646 3.74 -3.45 -10.67
N GLU B 647 4.04 -4.63 -11.21
CA GLU B 647 3.12 -5.77 -11.06
C GLU B 647 3.14 -6.35 -9.66
N THR B 648 4.12 -6.00 -8.84
CA THR B 648 4.24 -6.59 -7.51
C THR B 648 3.15 -6.11 -6.56
N VAL B 649 2.69 -4.87 -6.74
CA VAL B 649 1.73 -4.29 -5.80
C VAL B 649 0.39 -5.01 -5.85
N ASN B 650 -0.10 -5.30 -7.05
CA ASN B 650 -1.44 -5.84 -7.22
C ASN B 650 -1.50 -7.36 -7.14
N HIS B 651 -0.36 -8.04 -7.04
CA HIS B 651 -0.36 -9.49 -7.01
C HIS B 651 -0.96 -10.02 -5.72
N VAL B 652 -1.70 -11.12 -5.84
CA VAL B 652 -2.28 -11.82 -4.70
C VAL B 652 -1.86 -13.28 -4.76
N ALA B 653 -1.38 -13.80 -3.63
CA ALA B 653 -0.91 -15.18 -3.58
C ALA B 653 -2.02 -16.19 -3.84
N ASP B 654 -3.28 -15.81 -3.61
CA ASP B 654 -4.38 -16.71 -3.89
C ASP B 654 -4.52 -16.98 -5.39
N ASN B 655 -4.12 -16.02 -6.22
CA ASN B 655 -4.15 -16.23 -7.67
C ASN B 655 -3.16 -17.30 -8.09
N SER B 656 -1.95 -17.29 -7.51
CA SER B 656 -0.95 -18.29 -7.87
C SER B 656 -1.41 -19.69 -7.51
N TRP B 657 -2.06 -19.87 -6.35
CA TRP B 657 -2.64 -21.16 -6.01
C TRP B 657 -3.76 -21.53 -6.98
N SER B 658 -4.60 -20.56 -7.35
CA SER B 658 -5.70 -20.83 -8.26
C SER B 658 -5.21 -21.21 -9.65
N ILE B 659 -4.17 -20.51 -10.14
CA ILE B 659 -3.65 -20.81 -11.47
C ILE B 659 -3.02 -22.19 -11.50
N TRP B 660 -2.35 -22.58 -10.41
CA TRP B 660 -1.78 -23.93 -10.34
C TRP B 660 -2.86 -24.99 -10.43
N LYS B 661 -4.01 -24.74 -9.77
CA LYS B 661 -5.13 -25.67 -9.88
C LYS B 661 -5.64 -25.75 -11.31
N LEU B 662 -5.67 -24.62 -12.02
CA LEU B 662 -6.06 -24.63 -13.43
C LEU B 662 -5.04 -25.41 -14.27
N GLN B 663 -3.75 -25.26 -13.95
CA GLN B 663 -2.73 -25.99 -14.70
C GLN B 663 -2.90 -27.50 -14.52
N LYS B 664 -3.20 -27.95 -13.30
CA LYS B 664 -3.51 -29.36 -13.08
C LYS B 664 -4.81 -29.75 -13.77
N ALA B 665 -5.77 -28.83 -13.84
CA ALA B 665 -7.03 -29.12 -14.51
C ALA B 665 -6.82 -29.38 -15.99
N ILE B 666 -5.97 -28.58 -16.64
CA ILE B 666 -5.70 -28.78 -18.07
C ILE B 666 -5.00 -30.11 -18.30
N SER B 667 -4.03 -30.43 -17.44
CA SER B 667 -3.28 -31.68 -17.59
C SER B 667 -4.19 -32.90 -17.41
N VAL B 668 -5.10 -32.83 -16.44
CA VAL B 668 -6.02 -33.95 -16.19
C VAL B 668 -6.91 -34.19 -17.40
N LEU B 669 -7.51 -33.11 -17.92
CA LEU B 669 -8.43 -33.25 -19.05
C LEU B 669 -7.74 -33.63 -20.34
N GLU B 670 -6.41 -33.54 -20.39
CA GLU B 670 -5.67 -33.99 -21.57
C GLU B 670 -5.26 -35.45 -21.45
N MET B 671 -4.75 -35.84 -20.28
CA MET B 671 -4.35 -37.23 -20.07
C MET B 671 -5.52 -38.15 -19.79
N GLU B 672 -6.73 -37.61 -19.60
CA GLU B 672 -7.91 -38.46 -19.51
C GLU B 672 -8.19 -39.15 -20.83
N ASN B 673 -7.79 -38.54 -21.94
CA ASN B 673 -7.96 -39.14 -23.27
C ASN B 673 -6.94 -40.23 -23.56
N GLY B 674 -6.16 -40.65 -22.56
CA GLY B 674 -5.15 -41.67 -22.80
C GLY B 674 -4.03 -41.11 -23.67
N TYR B 675 -3.53 -41.96 -24.57
CA TYR B 675 -2.50 -41.57 -25.51
C TYR B 675 -3.08 -41.59 -26.91
N TRP B 676 -2.32 -41.02 -27.86
CA TRP B 676 -2.76 -41.01 -29.25
C TRP B 676 -2.89 -42.42 -29.81
N TRP B 677 -2.00 -43.33 -29.39
CA TRP B 677 -2.04 -44.71 -29.85
C TRP B 677 -3.04 -45.56 -29.07
N CYS B 678 -3.55 -45.08 -27.94
CA CYS B 678 -4.50 -45.84 -27.13
C CYS B 678 -5.45 -44.83 -26.45
N ARG B 679 -6.61 -44.64 -27.07
CA ARG B 679 -7.64 -43.74 -26.53
C ARG B 679 -8.55 -44.56 -25.61
N ARG B 680 -8.12 -44.69 -24.36
CA ARG B 680 -8.85 -45.48 -23.38
C ARG B 680 -10.14 -44.77 -22.98
N LYS B 681 -11.10 -45.57 -22.52
CA LYS B 681 -12.43 -45.06 -22.20
C LYS B 681 -12.40 -44.17 -20.97
N LYS B 682 -13.41 -43.32 -20.84
CA LYS B 682 -13.51 -42.35 -19.76
C LYS B 682 -14.47 -42.87 -18.69
N HIS B 683 -14.05 -42.78 -17.44
CA HIS B 683 -14.87 -43.22 -16.31
C HIS B 683 -15.83 -42.11 -15.89
N ARG B 684 -17.10 -42.47 -15.75
CA ARG B 684 -18.11 -41.53 -15.30
C ARG B 684 -17.96 -41.30 -13.80
N GLU B 685 -17.97 -40.02 -13.40
CA GLU B 685 -17.77 -39.67 -12.00
C GLU B 685 -19.10 -39.63 -11.26
N GLY B 686 -19.03 -39.85 -9.95
CA GLY B 686 -20.22 -39.83 -9.12
C GLY B 686 -21.02 -41.12 -9.21
N ARG B 687 -22.15 -41.10 -8.52
CA ARG B 687 -23.06 -42.25 -8.48
C ARG B 687 -24.48 -41.78 -8.79
N LEU B 688 -25.27 -42.66 -9.40
CA LEU B 688 -26.64 -42.34 -9.76
C LEU B 688 -27.51 -42.44 -8.52
N LEU B 689 -28.14 -41.33 -8.15
CA LEU B 689 -28.98 -41.28 -6.95
C LEU B 689 -30.31 -40.61 -7.29
N LYS B 690 -31.38 -41.14 -6.70
CA LYS B 690 -32.71 -40.56 -6.87
C LYS B 690 -32.87 -39.38 -5.92
N VAL B 691 -33.17 -38.21 -6.48
CA VAL B 691 -33.25 -36.98 -5.70
C VAL B 691 -34.65 -36.41 -5.61
N GLY B 692 -35.62 -36.99 -6.30
CA GLY B 692 -36.98 -36.47 -6.23
C GLY B 692 -37.87 -37.09 -7.28
N THR B 693 -38.84 -36.30 -7.74
CA THR B 693 -39.80 -36.74 -8.75
C THR B 693 -39.98 -35.64 -9.78
N ARG B 694 -39.91 -36.03 -11.06
CA ARG B 694 -40.12 -35.09 -12.15
C ARG B 694 -41.61 -34.90 -12.44
N ASP B 700 -36.72 -38.81 -10.17
CA ASP B 700 -35.70 -37.93 -10.70
C ASP B 700 -34.35 -38.44 -10.20
N GLU B 701 -33.58 -39.03 -11.09
CA GLU B 701 -32.29 -39.60 -10.74
C GLU B 701 -31.20 -38.84 -11.47
N ARG B 702 -30.15 -38.49 -10.73
CA ARG B 702 -29.05 -37.70 -11.26
C ARG B 702 -27.74 -38.33 -10.84
N TRP B 703 -26.70 -38.07 -11.62
CA TRP B 703 -25.35 -38.54 -11.32
C TRP B 703 -24.73 -37.56 -10.33
N CYS B 704 -25.11 -37.70 -9.06
CA CYS B 704 -24.66 -36.79 -8.02
C CYS B 704 -23.24 -37.12 -7.58
N PHE B 705 -22.51 -36.09 -7.16
CA PHE B 705 -21.14 -36.22 -6.67
C PHE B 705 -21.11 -35.72 -5.24
N ARG B 706 -20.70 -36.58 -4.31
CA ARG B 706 -20.73 -36.25 -2.89
C ARG B 706 -19.51 -35.41 -2.53
N VAL B 707 -19.74 -34.14 -2.22
CA VAL B 707 -18.70 -33.22 -1.79
C VAL B 707 -18.93 -32.91 -0.31
N GLU B 708 -17.90 -33.09 0.51
CA GLU B 708 -17.97 -32.83 1.93
C GLU B 708 -17.22 -31.53 2.24
N GLU B 709 -17.89 -30.62 2.95
CA GLU B 709 -17.41 -29.25 3.15
C GLU B 709 -17.20 -29.01 4.65
N VAL B 710 -15.95 -28.75 5.02
CA VAL B 710 -15.63 -28.37 6.39
C VAL B 710 -15.35 -26.87 6.42
N ASN B 711 -16.12 -26.15 7.24
CA ASN B 711 -16.00 -24.68 7.30
C ASN B 711 -16.36 -24.25 8.72
N TRP B 712 -15.32 -24.03 9.54
CA TRP B 712 -15.54 -23.59 10.91
C TRP B 712 -16.06 -22.16 10.96
N ALA B 713 -15.52 -21.28 10.11
CA ALA B 713 -15.91 -19.87 10.15
C ALA B 713 -17.37 -19.69 9.80
N ALA B 714 -17.83 -20.39 8.76
CA ALA B 714 -19.24 -20.29 8.38
C ALA B 714 -20.16 -20.89 9.43
N TRP B 715 -19.75 -22.01 10.04
CA TRP B 715 -20.58 -22.65 11.05
C TRP B 715 -20.72 -21.77 12.29
N GLU B 716 -19.62 -21.14 12.72
CA GLU B 716 -19.66 -20.29 13.90
C GLU B 716 -20.50 -19.04 13.65
N LYS B 717 -20.62 -18.62 12.39
CA LYS B 717 -21.45 -17.46 12.08
C LYS B 717 -22.92 -17.73 12.37
N THR B 718 -23.41 -18.93 12.09
CA THR B 718 -24.78 -19.29 12.38
C THR B 718 -25.03 -19.53 13.87
N LEU B 719 -23.97 -19.84 14.63
CA LEU B 719 -24.11 -20.08 16.05
C LEU B 719 -24.50 -18.79 16.78
N PRO B 720 -25.25 -18.90 17.89
CA PRO B 720 -25.63 -17.75 18.70
C PRO B 720 -24.44 -16.96 19.23
N GLU C 31 -14.93 -45.66 0.30
CA GLU C 31 -15.37 -44.41 0.93
C GLU C 31 -16.28 -44.69 2.12
N PRO C 32 -16.06 -43.99 3.23
CA PRO C 32 -16.90 -44.18 4.41
C PRO C 32 -18.34 -43.80 4.10
N PRO C 33 -19.31 -44.54 4.64
CA PRO C 33 -20.71 -44.25 4.37
C PRO C 33 -21.14 -42.95 5.05
N PRO C 34 -22.15 -42.28 4.51
CA PRO C 34 -22.61 -41.02 5.11
C PRO C 34 -23.33 -41.25 6.43
N MET C 35 -23.33 -40.20 7.26
CA MET C 35 -24.02 -40.27 8.54
C MET C 35 -25.53 -40.34 8.37
N GLU C 36 -26.08 -39.51 7.49
CA GLU C 36 -27.51 -39.48 7.24
C GLU C 36 -27.75 -39.13 5.77
N SER C 37 -28.74 -39.77 5.17
CA SER C 37 -28.98 -39.55 3.75
C SER C 37 -30.47 -39.65 3.41
N PRO C 38 -31.13 -38.53 3.11
CA PRO C 38 -32.50 -38.62 2.58
C PRO C 38 -32.59 -39.35 1.25
N PHE C 39 -31.54 -39.30 0.44
CA PHE C 39 -31.57 -39.90 -0.89
C PHE C 39 -31.00 -41.31 -0.87
N GLN C 40 -29.73 -41.44 -0.47
CA GLN C 40 -29.09 -42.76 -0.44
C GLN C 40 -29.64 -43.60 0.71
N ARG C 41 -29.97 -44.85 0.39
CA ARG C 41 -30.43 -45.77 1.42
C ARG C 41 -29.25 -46.28 2.24
N GLU C 42 -29.57 -46.78 3.44
CA GLU C 42 -28.54 -47.30 4.33
C GLU C 42 -28.00 -48.62 3.79
N ASP C 43 -26.78 -48.95 4.21
CA ASP C 43 -26.11 -50.13 3.69
C ASP C 43 -26.81 -51.40 4.15
N ARG C 44 -26.98 -52.35 3.22
CA ARG C 44 -27.62 -53.62 3.55
C ARG C 44 -26.69 -54.54 4.31
N ASN C 45 -25.39 -54.47 4.02
CA ASN C 45 -24.40 -55.36 4.63
C ASN C 45 -24.35 -55.20 6.15
N PRO C 72 -48.05 -61.68 14.00
CA PRO C 72 -48.17 -60.23 13.82
C PRO C 72 -47.56 -59.76 12.49
N ASP C 73 -47.83 -58.50 12.14
CA ASP C 73 -47.32 -57.95 10.89
C ASP C 73 -45.81 -57.81 10.94
N ARG C 74 -45.17 -57.92 9.78
CA ARG C 74 -43.72 -57.85 9.71
C ARG C 74 -43.23 -56.44 10.00
N PHE C 75 -42.10 -56.35 10.70
CA PHE C 75 -41.45 -55.09 11.07
C PHE C 75 -39.96 -55.16 10.75
N ASP C 76 -39.67 -55.54 9.51
CA ASP C 76 -38.31 -55.68 9.02
C ASP C 76 -37.53 -54.36 9.14
N ARG C 77 -36.23 -54.46 8.88
CA ARG C 77 -35.32 -53.34 9.12
C ARG C 77 -35.69 -52.10 8.31
N ASP C 78 -36.03 -52.28 7.03
CA ASP C 78 -36.34 -51.15 6.18
C ASP C 78 -37.58 -50.40 6.64
N ARG C 79 -38.66 -51.12 6.99
CA ARG C 79 -39.87 -50.47 7.44
C ARG C 79 -39.70 -49.91 8.85
N LEU C 80 -38.77 -50.46 9.62
CA LEU C 80 -38.44 -49.90 10.93
C LEU C 80 -37.77 -48.55 10.79
N PHE C 81 -36.81 -48.44 9.87
CA PHE C 81 -36.10 -47.17 9.67
C PHE C 81 -36.99 -46.12 9.01
N SER C 82 -37.99 -46.56 8.24
CA SER C 82 -38.87 -45.60 7.57
C SER C 82 -39.76 -44.87 8.57
N VAL C 83 -40.35 -45.60 9.52
CA VAL C 83 -41.29 -45.00 10.45
C VAL C 83 -40.57 -44.08 11.43
N VAL C 84 -39.36 -44.46 11.87
CA VAL C 84 -38.65 -43.64 12.85
C VAL C 84 -38.20 -42.32 12.23
N SER C 85 -37.83 -42.31 10.95
CA SER C 85 -37.42 -41.08 10.30
C SER C 85 -38.60 -40.13 10.09
N ARG C 86 -39.78 -40.66 9.76
CA ARG C 86 -40.95 -39.82 9.55
C ARG C 86 -41.52 -39.28 10.86
N GLY C 87 -41.20 -39.90 11.99
CA GLY C 87 -41.65 -39.39 13.27
C GLY C 87 -43.10 -39.66 13.60
N VAL C 88 -43.66 -40.76 13.11
CA VAL C 88 -45.05 -41.11 13.41
C VAL C 88 -45.08 -42.34 14.31
N PRO C 89 -45.32 -42.17 15.61
CA PRO C 89 -45.34 -43.34 16.50
C PRO C 89 -46.54 -44.25 16.30
N GLU C 90 -47.57 -43.79 15.58
CA GLU C 90 -48.78 -44.61 15.42
C GLU C 90 -48.48 -45.90 14.67
N GLU C 91 -47.67 -45.82 13.61
CA GLU C 91 -47.35 -47.02 12.85
C GLU C 91 -46.34 -47.90 13.57
N LEU C 92 -45.64 -47.35 14.57
CA LEU C 92 -44.61 -48.10 15.27
C LEU C 92 -45.18 -49.04 16.33
N THR C 93 -46.49 -48.95 16.61
CA THR C 93 -47.05 -49.62 17.78
C THR C 93 -46.87 -51.13 17.75
N GLY C 94 -46.88 -51.73 16.56
CA GLY C 94 -46.79 -53.18 16.46
C GLY C 94 -45.38 -53.73 16.58
N LEU C 95 -44.38 -52.86 16.75
CA LEU C 95 -42.99 -53.29 16.78
C LEU C 95 -42.74 -54.24 17.95
N LEU C 96 -43.40 -54.00 19.08
CA LEU C 96 -43.24 -54.88 20.24
C LEU C 96 -43.70 -56.30 19.93
N GLU C 97 -44.79 -56.44 19.17
CA GLU C 97 -45.29 -57.77 18.83
C GLU C 97 -44.30 -58.53 17.95
N TYR C 98 -43.73 -57.84 16.94
CA TYR C 98 -42.77 -58.49 16.06
C TYR C 98 -41.50 -58.87 16.80
N LEU C 99 -41.01 -57.99 17.67
CA LEU C 99 -39.83 -58.31 18.47
C LEU C 99 -40.12 -59.48 19.41
N ARG C 100 -41.31 -59.49 20.03
CA ARG C 100 -41.69 -60.60 20.90
C ARG C 100 -41.82 -61.90 20.11
N TRP C 101 -42.39 -61.82 18.89
CA TRP C 101 -42.56 -63.01 18.07
C TRP C 101 -41.20 -63.61 17.69
N ASN C 102 -40.25 -62.77 17.31
CA ASN C 102 -38.93 -63.26 16.90
C ASN C 102 -37.97 -63.40 18.06
N SER C 103 -38.36 -62.96 19.27
CA SER C 103 -37.49 -63.00 20.45
C SER C 103 -36.16 -62.30 20.18
N LYS C 104 -36.23 -61.11 19.60
CA LYS C 104 -35.06 -60.34 19.25
C LYS C 104 -35.16 -58.94 19.84
N TYR C 105 -34.07 -58.19 19.72
CA TYR C 105 -33.98 -56.85 20.30
C TYR C 105 -33.55 -55.85 19.23
N LEU C 106 -33.86 -54.58 19.47
CA LEU C 106 -33.56 -53.53 18.50
C LEU C 106 -32.05 -53.33 18.31
N THR C 107 -31.25 -53.65 19.33
CA THR C 107 -29.80 -53.49 19.23
C THR C 107 -29.15 -54.54 18.34
N ASP C 108 -29.89 -55.56 17.91
CA ASP C 108 -29.33 -56.62 17.07
C ASP C 108 -28.85 -56.05 15.74
N SER C 109 -27.88 -56.74 15.14
CA SER C 109 -27.28 -56.26 13.89
C SER C 109 -28.29 -56.24 12.75
N ALA C 110 -29.38 -57.00 12.90
CA ALA C 110 -30.40 -57.02 11.84
C ALA C 110 -31.09 -55.68 11.70
N TYR C 111 -31.22 -54.92 12.80
CA TYR C 111 -31.90 -53.63 12.79
C TYR C 111 -30.94 -52.46 12.67
N THR C 112 -29.71 -52.69 12.21
CA THR C 112 -28.75 -51.63 11.95
C THR C 112 -28.14 -51.86 10.58
N GLU C 113 -27.43 -50.85 10.09
CA GLU C 113 -26.64 -50.98 8.87
C GLU C 113 -25.28 -51.55 9.23
N GLY C 114 -24.88 -52.63 8.55
CA GLY C 114 -23.68 -53.35 8.93
C GLY C 114 -22.39 -52.57 8.76
N SER C 115 -22.39 -51.55 7.89
CA SER C 115 -21.19 -50.76 7.68
C SER C 115 -20.79 -49.96 8.90
N THR C 116 -21.76 -49.47 9.67
CA THR C 116 -21.46 -48.64 10.84
C THR C 116 -22.08 -49.21 12.11
N GLY C 117 -23.24 -49.87 11.98
CA GLY C 117 -24.01 -50.23 13.15
C GLY C 117 -24.98 -49.17 13.61
N LYS C 118 -25.24 -48.16 12.79
CA LYS C 118 -26.18 -47.09 13.12
C LYS C 118 -27.54 -47.66 13.44
N THR C 119 -27.98 -47.51 14.69
CA THR C 119 -29.22 -48.08 15.17
C THR C 119 -30.42 -47.24 14.76
N CYS C 120 -31.61 -47.79 15.01
CA CYS C 120 -32.84 -47.07 14.69
C CYS C 120 -32.99 -45.82 15.55
N LEU C 121 -32.55 -45.88 16.81
CA LEU C 121 -32.61 -44.71 17.67
C LEU C 121 -31.74 -43.58 17.14
N MET C 122 -30.53 -43.91 16.68
CA MET C 122 -29.68 -42.88 16.08
C MET C 122 -30.26 -42.37 14.77
N LYS C 123 -30.97 -43.24 14.04
CA LYS C 123 -31.72 -42.80 12.88
C LYS C 123 -32.80 -41.80 13.27
N ALA C 124 -33.49 -42.06 14.39
CA ALA C 124 -34.60 -41.19 14.81
C ALA C 124 -34.10 -39.78 15.14
N VAL C 125 -32.96 -39.68 15.81
CA VAL C 125 -32.49 -38.37 16.25
C VAL C 125 -31.86 -37.59 15.11
N LEU C 126 -31.63 -38.23 13.97
CA LEU C 126 -31.06 -37.51 12.83
C LEU C 126 -32.11 -36.80 11.98
N ASN C 127 -33.40 -37.02 12.24
CA ASN C 127 -34.48 -36.35 11.52
C ASN C 127 -35.44 -35.68 12.50
N LEU C 128 -34.87 -34.94 13.45
CA LEU C 128 -35.70 -34.18 14.39
C LEU C 128 -36.54 -33.14 13.65
N GLN C 129 -37.76 -32.94 14.14
CA GLN C 129 -38.70 -31.99 13.55
C GLN C 129 -38.97 -30.89 14.57
N ASP C 130 -38.49 -29.68 14.27
CA ASP C 130 -38.61 -28.53 15.17
C ASP C 130 -38.01 -28.83 16.53
N GLY C 131 -36.89 -29.54 16.54
CA GLY C 131 -36.17 -29.84 17.76
C GLY C 131 -36.63 -31.05 18.53
N VAL C 132 -37.62 -31.79 18.02
CA VAL C 132 -38.12 -32.98 18.71
C VAL C 132 -38.58 -34.00 17.68
N ASN C 133 -38.51 -35.27 18.07
CA ASN C 133 -39.01 -36.38 17.27
C ASN C 133 -39.91 -37.22 18.17
N ALA C 134 -41.18 -37.35 17.79
CA ALA C 134 -42.15 -38.04 18.62
C ALA C 134 -41.94 -39.55 18.64
N CYS C 135 -41.05 -40.07 17.79
CA CYS C 135 -40.87 -41.52 17.70
C CYS C 135 -39.82 -42.06 18.67
N ILE C 136 -38.93 -41.20 19.17
CA ILE C 136 -37.81 -41.68 19.98
C ILE C 136 -38.29 -42.19 21.33
N MET C 137 -39.27 -41.50 21.92
CA MET C 137 -39.76 -41.93 23.23
C MET C 137 -40.45 -43.30 23.19
N PRO C 138 -41.39 -43.58 22.28
CA PRO C 138 -41.89 -44.95 22.18
C PRO C 138 -40.80 -45.96 21.84
N LEU C 139 -39.79 -45.55 21.07
CA LEU C 139 -38.72 -46.46 20.70
C LEU C 139 -37.99 -46.99 21.92
N LEU C 140 -37.69 -46.12 22.88
CA LEU C 140 -37.02 -46.56 24.10
C LEU C 140 -37.92 -47.47 24.91
N GLN C 141 -39.22 -47.19 24.94
CA GLN C 141 -40.15 -48.03 25.68
C GLN C 141 -40.21 -49.44 25.12
N ILE C 142 -40.36 -49.56 23.79
CA ILE C 142 -40.43 -50.87 23.16
C ILE C 142 -39.13 -51.63 23.39
N ASP C 143 -38.00 -50.93 23.37
CA ASP C 143 -36.72 -51.57 23.68
C ASP C 143 -36.72 -52.08 25.11
N LYS C 144 -37.31 -51.33 26.03
CA LYS C 144 -37.39 -51.77 27.43
C LYS C 144 -38.23 -53.04 27.57
N ASP C 145 -39.38 -53.09 26.90
CA ASP C 145 -40.21 -54.29 26.98
C ASP C 145 -39.63 -55.45 26.20
N SER C 146 -38.69 -55.21 25.29
CA SER C 146 -38.10 -56.28 24.51
C SER C 146 -37.10 -57.09 25.31
N GLY C 147 -36.75 -56.66 26.52
CA GLY C 147 -35.73 -57.35 27.29
C GLY C 147 -34.34 -57.25 26.71
N ASN C 148 -33.96 -56.09 26.20
CA ASN C 148 -32.68 -55.94 25.53
C ASN C 148 -31.54 -55.99 26.55
N PRO C 149 -30.60 -56.93 26.42
CA PRO C 149 -29.43 -56.92 27.31
C PRO C 149 -28.47 -55.76 27.06
N LYS C 150 -28.53 -55.13 25.89
CA LYS C 150 -27.71 -53.97 25.54
C LYS C 150 -28.67 -52.83 25.24
N LEU C 151 -28.82 -51.91 26.19
CA LEU C 151 -29.80 -50.83 26.06
C LEU C 151 -29.52 -49.98 24.83
N LEU C 152 -30.61 -49.62 24.13
CA LEU C 152 -30.47 -48.91 22.87
C LEU C 152 -29.89 -47.51 23.04
N VAL C 153 -30.09 -46.90 24.22
CA VAL C 153 -29.56 -45.56 24.46
C VAL C 153 -28.04 -45.58 24.46
N ASN C 154 -27.43 -46.67 24.92
CA ASN C 154 -25.97 -46.77 25.01
C ASN C 154 -25.33 -47.38 23.77
N ALA C 155 -26.11 -47.67 22.73
CA ALA C 155 -25.57 -48.27 21.52
C ALA C 155 -24.63 -47.30 20.81
N GLN C 156 -23.59 -47.85 20.20
CA GLN C 156 -22.58 -47.06 19.51
C GLN C 156 -22.26 -47.69 18.17
N CYS C 157 -21.78 -46.86 17.24
CA CYS C 157 -21.36 -47.37 15.94
C CYS C 157 -20.08 -48.19 16.05
N THR C 158 -19.85 -49.05 15.06
CA THR C 158 -18.68 -49.90 15.02
C THR C 158 -17.75 -49.60 13.86
N ASP C 159 -18.15 -48.70 12.95
CA ASP C 159 -17.30 -48.36 11.81
C ASP C 159 -16.04 -47.64 12.27
N GLU C 160 -14.97 -47.81 11.49
CA GLU C 160 -13.71 -47.15 11.81
C GLU C 160 -13.83 -45.64 11.67
N PHE C 161 -14.84 -45.17 10.93
CA PHE C 161 -15.01 -43.74 10.73
C PHE C 161 -15.82 -43.11 11.87
N TYR C 162 -16.96 -43.71 12.21
CA TYR C 162 -17.84 -43.21 13.24
C TYR C 162 -17.78 -44.01 14.53
N GLN C 163 -16.62 -44.58 14.87
CA GLN C 163 -16.52 -45.43 16.05
C GLN C 163 -16.85 -44.65 17.31
N GLY C 164 -17.72 -45.24 18.14
CA GLY C 164 -18.13 -44.63 19.39
C GLY C 164 -19.26 -43.63 19.27
N HIS C 165 -19.73 -43.33 18.07
CA HIS C 165 -20.83 -42.38 17.91
C HIS C 165 -22.11 -42.96 18.50
N SER C 166 -22.81 -42.12 19.27
CA SER C 166 -24.00 -42.56 19.99
C SER C 166 -25.15 -41.59 19.72
N ALA C 167 -26.35 -42.02 20.09
CA ALA C 167 -27.53 -41.18 19.89
C ALA C 167 -27.47 -39.91 20.71
N LEU C 168 -26.78 -39.94 21.86
CA LEU C 168 -26.66 -38.74 22.68
C LEU C 168 -25.87 -37.66 21.97
N HIS C 169 -24.80 -38.05 21.26
CA HIS C 169 -24.00 -37.06 20.53
C HIS C 169 -24.82 -36.37 19.44
N ILE C 170 -25.64 -37.13 18.73
CA ILE C 170 -26.46 -36.56 17.67
C ILE C 170 -27.43 -35.53 18.23
N ALA C 171 -28.08 -35.84 19.36
CA ALA C 171 -29.00 -34.91 19.98
C ALA C 171 -28.29 -33.63 20.41
N ILE C 172 -27.07 -33.76 20.95
CA ILE C 172 -26.32 -32.59 21.37
C ILE C 172 -25.96 -31.73 20.17
N GLU C 173 -25.51 -32.36 19.08
CA GLU C 173 -25.15 -31.61 17.88
C GLU C 173 -26.37 -30.91 17.28
N LYS C 174 -27.51 -31.61 17.24
CA LYS C 174 -28.73 -31.03 16.69
C LYS C 174 -29.33 -29.96 17.58
N ARG C 175 -28.66 -29.59 18.67
CA ARG C 175 -29.06 -28.51 19.56
C ARG C 175 -30.46 -28.70 20.14
N SER C 176 -30.85 -29.94 20.41
CA SER C 176 -32.17 -30.24 20.95
C SER C 176 -32.01 -30.62 22.43
N LEU C 177 -32.35 -29.68 23.31
CA LEU C 177 -32.31 -29.97 24.74
C LEU C 177 -33.37 -30.98 25.14
N GLN C 178 -34.49 -31.01 24.43
CA GLN C 178 -35.57 -31.95 24.76
C GLN C 178 -35.14 -33.39 24.54
N CYS C 179 -34.47 -33.68 23.42
CA CYS C 179 -33.96 -35.03 23.21
C CYS C 179 -32.80 -35.35 24.14
N VAL C 180 -31.97 -34.36 24.47
CA VAL C 180 -30.84 -34.58 25.38
C VAL C 180 -31.36 -34.98 26.75
N LYS C 181 -32.38 -34.28 27.23
CA LYS C 181 -32.99 -34.63 28.52
C LYS C 181 -33.64 -36.01 28.44
N LEU C 182 -34.33 -36.30 27.34
CA LEU C 182 -35.08 -37.54 27.23
C LEU C 182 -34.17 -38.76 27.23
N LEU C 183 -33.04 -38.69 26.51
CA LEU C 183 -32.13 -39.84 26.45
C LEU C 183 -31.42 -40.05 27.77
N VAL C 184 -30.92 -38.98 28.38
CA VAL C 184 -30.18 -39.10 29.63
C VAL C 184 -31.07 -39.63 30.75
N GLU C 185 -32.31 -39.17 30.82
CA GLU C 185 -33.22 -39.66 31.84
C GLU C 185 -33.49 -41.16 31.71
N ASN C 186 -33.33 -41.71 30.51
CA ASN C 186 -33.54 -43.13 30.27
C ASN C 186 -32.27 -43.96 30.41
N GLY C 187 -31.16 -43.35 30.78
CA GLY C 187 -29.93 -44.06 31.03
C GLY C 187 -28.85 -43.94 29.97
N ALA C 188 -28.84 -42.87 29.19
CA ALA C 188 -27.78 -42.66 28.21
C ALA C 188 -26.51 -42.21 28.92
N ASP C 189 -25.44 -43.00 28.77
CA ASP C 189 -24.18 -42.68 29.42
C ASP C 189 -23.63 -41.36 28.89
N VAL C 190 -23.18 -40.51 29.80
CA VAL C 190 -22.69 -39.18 29.45
C VAL C 190 -21.18 -39.23 29.27
N HIS C 191 -20.61 -40.44 29.29
CA HIS C 191 -19.17 -40.62 29.12
C HIS C 191 -18.87 -41.52 27.92
N LEU C 192 -19.76 -41.56 26.94
CA LEU C 192 -19.52 -42.35 25.74
C LEU C 192 -18.50 -41.64 24.86
N ARG C 193 -17.45 -42.37 24.48
CA ARG C 193 -16.35 -41.82 23.72
C ARG C 193 -16.57 -42.08 22.23
N ALA C 194 -16.75 -41.02 21.45
CA ALA C 194 -16.84 -41.11 19.99
C ALA C 194 -15.42 -41.05 19.45
N CYS C 195 -14.76 -42.20 19.40
CA CYS C 195 -13.34 -42.29 19.05
C CYS C 195 -13.13 -42.78 17.62
N GLY C 196 -14.00 -42.39 16.70
CA GLY C 196 -13.85 -42.75 15.30
C GLY C 196 -12.88 -41.84 14.57
N ARG C 197 -12.53 -42.23 13.35
CA ARG C 197 -11.64 -41.43 12.53
C ARG C 197 -12.26 -40.10 12.14
N PHE C 198 -13.59 -40.03 12.09
CA PHE C 198 -14.27 -38.77 11.79
C PHE C 198 -14.09 -37.75 12.90
N PHE C 199 -14.03 -38.22 14.14
CA PHE C 199 -13.94 -37.33 15.29
C PHE C 199 -12.50 -37.03 15.71
N GLN C 200 -11.52 -37.69 15.12
CA GLN C 200 -10.12 -37.41 15.44
C GLN C 200 -9.62 -36.21 14.63
N LYS C 201 -8.71 -35.47 15.24
CA LYS C 201 -8.16 -34.27 14.60
C LYS C 201 -7.10 -34.65 13.58
N HIS C 202 -7.37 -34.37 12.31
CA HIS C 202 -6.43 -34.62 11.23
C HIS C 202 -6.84 -33.80 10.02
N GLN C 203 -6.01 -33.83 8.98
CA GLN C 203 -6.27 -33.06 7.78
C GLN C 203 -7.51 -33.59 7.06
N GLY C 204 -8.30 -32.66 6.52
CA GLY C 204 -9.44 -33.04 5.72
C GLY C 204 -10.71 -33.21 6.55
N THR C 205 -11.44 -34.28 6.25
CA THR C 205 -12.73 -34.57 6.88
C THR C 205 -12.52 -34.90 8.36
N CYS C 206 -12.88 -33.96 9.23
CA CYS C 206 -12.77 -34.17 10.67
C CYS C 206 -13.59 -33.12 11.39
N PHE C 207 -13.98 -33.45 12.62
CA PHE C 207 -14.60 -32.51 13.55
C PHE C 207 -14.19 -32.96 14.96
N TYR C 208 -13.12 -32.35 15.47
CA TYR C 208 -12.64 -32.70 16.80
C TYR C 208 -13.32 -31.80 17.83
N PHE C 209 -14.00 -32.43 18.79
CA PHE C 209 -14.64 -31.73 19.90
C PHE C 209 -14.27 -32.38 21.23
N GLY C 210 -13.12 -33.03 21.31
CA GLY C 210 -12.94 -34.06 22.31
C GLY C 210 -13.58 -35.35 21.82
N GLU C 211 -14.10 -36.13 22.77
CA GLU C 211 -14.84 -37.34 22.43
C GLU C 211 -16.07 -37.56 23.30
N LEU C 212 -16.47 -36.57 24.11
CA LEU C 212 -17.53 -36.78 25.08
C LEU C 212 -18.73 -35.89 24.78
N PRO C 213 -19.93 -36.30 25.21
CA PRO C 213 -21.10 -35.43 25.07
C PRO C 213 -20.94 -34.08 25.75
N LEU C 214 -20.31 -34.05 26.92
CA LEU C 214 -20.07 -32.78 27.61
C LEU C 214 -19.11 -31.91 26.81
N SER C 215 -18.04 -32.50 26.27
CA SER C 215 -17.10 -31.73 25.46
C SER C 215 -17.74 -31.27 24.15
N LEU C 216 -18.60 -32.10 23.55
CA LEU C 216 -19.29 -31.70 22.33
C LEU C 216 -20.18 -30.49 22.58
N ALA C 217 -20.91 -30.51 23.70
CA ALA C 217 -21.78 -29.38 24.03
C ALA C 217 -20.98 -28.11 24.30
N ALA C 218 -19.83 -28.24 24.96
CA ALA C 218 -18.98 -27.08 25.21
C ALA C 218 -18.46 -26.50 23.90
N CYS C 219 -18.07 -27.35 22.96
CA CYS C 219 -17.53 -26.88 21.69
C CYS C 219 -18.59 -26.22 20.82
N THR C 220 -19.86 -26.51 21.05
CA THR C 220 -20.97 -25.87 20.32
C THR C 220 -21.60 -24.75 21.13
N LYS C 221 -20.94 -24.28 22.18
CA LYS C 221 -21.44 -23.27 23.12
C LYS C 221 -22.92 -23.43 23.44
N GLN C 222 -23.35 -24.68 23.67
CA GLN C 222 -24.71 -24.96 24.11
C GLN C 222 -24.73 -24.79 25.63
N TRP C 223 -24.90 -23.54 26.08
CA TRP C 223 -24.84 -23.26 27.51
C TRP C 223 -25.91 -24.01 28.28
N ASP C 224 -27.07 -24.23 27.67
CA ASP C 224 -28.14 -24.94 28.35
C ASP C 224 -27.82 -26.43 28.49
N VAL C 225 -27.15 -27.00 27.47
CA VAL C 225 -26.88 -28.43 27.49
C VAL C 225 -25.80 -28.76 28.53
N VAL C 226 -24.73 -27.96 28.59
CA VAL C 226 -23.65 -28.24 29.54
C VAL C 226 -24.15 -28.09 30.97
N THR C 227 -25.05 -27.12 31.19
CA THR C 227 -25.62 -26.94 32.52
C THR C 227 -26.39 -28.20 32.94
N TYR C 228 -27.15 -28.78 32.01
CA TYR C 228 -27.95 -29.96 32.34
C TYR C 228 -27.05 -31.16 32.56
N LEU C 229 -26.09 -31.38 31.65
CA LEU C 229 -25.21 -32.54 31.73
C LEU C 229 -24.36 -32.54 33.00
N LEU C 230 -24.12 -31.36 33.58
CA LEU C 230 -23.36 -31.28 34.82
C LEU C 230 -24.27 -31.42 36.03
N GLU C 231 -25.46 -30.81 35.98
CA GLU C 231 -26.32 -30.72 37.15
C GLU C 231 -27.45 -31.74 37.17
N ASN C 232 -27.56 -32.60 36.16
CA ASN C 232 -28.67 -33.53 36.13
C ASN C 232 -28.49 -34.62 37.18
N PRO C 233 -29.52 -34.92 37.97
CA PRO C 233 -29.40 -36.01 38.96
C PRO C 233 -29.35 -37.39 38.33
N HIS C 234 -29.85 -37.55 37.10
CA HIS C 234 -29.92 -38.87 36.49
C HIS C 234 -28.52 -39.41 36.18
N GLN C 235 -27.69 -38.60 35.53
CA GLN C 235 -26.33 -39.01 35.19
C GLN C 235 -25.45 -37.79 34.95
N PRO C 236 -24.84 -37.24 35.99
CA PRO C 236 -23.96 -36.08 35.80
C PRO C 236 -22.68 -36.47 35.08
N ALA C 237 -22.17 -35.54 34.27
CA ALA C 237 -20.94 -35.74 33.52
C ALA C 237 -19.80 -35.08 34.28
N SER C 238 -18.80 -35.89 34.65
CA SER C 238 -17.67 -35.38 35.41
C SER C 238 -16.81 -34.47 34.53
N LEU C 239 -16.36 -33.35 35.09
CA LEU C 239 -15.43 -32.49 34.37
C LEU C 239 -14.05 -33.11 34.27
N GLU C 240 -13.72 -34.05 35.16
CA GLU C 240 -12.46 -34.78 35.07
C GLU C 240 -12.47 -35.84 33.97
N ALA C 241 -13.62 -36.10 33.36
CA ALA C 241 -13.72 -37.16 32.36
C ALA C 241 -12.79 -36.87 31.19
N THR C 242 -12.17 -37.93 30.67
CA THR C 242 -11.02 -37.81 29.78
C THR C 242 -11.26 -38.63 28.52
N ASP C 243 -10.90 -38.04 27.37
CA ASP C 243 -11.02 -38.74 26.09
C ASP C 243 -9.86 -39.71 25.90
N SER C 244 -9.78 -40.28 24.69
CA SER C 244 -8.79 -41.31 24.40
C SER C 244 -7.36 -40.77 24.37
N LEU C 245 -7.17 -39.48 24.07
CA LEU C 245 -5.84 -38.90 23.96
C LEU C 245 -5.41 -38.15 25.21
N GLY C 246 -6.16 -38.25 26.31
CA GLY C 246 -5.85 -37.53 27.52
C GLY C 246 -6.50 -36.16 27.64
N ASN C 247 -7.19 -35.70 26.60
CA ASN C 247 -7.79 -34.38 26.64
C ASN C 247 -9.08 -34.38 27.44
N THR C 248 -9.20 -33.44 28.38
CA THR C 248 -10.45 -33.21 29.08
C THR C 248 -11.31 -32.22 28.29
N VAL C 249 -12.36 -31.73 28.92
CA VAL C 249 -13.22 -30.74 28.29
C VAL C 249 -12.47 -29.42 28.10
N LEU C 250 -11.64 -29.05 29.08
CA LEU C 250 -10.85 -27.83 28.95
C LEU C 250 -9.80 -27.95 27.85
N HIS C 251 -9.18 -29.13 27.72
CA HIS C 251 -8.21 -29.34 26.65
C HIS C 251 -8.87 -29.25 25.28
N ALA C 252 -10.09 -29.78 25.16
CA ALA C 252 -10.78 -29.77 23.87
C ALA C 252 -11.03 -28.35 23.40
N LEU C 253 -11.47 -27.47 24.30
CA LEU C 253 -11.70 -26.07 23.93
C LEU C 253 -10.41 -25.40 23.48
N VAL C 254 -9.29 -25.77 24.08
CA VAL C 254 -8.01 -25.16 23.76
C VAL C 254 -7.61 -25.47 22.32
N MET C 255 -7.74 -26.74 21.92
CA MET C 255 -7.21 -27.16 20.63
C MET C 255 -8.22 -27.09 19.49
N ILE C 256 -9.46 -26.67 19.75
CA ILE C 256 -10.33 -26.23 18.68
C ILE C 256 -10.28 -24.73 18.47
N ALA C 257 -9.56 -24.01 19.34
CA ALA C 257 -9.53 -22.55 19.27
C ALA C 257 -8.70 -22.09 18.08
N ASP C 258 -9.24 -21.13 17.34
CA ASP C 258 -8.49 -20.43 16.31
C ASP C 258 -8.02 -19.08 16.85
N ASN C 259 -7.16 -18.42 16.10
CA ASN C 259 -6.69 -17.09 16.47
C ASN C 259 -7.63 -15.98 16.02
N SER C 260 -8.71 -16.33 15.32
CA SER C 260 -9.72 -15.34 14.96
C SER C 260 -10.41 -14.82 16.21
N PRO C 261 -10.91 -13.58 16.20
CA PRO C 261 -11.48 -13.04 17.44
C PRO C 261 -12.93 -13.47 17.69
N GLU C 262 -13.67 -13.85 16.65
CA GLU C 262 -15.01 -14.38 16.87
C GLU C 262 -14.97 -15.71 17.61
N ASN C 263 -14.02 -16.58 17.22
CA ASN C 263 -13.95 -17.90 17.83
C ASN C 263 -13.15 -17.85 19.14
N SER C 264 -12.21 -16.91 19.25
CA SER C 264 -11.49 -16.74 20.51
C SER C 264 -12.44 -16.34 21.63
N ALA C 265 -13.40 -15.46 21.35
CA ALA C 265 -14.40 -15.10 22.35
C ALA C 265 -15.25 -16.31 22.74
N LEU C 266 -15.53 -17.20 21.78
CA LEU C 266 -16.26 -18.42 22.07
C LEU C 266 -15.49 -19.29 23.06
N VAL C 267 -14.20 -19.50 22.80
CA VAL C 267 -13.40 -20.40 23.62
C VAL C 267 -13.16 -19.79 25.01
N ILE C 268 -12.84 -18.49 25.05
CA ILE C 268 -12.57 -17.83 26.33
C ILE C 268 -13.80 -17.86 27.22
N HIS C 269 -14.96 -17.55 26.65
CA HIS C 269 -16.20 -17.57 27.43
C HIS C 269 -16.52 -18.97 27.94
N MET C 270 -16.36 -19.98 27.07
CA MET C 270 -16.58 -21.36 27.50
C MET C 270 -15.55 -21.81 28.52
N TYR C 271 -14.28 -21.44 28.32
CA TYR C 271 -13.24 -21.81 29.26
C TYR C 271 -13.49 -21.18 30.62
N ASP C 272 -13.88 -19.90 30.63
CA ASP C 272 -14.11 -19.20 31.88
C ASP C 272 -15.30 -19.78 32.64
N GLY C 273 -16.41 -20.01 31.93
CA GLY C 273 -17.61 -20.52 32.59
C GLY C 273 -17.42 -21.91 33.14
N LEU C 274 -16.80 -22.80 32.37
CA LEU C 274 -16.57 -24.16 32.82
C LEU C 274 -15.62 -24.19 34.01
N LEU C 275 -14.58 -23.37 33.98
CA LEU C 275 -13.66 -23.29 35.13
C LEU C 275 -14.39 -22.77 36.37
N GLN C 276 -15.21 -21.74 36.20
CA GLN C 276 -15.97 -21.21 37.33
C GLN C 276 -16.99 -22.22 37.85
N MET C 277 -17.68 -22.92 36.95
CA MET C 277 -18.61 -23.95 37.37
C MET C 277 -17.90 -25.12 38.03
N GLY C 278 -16.66 -25.40 37.63
CA GLY C 278 -15.92 -26.48 38.26
C GLY C 278 -15.66 -26.20 39.73
N ALA C 279 -15.46 -24.93 40.08
CA ALA C 279 -15.27 -24.56 41.47
C ALA C 279 -16.52 -24.83 42.32
N ARG C 280 -17.70 -24.85 41.71
CA ARG C 280 -18.93 -25.13 42.44
C ARG C 280 -19.22 -26.63 42.53
N LEU C 281 -19.13 -27.33 41.39
CA LEU C 281 -19.40 -28.76 41.38
C LEU C 281 -18.34 -29.57 42.09
N CYS C 282 -17.06 -29.30 41.81
CA CYS C 282 -15.94 -30.02 42.42
C CYS C 282 -14.93 -29.00 42.95
N PRO C 283 -15.21 -28.41 44.11
CA PRO C 283 -14.27 -27.41 44.66
C PRO C 283 -12.89 -27.95 44.96
N THR C 284 -12.78 -29.25 45.25
CA THR C 284 -11.50 -29.85 45.62
C THR C 284 -10.66 -30.24 44.41
N VAL C 285 -11.16 -30.06 43.19
CA VAL C 285 -10.46 -30.47 41.98
C VAL C 285 -9.94 -29.23 41.27
N GLN C 286 -8.65 -29.24 40.94
CA GLN C 286 -8.03 -28.22 40.10
C GLN C 286 -8.01 -28.77 38.67
N LEU C 287 -8.94 -28.29 37.85
CA LEU C 287 -9.13 -28.87 36.52
C LEU C 287 -7.94 -28.59 35.60
N GLU C 288 -7.23 -27.49 35.83
CA GLU C 288 -6.11 -27.14 34.97
C GLU C 288 -4.87 -28.00 35.22
N GLU C 289 -4.85 -28.80 36.28
CA GLU C 289 -3.71 -29.64 36.58
C GLU C 289 -3.78 -31.00 35.89
N ILE C 290 -4.89 -31.34 35.24
CA ILE C 290 -4.99 -32.61 34.53
C ILE C 290 -4.19 -32.51 33.22
N SER C 291 -3.43 -33.55 32.93
CA SER C 291 -2.54 -33.58 31.78
C SER C 291 -2.95 -34.69 30.82
N ASN C 292 -2.63 -34.50 29.54
CA ASN C 292 -2.91 -35.52 28.54
C ASN C 292 -1.90 -36.66 28.65
N HIS C 293 -2.02 -37.61 27.72
CA HIS C 293 -1.01 -38.66 27.61
C HIS C 293 0.34 -38.09 27.20
N GLN C 294 0.36 -36.93 26.52
CA GLN C 294 1.60 -36.22 26.23
C GLN C 294 2.15 -35.49 27.45
N GLY C 295 1.37 -35.39 28.54
CA GLY C 295 1.82 -34.69 29.71
C GLY C 295 1.68 -33.20 29.66
N LEU C 296 0.63 -32.68 29.00
CA LEU C 296 0.43 -31.26 28.82
C LEU C 296 -0.84 -30.81 29.52
N THR C 297 -0.72 -29.80 30.38
CA THR C 297 -1.86 -29.13 30.98
C THR C 297 -2.52 -28.24 29.93
N PRO C 298 -3.76 -27.79 30.19
CA PRO C 298 -4.41 -26.90 29.21
C PRO C 298 -3.61 -25.64 28.90
N LEU C 299 -2.87 -25.11 29.88
CA LEU C 299 -1.98 -23.99 29.59
C LEU C 299 -0.82 -24.42 28.70
N LYS C 300 -0.21 -25.57 29.00
CA LYS C 300 0.90 -26.06 28.18
C LYS C 300 0.43 -26.43 26.78
N LEU C 301 -0.77 -27.01 26.66
CA LEU C 301 -1.28 -27.40 25.35
C LEU C 301 -1.49 -26.17 24.46
N ALA C 302 -2.01 -25.08 25.03
CA ALA C 302 -2.18 -23.86 24.26
C ALA C 302 -0.84 -23.33 23.74
N ALA C 303 0.24 -23.56 24.49
CA ALA C 303 1.56 -23.14 24.04
C ALA C 303 2.05 -24.00 22.88
N LYS C 304 1.87 -25.32 23.00
CA LYS C 304 2.37 -26.23 21.97
C LYS C 304 1.59 -26.04 20.66
N GLU C 305 0.26 -25.91 20.75
CA GLU C 305 -0.55 -25.70 19.56
C GLU C 305 -0.40 -24.31 18.98
N GLY C 306 0.27 -23.40 19.68
CA GLY C 306 0.48 -22.06 19.16
C GLY C 306 -0.78 -21.23 19.00
N LYS C 307 -1.66 -21.25 19.98
CA LYS C 307 -2.91 -20.50 19.94
C LYS C 307 -2.83 -19.40 20.99
N ILE C 308 -2.43 -18.20 20.54
CA ILE C 308 -2.09 -17.11 21.45
C ILE C 308 -3.31 -16.65 22.24
N GLU C 309 -4.45 -16.52 21.57
CA GLU C 309 -5.61 -15.87 22.19
C GLU C 309 -6.07 -16.63 23.43
N ILE C 310 -6.17 -17.96 23.34
CA ILE C 310 -6.50 -18.74 24.53
C ILE C 310 -5.30 -18.79 25.47
N PHE C 311 -4.08 -18.82 24.94
CA PHE C 311 -2.89 -18.85 25.77
C PHE C 311 -2.74 -17.57 26.59
N ARG C 312 -3.00 -16.42 25.96
CA ARG C 312 -2.86 -15.14 26.66
C ARG C 312 -3.87 -15.01 27.79
N HIS C 313 -5.11 -15.44 27.55
CA HIS C 313 -6.15 -15.30 28.57
C HIS C 313 -5.84 -16.13 29.80
N ILE C 314 -5.40 -17.38 29.60
CA ILE C 314 -5.06 -18.24 30.73
C ILE C 314 -3.85 -17.68 31.47
N LEU C 315 -2.84 -17.23 30.72
CA LEU C 315 -1.61 -16.74 31.34
C LEU C 315 -1.84 -15.46 32.12
N GLN C 316 -2.83 -14.65 31.74
CA GLN C 316 -3.14 -13.39 32.41
C GLN C 316 -4.55 -13.36 32.95
N ARG C 317 -5.05 -14.48 33.46
CA ARG C 317 -6.43 -14.57 33.92
C ARG C 317 -6.58 -13.91 35.28
N GLU C 318 -7.54 -13.00 35.38
CA GLU C 318 -7.84 -12.31 36.63
C GLU C 318 -9.34 -12.29 36.86
N PHE C 319 -9.76 -12.75 38.04
CA PHE C 319 -11.16 -12.78 38.43
C PHE C 319 -11.35 -11.94 39.69
N SER C 320 -12.34 -11.05 39.67
CA SER C 320 -12.67 -10.27 40.84
C SER C 320 -13.92 -10.82 41.52
N GLY C 321 -13.88 -10.90 42.84
CA GLY C 321 -15.00 -11.41 43.60
C GLY C 321 -14.74 -12.79 44.18
N PRO C 322 -15.79 -13.60 44.28
CA PRO C 322 -15.64 -14.93 44.90
C PRO C 322 -14.73 -15.87 44.11
N TYR C 323 -14.55 -15.66 42.81
CA TYR C 323 -13.75 -16.54 41.98
C TYR C 323 -12.28 -16.11 41.89
N GLN C 324 -11.80 -15.35 42.87
CA GLN C 324 -10.40 -14.95 42.90
C GLN C 324 -9.41 -16.11 42.88
N PRO C 325 -9.61 -17.21 43.63
CA PRO C 325 -8.61 -18.29 43.60
C PRO C 325 -8.35 -18.88 42.22
N LEU C 326 -9.26 -18.70 41.27
CA LEU C 326 -9.05 -19.17 39.91
C LEU C 326 -8.17 -18.22 39.08
N SER C 327 -7.82 -17.07 39.62
CA SER C 327 -7.04 -16.09 38.88
C SER C 327 -5.57 -16.54 38.78
N ARG C 328 -4.89 -15.98 37.78
CA ARG C 328 -3.45 -16.17 37.62
C ARG C 328 -2.68 -14.86 37.52
N LYS C 329 -3.35 -13.71 37.50
CA LYS C 329 -2.72 -12.39 37.51
C LYS C 329 -3.33 -11.60 38.66
N PHE C 330 -2.74 -11.73 39.84
CA PHE C 330 -3.23 -11.01 41.02
C PHE C 330 -2.64 -9.60 41.03
N THR C 331 -3.49 -8.61 40.74
CA THR C 331 -3.06 -7.22 40.79
C THR C 331 -2.68 -6.84 42.22
N GLU C 332 -1.61 -6.08 42.36
CA GLU C 332 -1.04 -5.75 43.67
C GLU C 332 -1.29 -4.31 44.08
N TRP C 333 -0.85 -3.34 43.26
CA TRP C 333 -1.10 -1.94 43.54
C TRP C 333 -0.99 -1.15 42.25
N CYS C 334 -1.73 -0.04 42.18
CA CYS C 334 -1.76 0.81 41.00
C CYS C 334 -1.57 2.26 41.41
N TYR C 335 -0.74 2.97 40.66
CA TYR C 335 -0.51 4.40 40.89
C TYR C 335 -0.36 5.06 39.53
N GLY C 336 -1.41 5.76 39.09
CA GLY C 336 -1.43 6.35 37.77
C GLY C 336 -1.35 5.32 36.68
N PRO C 337 -0.47 5.54 35.70
CA PRO C 337 -0.29 4.55 34.62
C PRO C 337 0.54 3.35 35.05
N VAL C 338 0.93 3.24 36.31
CA VAL C 338 1.79 2.17 36.80
C VAL C 338 0.89 1.10 37.43
N ARG C 339 0.95 -0.11 36.88
CA ARG C 339 0.25 -1.26 37.43
C ARG C 339 1.23 -2.36 37.79
N VAL C 340 1.04 -2.95 38.96
CA VAL C 340 1.88 -4.04 39.44
C VAL C 340 0.99 -5.25 39.71
N SER C 341 1.34 -6.38 39.11
CA SER C 341 0.53 -7.59 39.20
C SER C 341 1.43 -8.77 39.58
N LEU C 342 0.88 -9.69 40.35
CA LEU C 342 1.60 -10.90 40.76
C LEU C 342 1.18 -12.05 39.85
N TYR C 343 1.84 -12.18 38.71
CA TYR C 343 1.58 -13.28 37.81
C TYR C 343 2.03 -14.59 38.43
N ASP C 344 1.30 -15.66 38.14
CA ASP C 344 1.55 -16.97 38.71
C ASP C 344 2.47 -17.75 37.78
N LEU C 345 3.53 -18.33 38.34
CA LEU C 345 4.53 -19.06 37.57
C LEU C 345 4.34 -20.57 37.65
N SER C 346 3.20 -21.04 38.15
CA SER C 346 2.94 -22.48 38.18
C SER C 346 2.90 -23.04 36.76
N SER C 347 3.79 -23.99 36.49
CA SER C 347 3.99 -24.63 35.19
C SER C 347 4.51 -23.66 34.14
N VAL C 348 4.96 -22.48 34.53
CA VAL C 348 5.48 -21.49 33.58
C VAL C 348 6.99 -21.34 33.69
N ASP C 349 7.51 -21.31 34.92
CA ASP C 349 8.94 -21.18 35.13
C ASP C 349 9.69 -22.39 34.59
N SER C 350 10.87 -22.14 34.01
CA SER C 350 11.67 -23.20 33.44
C SER C 350 12.30 -24.10 34.50
N TRP C 351 12.17 -23.75 35.78
CA TRP C 351 12.73 -24.58 36.85
C TRP C 351 12.16 -26.01 36.82
N GLU C 352 10.91 -26.16 36.40
CA GLU C 352 10.26 -27.45 36.30
C GLU C 352 10.33 -27.96 34.87
N LYS C 353 10.49 -29.27 34.71
CA LYS C 353 10.64 -29.86 33.38
C LYS C 353 9.34 -29.73 32.60
N ASN C 354 9.48 -29.68 31.27
CA ASN C 354 8.34 -29.55 30.34
C ASN C 354 7.49 -28.33 30.65
N SER C 355 8.13 -27.21 30.96
CA SER C 355 7.40 -25.99 31.27
C SER C 355 6.91 -25.32 29.99
N VAL C 356 6.14 -24.24 30.17
CA VAL C 356 5.61 -23.50 29.03
C VAL C 356 6.74 -22.86 28.23
N LEU C 357 7.76 -22.35 28.92
CA LEU C 357 8.87 -21.70 28.23
C LEU C 357 9.62 -22.67 27.33
N GLU C 358 9.86 -23.90 27.81
CA GLU C 358 10.53 -24.90 26.97
C GLU C 358 9.64 -25.32 25.81
N ILE C 359 8.33 -25.42 26.05
CA ILE C 359 7.41 -25.89 25.01
C ILE C 359 7.36 -24.89 23.85
N ILE C 360 7.30 -23.60 24.16
CA ILE C 360 7.25 -22.58 23.12
C ILE C 360 8.54 -22.60 22.30
N ALA C 361 9.69 -22.66 22.98
CA ALA C 361 10.97 -22.54 22.30
C ALA C 361 11.31 -23.80 21.50
N PHE C 362 11.13 -24.98 22.11
CA PHE C 362 11.64 -26.22 21.54
C PHE C 362 10.57 -27.20 21.09
N HIS C 363 9.33 -27.08 21.57
CA HIS C 363 8.28 -28.02 21.20
C HIS C 363 7.24 -27.44 20.27
N CYS C 364 6.96 -26.15 20.35
CA CYS C 364 5.99 -25.53 19.45
C CYS C 364 6.61 -25.38 18.05
N LYS C 365 5.77 -25.54 17.03
CA LYS C 365 6.20 -25.40 15.65
C LYS C 365 5.36 -24.41 14.86
N SER C 366 4.35 -23.80 15.50
CA SER C 366 3.51 -22.83 14.82
C SER C 366 4.29 -21.53 14.58
N PRO C 367 3.88 -20.76 13.56
CA PRO C 367 4.53 -19.45 13.33
C PRO C 367 4.24 -18.42 14.41
N ASN C 368 3.46 -18.76 15.43
CA ASN C 368 3.10 -17.82 16.49
C ASN C 368 4.07 -17.83 17.66
N ARG C 369 5.21 -18.52 17.53
CA ARG C 369 6.12 -18.66 18.66
C ARG C 369 6.69 -17.32 19.11
N HIS C 370 7.06 -16.46 18.16
CA HIS C 370 7.67 -15.18 18.52
C HIS C 370 6.68 -14.24 19.19
N ARG C 371 5.39 -14.41 18.90
CA ARG C 371 4.38 -13.55 19.51
C ARG C 371 3.98 -13.99 20.91
N MET C 372 4.41 -15.18 21.34
CA MET C 372 4.07 -15.67 22.67
C MET C 372 5.12 -15.30 23.70
N VAL C 373 6.39 -15.21 23.29
CA VAL C 373 7.47 -14.88 24.21
C VAL C 373 7.49 -13.41 24.57
N VAL C 374 6.61 -12.60 24.00
CA VAL C 374 6.50 -11.18 24.34
C VAL C 374 5.35 -10.91 25.29
N LEU C 375 4.49 -11.88 25.53
CA LEU C 375 3.40 -11.69 26.49
C LEU C 375 3.93 -11.75 27.92
N GLU C 376 3.34 -10.94 28.79
CA GLU C 376 3.68 -11.02 30.20
C GLU C 376 3.01 -12.24 30.84
N PRO C 377 3.66 -12.87 31.81
CA PRO C 377 4.95 -12.51 32.42
C PRO C 377 6.15 -13.07 31.67
N LEU C 378 5.93 -13.74 30.53
CA LEU C 378 7.04 -14.35 29.81
C LEU C 378 8.05 -13.29 29.35
N ASN C 379 7.57 -12.13 28.93
CA ASN C 379 8.47 -11.07 28.47
C ASN C 379 9.41 -10.63 29.58
N LYS C 380 8.86 -10.37 30.78
CA LYS C 380 9.69 -9.95 31.89
C LYS C 380 10.45 -11.12 32.51
N LEU C 381 9.85 -12.31 32.53
CA LEU C 381 10.54 -13.48 33.08
C LEU C 381 11.79 -13.81 32.27
N LEU C 382 11.70 -13.76 30.94
CA LEU C 382 12.88 -13.99 30.11
C LEU C 382 13.88 -12.85 30.23
N GLN C 383 13.41 -11.61 30.37
CA GLN C 383 14.32 -10.49 30.58
C GLN C 383 15.04 -10.61 31.92
N GLU C 384 14.34 -11.09 32.95
CA GLU C 384 14.98 -11.32 34.24
C GLU C 384 16.07 -12.39 34.12
N LYS C 385 15.77 -13.47 33.38
CA LYS C 385 16.77 -14.50 33.16
C LYS C 385 17.92 -13.99 32.31
N TRP C 386 17.61 -13.21 31.26
CA TRP C 386 18.64 -12.74 30.35
C TRP C 386 19.65 -11.84 31.05
N ASP C 387 19.15 -10.95 31.92
CA ASP C 387 20.06 -10.06 32.64
C ASP C 387 21.00 -10.83 33.55
N ARG C 388 20.54 -11.94 34.12
CA ARG C 388 21.40 -12.78 34.94
C ARG C 388 22.40 -13.56 34.09
N LEU C 389 22.03 -13.90 32.85
CA LEU C 389 22.86 -14.73 31.99
C LEU C 389 23.62 -13.96 30.93
N VAL C 390 23.43 -12.63 30.84
CA VAL C 390 24.13 -11.86 29.83
C VAL C 390 25.64 -11.83 30.11
N SER C 391 26.02 -11.96 31.39
CA SER C 391 27.44 -12.04 31.72
C SER C 391 28.07 -13.32 31.18
N ARG C 392 27.35 -14.44 31.28
CA ARG C 392 27.87 -15.70 30.75
C ARG C 392 27.85 -15.73 29.23
N PHE C 393 26.83 -15.12 28.61
CA PHE C 393 26.75 -15.10 27.16
C PHE C 393 27.96 -14.42 26.54
N PHE C 394 28.40 -13.30 27.13
CA PHE C 394 29.57 -12.60 26.61
C PHE C 394 30.85 -13.37 26.91
N PHE C 395 30.90 -14.07 28.04
CA PHE C 395 32.04 -14.95 28.32
C PHE C 395 32.11 -16.09 27.32
N ASN C 396 30.97 -16.66 26.97
CA ASN C 396 30.93 -17.66 25.90
C ASN C 396 31.38 -17.06 24.57
N PHE C 397 30.94 -15.84 24.28
CA PHE C 397 31.37 -15.14 23.07
C PHE C 397 32.87 -14.86 23.11
N ALA C 398 33.39 -14.48 24.28
CA ALA C 398 34.82 -14.20 24.41
C ALA C 398 35.64 -15.47 24.19
N CYS C 399 35.18 -16.61 24.70
CA CYS C 399 35.91 -17.85 24.52
C CYS C 399 35.94 -18.27 23.06
N TYR C 400 34.83 -18.08 22.34
CA TYR C 400 34.80 -18.43 20.93
C TYR C 400 35.68 -17.50 20.10
N LEU C 401 35.71 -16.21 20.45
CA LEU C 401 36.60 -15.28 19.76
C LEU C 401 38.06 -15.64 19.96
N VAL C 402 38.43 -16.02 21.19
CA VAL C 402 39.79 -16.46 21.44
C VAL C 402 40.09 -17.74 20.67
N TYR C 403 39.13 -18.67 20.67
CA TYR C 403 39.33 -19.94 19.95
C TYR C 403 39.50 -19.69 18.45
N MET C 404 38.76 -18.74 17.89
CA MET C 404 38.91 -18.52 16.46
C MET C 404 40.05 -17.55 16.16
N PHE C 405 40.45 -16.71 17.12
CA PHE C 405 41.68 -15.95 16.91
C PHE C 405 42.87 -16.90 16.80
N ILE C 406 42.89 -17.93 17.63
CA ILE C 406 43.94 -18.95 17.55
C ILE C 406 43.81 -19.76 16.25
N PHE C 407 42.58 -20.05 15.84
CA PHE C 407 42.37 -20.80 14.60
C PHE C 407 42.91 -20.03 13.40
N THR C 408 42.67 -18.72 13.36
CA THR C 408 43.17 -17.90 12.26
C THR C 408 44.70 -17.86 12.26
N VAL C 409 45.31 -17.75 13.45
CA VAL C 409 46.77 -17.66 13.53
C VAL C 409 47.41 -18.95 13.03
N VAL C 410 46.89 -20.10 13.48
CA VAL C 410 47.46 -21.38 13.07
C VAL C 410 47.23 -21.63 11.59
N ALA C 411 46.04 -21.31 11.08
CA ALA C 411 45.75 -21.54 9.67
C ALA C 411 46.68 -20.75 8.77
N TYR C 412 46.90 -19.48 9.10
CA TYR C 412 47.75 -18.63 8.26
C TYR C 412 49.23 -18.95 8.48
N HIS C 413 49.71 -18.83 9.73
CA HIS C 413 51.12 -19.09 10.04
C HIS C 413 51.38 -20.60 10.13
N GLN C 414 51.28 -21.26 8.98
CA GLN C 414 51.50 -22.69 8.88
C GLN C 414 52.43 -23.00 7.71
N PRO C 415 53.45 -23.84 7.93
CA PRO C 415 54.39 -24.25 6.89
C PRO C 415 53.70 -24.96 5.73
N PHE C 429 60.78 -20.77 19.27
CA PHE C 429 59.60 -20.32 20.01
C PHE C 429 58.38 -20.25 19.09
N GLY C 430 58.60 -19.83 17.84
CA GLY C 430 57.52 -19.78 16.88
C GLY C 430 56.92 -21.14 16.59
N GLU C 431 57.78 -22.16 16.44
CA GLU C 431 57.29 -23.52 16.25
C GLU C 431 56.56 -24.02 17.48
N SER C 432 57.05 -23.69 18.68
CA SER C 432 56.38 -24.09 19.90
C SER C 432 54.99 -23.47 20.01
N MET C 433 54.86 -22.19 19.63
CA MET C 433 53.55 -21.54 19.63
C MET C 433 52.62 -22.21 18.63
N LEU C 434 53.12 -22.56 17.44
CA LEU C 434 52.32 -23.28 16.48
C LEU C 434 51.94 -24.66 16.99
N LEU C 435 52.87 -25.36 17.64
CA LEU C 435 52.58 -26.66 18.20
C LEU C 435 51.50 -26.57 19.27
N LEU C 436 51.59 -25.56 20.14
CA LEU C 436 50.54 -25.34 21.13
C LEU C 436 49.23 -24.94 20.46
N GLY C 437 49.30 -24.12 19.40
CA GLY C 437 48.09 -23.71 18.72
C GLY C 437 47.35 -24.88 18.09
N HIS C 438 48.10 -25.81 17.51
CA HIS C 438 47.48 -27.02 16.95
C HIS C 438 46.81 -27.84 18.04
N ILE C 439 47.45 -27.95 19.20
CA ILE C 439 46.89 -28.73 20.30
C ILE C 439 45.64 -28.06 20.84
N LEU C 440 45.69 -26.74 21.03
CA LEU C 440 44.52 -26.02 21.56
C LEU C 440 43.33 -26.10 20.60
N ILE C 441 43.60 -26.06 19.30
CA ILE C 441 42.51 -26.21 18.31
C ILE C 441 41.88 -27.59 18.42
N LEU C 442 42.71 -28.63 18.59
CA LEU C 442 42.19 -29.99 18.70
C LEU C 442 41.27 -30.13 19.92
N LEU C 443 41.71 -29.58 21.07
CA LEU C 443 40.86 -29.63 22.26
C LEU C 443 39.61 -28.77 22.08
N GLY C 444 39.76 -27.60 21.45
CA GLY C 444 38.59 -26.77 21.20
C GLY C 444 37.59 -27.41 20.27
N GLY C 445 38.08 -28.09 19.22
CA GLY C 445 37.18 -28.79 18.32
C GLY C 445 36.47 -29.94 19.00
N ILE C 446 37.18 -30.69 19.86
CA ILE C 446 36.55 -31.77 20.59
C ILE C 446 35.51 -31.22 21.57
N TYR C 447 35.84 -30.12 22.24
CA TYR C 447 34.91 -29.52 23.18
C TYR C 447 33.63 -29.08 22.50
N LEU C 448 33.76 -28.42 21.35
CA LEU C 448 32.56 -28.00 20.61
C LEU C 448 31.79 -29.20 20.07
N LEU C 449 32.51 -30.24 19.63
CA LEU C 449 31.85 -31.43 19.11
C LEU C 449 31.01 -32.10 20.19
N LEU C 450 31.56 -32.24 21.40
CA LEU C 450 30.81 -32.87 22.48
C LEU C 450 29.63 -32.00 22.90
N GLY C 451 29.82 -30.69 22.95
CA GLY C 451 28.73 -29.80 23.34
C GLY C 451 27.56 -29.83 22.38
N GLN C 452 27.85 -29.83 21.07
CA GLN C 452 26.78 -29.87 20.07
C GLN C 452 26.11 -31.23 20.03
N LEU C 453 26.86 -32.31 20.19
CA LEU C 453 26.24 -33.63 20.27
C LEU C 453 25.32 -33.74 21.49
N TRP C 454 25.73 -33.16 22.61
CA TRP C 454 24.87 -33.13 23.79
C TRP C 454 23.61 -32.33 23.53
N TYR C 455 23.71 -31.23 22.79
CA TYR C 455 22.54 -30.43 22.46
C TYR C 455 21.55 -31.23 21.62
N PHE C 456 22.05 -31.92 20.59
CA PHE C 456 21.17 -32.72 19.74
C PHE C 456 20.64 -33.94 20.47
N TRP C 457 21.39 -34.49 21.44
CA TRP C 457 20.87 -35.58 22.23
C TRP C 457 19.68 -35.14 23.09
N ARG C 458 19.76 -33.94 23.67
CA ARG C 458 18.65 -33.42 24.46
C ARG C 458 17.45 -33.12 23.57
N ARG C 459 17.68 -32.49 22.42
CA ARG C 459 16.62 -32.13 21.48
C ARG C 459 16.36 -33.22 20.45
N ARG C 460 16.64 -34.47 20.78
CA ARG C 460 16.48 -35.56 19.82
C ARG C 460 15.02 -35.78 19.46
N LEU C 461 14.09 -35.39 20.33
CA LEU C 461 12.67 -35.65 20.09
C LEU C 461 12.06 -34.67 19.09
N PHE C 462 12.73 -33.54 18.83
CA PHE C 462 12.15 -32.53 17.94
C PHE C 462 13.19 -31.98 16.98
N ILE C 463 14.01 -32.85 16.37
CA ILE C 463 14.94 -32.39 15.35
C ILE C 463 14.19 -32.08 14.08
N TRP C 464 14.71 -31.11 13.32
CA TRP C 464 14.17 -30.72 12.01
C TRP C 464 12.77 -30.13 12.13
N ILE C 465 12.27 -29.94 13.35
CA ILE C 465 10.97 -29.31 13.54
C ILE C 465 11.09 -27.79 13.48
N SER C 466 12.22 -27.23 13.91
CA SER C 466 12.43 -25.80 13.91
C SER C 466 13.80 -25.49 13.31
N PHE C 467 14.09 -26.09 12.15
CA PHE C 467 15.41 -25.98 11.55
C PHE C 467 15.79 -24.53 11.25
N MET C 468 14.80 -23.64 11.14
CA MET C 468 15.10 -22.22 10.96
C MET C 468 15.82 -21.63 12.16
N ASP C 469 15.65 -22.21 13.34
CA ASP C 469 16.31 -21.71 14.55
C ASP C 469 17.52 -22.54 14.94
N SER C 470 17.52 -23.83 14.60
CA SER C 470 18.64 -24.69 14.98
C SER C 470 19.71 -24.78 13.90
N TYR C 471 19.58 -24.00 12.82
CA TYR C 471 20.55 -24.09 11.73
C TYR C 471 21.92 -23.57 12.15
N PHE C 472 21.96 -22.67 13.14
CA PHE C 472 23.24 -22.25 13.68
C PHE C 472 23.86 -23.34 14.55
N GLU C 473 23.03 -24.14 15.23
CA GLU C 473 23.57 -25.24 16.02
C GLU C 473 24.12 -26.34 15.15
N ILE C 474 23.59 -26.50 13.94
CA ILE C 474 24.16 -27.45 12.99
C ILE C 474 25.53 -26.96 12.50
N LEU C 475 25.62 -25.67 12.19
CA LEU C 475 26.88 -25.11 11.70
C LEU C 475 27.99 -25.20 12.74
N PHE C 476 27.67 -24.97 14.02
CA PHE C 476 28.67 -25.14 15.07
C PHE C 476 29.14 -26.58 15.15
N LEU C 477 28.22 -27.54 14.99
CA LEU C 477 28.61 -28.95 14.99
C LEU C 477 29.43 -29.29 13.74
N LEU C 478 29.03 -28.78 12.58
CA LEU C 478 29.75 -29.06 11.35
C LEU C 478 31.17 -28.51 11.40
N GLN C 479 31.32 -27.29 11.91
CA GLN C 479 32.66 -26.72 12.06
C GLN C 479 33.49 -27.50 13.07
N ALA C 480 32.83 -28.03 14.11
CA ALA C 480 33.56 -28.82 15.10
C ALA C 480 34.02 -30.16 14.52
N LEU C 481 33.18 -30.79 13.69
CA LEU C 481 33.55 -32.05 13.07
C LEU C 481 34.73 -31.87 12.13
N LEU C 482 34.70 -30.81 11.31
CA LEU C 482 35.80 -30.56 10.39
C LEU C 482 37.07 -30.20 11.13
N THR C 483 36.95 -29.47 12.25
CA THR C 483 38.14 -29.13 13.04
C THR C 483 38.82 -30.37 13.58
N VAL C 484 38.03 -31.31 14.12
CA VAL C 484 38.61 -32.53 14.68
C VAL C 484 39.15 -33.42 13.56
N LEU C 485 38.39 -33.57 12.48
CA LEU C 485 38.80 -34.44 11.38
C LEU C 485 40.07 -33.93 10.72
N SER C 486 40.19 -32.61 10.56
CA SER C 486 41.39 -32.04 9.95
C SER C 486 42.62 -32.33 10.80
N GLN C 487 42.51 -32.22 12.12
CA GLN C 487 43.63 -32.55 13.00
C GLN C 487 43.96 -34.04 12.92
N VAL C 488 42.95 -34.90 12.79
CA VAL C 488 43.19 -36.32 12.63
C VAL C 488 43.96 -36.58 11.33
N LEU C 489 43.56 -35.91 10.25
CA LEU C 489 44.28 -36.06 8.98
C LEU C 489 45.70 -35.53 9.06
N ARG C 490 45.92 -34.48 9.87
CA ARG C 490 47.28 -33.99 10.06
C ARG C 490 48.13 -35.04 10.78
N PHE C 491 47.53 -35.76 11.73
CA PHE C 491 48.24 -36.87 12.37
C PHE C 491 48.60 -37.94 11.36
N MET C 492 47.70 -38.24 10.42
CA MET C 492 48.00 -39.16 9.34
C MET C 492 48.97 -38.57 8.32
N GLU C 493 49.28 -37.29 8.42
CA GLU C 493 50.25 -36.60 7.55
C GLU C 493 49.81 -36.57 6.09
N THR C 494 48.50 -36.68 5.83
CA THR C 494 48.00 -36.55 4.47
C THR C 494 47.95 -35.08 4.07
N GLU C 495 48.06 -34.83 2.77
CA GLU C 495 48.05 -33.46 2.27
C GLU C 495 46.66 -32.84 2.33
N TRP C 496 45.63 -33.67 2.48
CA TRP C 496 44.25 -33.17 2.45
C TRP C 496 43.80 -32.56 3.77
N TYR C 497 44.66 -32.52 4.79
CA TYR C 497 44.26 -31.92 6.05
C TYR C 497 44.11 -30.41 5.93
N LEU C 498 44.93 -29.77 5.10
CA LEU C 498 44.91 -28.31 4.94
C LEU C 498 43.57 -27.79 4.43
N PRO C 499 42.95 -28.39 3.40
CA PRO C 499 41.62 -27.91 2.99
C PRO C 499 40.59 -27.94 4.11
N LEU C 500 40.49 -29.07 4.82
CA LEU C 500 39.48 -29.20 5.86
C LEU C 500 39.71 -28.19 6.98
N LEU C 501 40.97 -27.91 7.31
CA LEU C 501 41.28 -26.88 8.29
C LEU C 501 40.84 -25.52 7.79
N VAL C 502 40.97 -25.28 6.48
CA VAL C 502 40.56 -24.00 5.91
C VAL C 502 39.04 -23.85 5.93
N LEU C 503 38.31 -24.90 5.50
CA LEU C 503 36.85 -24.84 5.57
C LEU C 503 36.36 -24.73 7.00
N SER C 504 37.10 -25.29 7.96
CA SER C 504 36.76 -25.07 9.37
C SER C 504 36.88 -23.60 9.73
N LEU C 505 37.92 -22.94 9.26
CA LEU C 505 38.11 -21.51 9.53
C LEU C 505 37.01 -20.68 8.87
N VAL C 506 36.61 -21.07 7.66
CA VAL C 506 35.59 -20.32 6.93
C VAL C 506 34.24 -20.41 7.64
N LEU C 507 33.85 -21.62 8.04
CA LEU C 507 32.56 -21.82 8.69
C LEU C 507 32.52 -21.12 10.04
N GLY C 508 33.60 -21.23 10.81
CA GLY C 508 33.63 -20.63 12.14
C GLY C 508 33.47 -19.11 12.11
N TRP C 509 34.12 -18.46 11.15
CA TRP C 509 33.93 -17.01 11.02
C TRP C 509 32.49 -16.68 10.63
N LEU C 510 31.85 -17.56 9.88
CA LEU C 510 30.42 -17.41 9.60
C LEU C 510 29.59 -17.72 10.84
N ASN C 511 30.06 -18.67 11.66
CA ASN C 511 29.36 -19.00 12.90
C ASN C 511 29.42 -17.88 13.91
N LEU C 512 30.34 -16.92 13.73
CA LEU C 512 30.42 -15.78 14.64
C LEU C 512 29.19 -14.90 14.58
N LEU C 513 28.38 -15.01 13.53
CA LEU C 513 27.17 -14.21 13.41
C LEU C 513 26.08 -14.64 14.37
N TYR C 514 26.23 -15.81 15.00
CA TYR C 514 25.25 -16.28 15.97
C TYR C 514 25.19 -15.36 17.18
N TYR C 515 26.34 -14.85 17.62
CA TYR C 515 26.42 -14.07 18.84
C TYR C 515 25.90 -12.65 18.68
N THR C 516 25.53 -12.23 17.47
CA THR C 516 24.97 -10.91 17.27
C THR C 516 23.62 -10.76 17.97
N ARG C 517 22.95 -11.87 18.29
CA ARG C 517 21.65 -11.81 18.94
C ARG C 517 21.73 -11.26 20.35
N GLY C 518 22.91 -11.26 20.97
CA GLY C 518 23.05 -10.75 22.32
C GLY C 518 22.96 -9.24 22.42
N PHE C 519 23.17 -8.52 21.32
CA PHE C 519 23.08 -7.07 21.28
C PHE C 519 21.80 -6.66 20.56
N GLN C 520 21.02 -5.79 21.19
CA GLN C 520 19.85 -5.23 20.52
C GLN C 520 20.26 -4.40 19.32
N HIS C 521 21.41 -3.72 19.42
CA HIS C 521 21.85 -2.82 18.36
C HIS C 521 22.14 -3.59 17.08
N THR C 522 22.67 -4.81 17.20
CA THR C 522 23.02 -5.62 16.04
C THR C 522 22.03 -6.76 15.80
N GLY C 523 21.46 -7.32 16.88
CA GLY C 523 20.58 -8.48 16.72
C GLY C 523 19.31 -8.15 15.98
N ILE C 524 18.74 -6.97 16.23
CA ILE C 524 17.48 -6.60 15.61
C ILE C 524 17.64 -6.50 14.09
N TYR C 525 18.74 -5.89 13.63
CA TYR C 525 18.96 -5.74 12.20
C TYR C 525 19.16 -7.10 11.53
N SER C 526 19.88 -8.00 12.19
CA SER C 526 20.16 -9.31 11.61
C SER C 526 18.89 -10.11 11.39
N VAL C 527 17.91 -9.98 12.29
CA VAL C 527 16.69 -10.78 12.21
C VAL C 527 15.92 -10.48 10.92
N MET C 528 15.88 -9.22 10.49
CA MET C 528 15.13 -8.87 9.30
C MET C 528 15.65 -9.58 8.06
N ILE C 529 16.93 -9.97 8.07
CA ILE C 529 17.59 -10.40 6.84
C ILE C 529 17.47 -11.92 6.66
N GLN C 530 17.94 -12.69 7.64
CA GLN C 530 18.06 -14.13 7.48
C GLN C 530 16.72 -14.88 7.53
N LYS C 531 15.60 -14.15 7.63
CA LYS C 531 14.32 -14.83 7.75
C LYS C 531 13.94 -15.59 6.48
N VAL C 532 14.02 -14.93 5.32
CA VAL C 532 13.53 -15.52 4.08
C VAL C 532 14.63 -15.62 3.04
N ILE C 533 15.45 -14.57 2.94
CA ILE C 533 16.34 -14.41 1.79
C ILE C 533 17.29 -15.61 1.66
N LEU C 534 17.87 -16.04 2.77
CA LEU C 534 18.81 -17.16 2.73
C LEU C 534 18.14 -18.45 2.25
N ARG C 535 16.91 -18.71 2.71
CA ARG C 535 16.20 -19.91 2.28
C ARG C 535 15.69 -19.80 0.85
N ASP C 536 15.58 -18.58 0.31
CA ASP C 536 15.05 -18.42 -1.04
C ASP C 536 16.10 -18.81 -2.07
N LEU C 537 17.38 -18.47 -1.83
CA LEU C 537 18.43 -18.69 -2.81
C LEU C 537 18.57 -20.15 -3.22
N LEU C 538 18.27 -21.09 -2.32
CA LEU C 538 18.36 -22.51 -2.69
C LEU C 538 17.33 -22.87 -3.75
N ARG C 539 16.21 -22.15 -3.79
CA ARG C 539 15.14 -22.37 -4.73
C ARG C 539 15.50 -21.90 -6.14
N PHE C 540 16.27 -20.81 -6.23
CA PHE C 540 16.80 -20.35 -7.51
C PHE C 540 17.95 -21.21 -7.98
N LEU C 541 18.83 -21.62 -7.06
CA LEU C 541 20.00 -22.40 -7.45
C LEU C 541 19.62 -23.77 -7.99
N LEU C 542 18.56 -24.37 -7.46
CA LEU C 542 18.14 -25.69 -7.93
C LEU C 542 17.73 -25.65 -9.40
N VAL C 543 16.98 -24.63 -9.81
CA VAL C 543 16.66 -24.46 -11.22
C VAL C 543 17.89 -24.03 -12.01
N TYR C 544 18.68 -23.13 -11.43
CA TYR C 544 19.86 -22.62 -12.12
C TYR C 544 20.87 -23.73 -12.39
N LEU C 545 21.09 -24.60 -11.41
CA LEU C 545 22.02 -25.72 -11.62
C LEU C 545 21.47 -26.70 -12.66
N VAL C 546 20.15 -26.88 -12.72
CA VAL C 546 19.57 -27.67 -13.79
C VAL C 546 19.81 -26.99 -15.13
N PHE C 547 19.62 -25.67 -15.19
CA PHE C 547 19.93 -24.93 -16.41
C PHE C 547 21.41 -24.96 -16.71
N LEU C 548 22.25 -24.89 -15.67
CA LEU C 548 23.69 -24.85 -15.86
C LEU C 548 24.20 -26.14 -16.49
N PHE C 549 23.76 -27.29 -15.99
CA PHE C 549 24.24 -28.56 -16.51
C PHE C 549 23.66 -28.85 -17.89
N GLY C 550 22.44 -28.39 -18.15
CA GLY C 550 21.84 -28.63 -19.46
C GLY C 550 22.57 -27.90 -20.57
N PHE C 551 22.94 -26.64 -20.33
CA PHE C 551 23.66 -25.88 -21.34
C PHE C 551 25.12 -26.31 -21.44
N ALA C 552 25.71 -26.72 -20.32
CA ALA C 552 27.12 -27.10 -20.31
C ALA C 552 27.38 -28.30 -21.22
N VAL C 553 26.52 -29.32 -21.15
CA VAL C 553 26.66 -30.47 -22.02
C VAL C 553 26.45 -30.07 -23.48
N ALA C 554 25.52 -29.15 -23.71
CA ALA C 554 25.24 -28.71 -25.07
C ALA C 554 26.45 -28.02 -25.70
N LEU C 555 27.11 -27.14 -24.94
CA LEU C 555 28.28 -26.44 -25.46
C LEU C 555 29.44 -27.40 -25.68
N VAL C 556 29.65 -28.34 -24.76
CA VAL C 556 30.75 -29.30 -24.89
C VAL C 556 30.53 -30.20 -26.10
N SER C 557 29.30 -30.68 -26.28
CA SER C 557 29.00 -31.54 -27.43
C SER C 557 29.11 -30.77 -28.74
N LEU C 558 29.11 -29.44 -28.67
CA LEU C 558 29.12 -28.61 -29.87
C LEU C 558 30.47 -27.97 -30.15
N SER C 559 31.40 -27.99 -29.19
CA SER C 559 32.69 -27.35 -29.35
C SER C 559 33.84 -28.36 -29.53
N ARG C 560 33.53 -29.62 -29.84
CA ARG C 560 34.54 -30.67 -29.93
C ARG C 560 34.92 -31.00 -31.37
N GLU C 561 34.46 -30.23 -32.35
CA GLU C 561 34.75 -30.54 -33.74
C GLU C 561 36.00 -29.81 -34.21
N PRO C 589 38.41 -23.84 -25.86
CA PRO C 589 37.36 -23.50 -24.88
C PRO C 589 36.26 -24.55 -24.81
N TYR C 590 35.59 -24.64 -23.66
CA TYR C 590 34.52 -25.62 -23.43
C TYR C 590 35.00 -27.04 -23.71
N ARG C 591 36.21 -27.36 -23.25
CA ARG C 591 36.77 -28.69 -23.46
C ARG C 591 36.09 -29.75 -22.62
N SER C 592 35.40 -29.35 -21.55
CA SER C 592 34.72 -30.30 -20.69
C SER C 592 33.55 -29.60 -20.01
N ILE C 593 32.65 -30.40 -19.43
CA ILE C 593 31.49 -29.85 -18.74
C ILE C 593 31.93 -28.94 -17.60
N LEU C 594 32.99 -29.33 -16.90
CA LEU C 594 33.49 -28.54 -15.77
C LEU C 594 33.93 -27.15 -16.24
N ASP C 595 34.66 -27.08 -17.35
CA ASP C 595 35.06 -25.79 -17.89
C ASP C 595 33.85 -25.05 -18.47
N ALA C 596 32.96 -25.77 -19.15
CA ALA C 596 31.76 -25.15 -19.69
C ALA C 596 30.86 -24.62 -18.59
N SER C 597 30.70 -25.38 -17.50
CA SER C 597 29.95 -24.90 -16.36
C SER C 597 30.62 -23.68 -15.73
N LEU C 598 31.95 -23.69 -15.68
CA LEU C 598 32.69 -22.53 -15.17
C LEU C 598 32.45 -21.29 -16.04
N GLU C 599 32.55 -21.46 -17.36
CA GLU C 599 32.39 -20.32 -18.26
C GLU C 599 30.97 -19.77 -18.21
N LEU C 600 29.97 -20.65 -18.17
CA LEU C 600 28.58 -20.19 -18.14
C LEU C 600 28.28 -19.43 -16.85
N PHE C 601 28.85 -19.87 -15.73
CA PHE C 601 28.62 -19.19 -14.46
C PHE C 601 29.24 -17.79 -14.46
N LYS C 602 30.33 -17.61 -15.21
CA LYS C 602 30.99 -16.30 -15.24
C LYS C 602 30.08 -15.24 -15.83
N PHE C 603 29.16 -15.63 -16.70
CA PHE C 603 28.20 -14.67 -17.26
C PHE C 603 27.30 -14.08 -16.19
N THR C 604 27.07 -14.80 -15.10
CA THR C 604 26.20 -14.31 -14.03
C THR C 604 26.88 -13.24 -13.19
N ILE C 605 28.20 -13.31 -13.06
CA ILE C 605 28.95 -12.38 -12.22
C ILE C 605 29.51 -11.24 -13.08
N GLY C 606 28.96 -11.08 -14.28
CA GLY C 606 29.38 -10.02 -15.17
C GLY C 606 30.81 -10.16 -15.67
N MET C 607 31.19 -11.39 -16.03
CA MET C 607 32.55 -11.61 -16.55
C MET C 607 32.52 -12.58 -17.73
N GLY C 608 31.39 -12.77 -18.39
CA GLY C 608 31.32 -13.72 -19.49
C GLY C 608 32.02 -13.20 -20.72
N GLU C 609 32.71 -14.13 -21.40
CA GLU C 609 33.42 -13.81 -22.64
C GLU C 609 32.54 -14.17 -23.83
N LEU C 610 31.47 -13.39 -24.00
CA LEU C 610 30.49 -13.65 -25.05
C LEU C 610 31.02 -13.13 -26.38
N ALA C 611 31.77 -13.98 -27.09
CA ALA C 611 32.34 -13.66 -28.40
C ALA C 611 32.06 -14.79 -29.37
N PHE C 612 32.43 -14.55 -30.64
CA PHE C 612 32.28 -15.58 -31.66
C PHE C 612 33.17 -16.79 -31.42
N GLN C 613 34.21 -16.64 -30.58
CA GLN C 613 35.15 -17.68 -30.18
C GLN C 613 36.14 -18.02 -31.29
N GLU C 614 35.88 -17.54 -32.51
CA GLU C 614 36.87 -17.46 -33.57
C GLU C 614 37.45 -18.80 -34.02
N GLN C 615 37.06 -19.91 -33.36
CA GLN C 615 37.66 -21.20 -33.67
C GLN C 615 36.61 -22.21 -34.11
N LEU C 616 35.55 -22.36 -33.34
CA LEU C 616 34.55 -23.40 -33.60
C LEU C 616 33.88 -23.16 -34.95
N ARG C 617 33.71 -24.24 -35.71
CA ARG C 617 33.01 -24.14 -36.99
C ARG C 617 31.57 -23.70 -36.79
N PHE C 618 30.89 -24.25 -35.79
CA PHE C 618 29.55 -23.82 -35.42
C PHE C 618 29.58 -22.63 -34.48
N ARG C 619 30.32 -21.59 -34.84
CA ARG C 619 30.48 -20.43 -33.95
C ARG C 619 29.17 -19.68 -33.78
N GLY C 620 28.37 -19.57 -34.84
CA GLY C 620 27.10 -18.87 -34.74
C GLY C 620 26.11 -19.58 -33.84
N VAL C 621 26.01 -20.91 -34.01
CA VAL C 621 25.04 -21.67 -33.23
C VAL C 621 25.48 -21.75 -31.77
N VAL C 622 26.77 -21.91 -31.52
CA VAL C 622 27.28 -21.89 -30.15
C VAL C 622 27.00 -20.53 -29.51
N LEU C 623 27.13 -19.45 -30.28
CA LEU C 623 26.77 -18.13 -29.77
C LEU C 623 25.29 -18.08 -29.41
N LEU C 624 24.44 -18.74 -30.20
CA LEU C 624 23.01 -18.74 -29.92
C LEU C 624 22.72 -19.34 -28.55
N LEU C 625 23.44 -20.42 -28.19
CA LEU C 625 23.29 -21.01 -26.87
C LEU C 625 23.73 -20.04 -25.78
N LEU C 626 24.85 -19.35 -25.99
CA LEU C 626 25.31 -18.37 -25.01
C LEU C 626 24.34 -17.21 -24.90
N LEU C 627 23.83 -16.73 -26.04
CA LEU C 627 22.82 -15.67 -26.01
C LEU C 627 21.53 -16.16 -25.36
N ALA C 628 21.11 -17.39 -25.66
CA ALA C 628 19.93 -17.95 -25.02
C ALA C 628 20.15 -18.14 -23.53
N TYR C 629 21.35 -18.58 -23.13
CA TYR C 629 21.66 -18.74 -21.72
C TYR C 629 21.62 -17.40 -20.99
N VAL C 630 22.16 -16.35 -21.62
CA VAL C 630 22.16 -15.03 -20.99
C VAL C 630 20.73 -14.54 -20.78
N LEU C 631 19.89 -14.67 -21.80
CA LEU C 631 18.50 -14.27 -21.68
C LEU C 631 17.77 -15.12 -20.63
N LEU C 632 18.01 -16.43 -20.64
CA LEU C 632 17.33 -17.32 -19.70
C LEU C 632 17.77 -17.05 -18.26
N THR C 633 19.06 -16.81 -18.04
CA THR C 633 19.53 -16.61 -16.67
C THR C 633 19.11 -15.26 -16.13
N TYR C 634 18.82 -14.29 -17.01
CA TYR C 634 18.30 -13.01 -16.55
C TYR C 634 16.79 -13.07 -16.32
N VAL C 635 16.09 -13.93 -17.07
CA VAL C 635 14.69 -14.19 -16.77
C VAL C 635 14.55 -14.82 -15.40
N LEU C 636 15.42 -15.81 -15.10
CA LEU C 636 15.41 -16.44 -13.79
C LEU C 636 15.76 -15.45 -12.67
N LEU C 637 16.75 -14.59 -12.91
CA LEU C 637 17.11 -13.58 -11.91
C LEU C 637 15.98 -12.59 -11.69
N LEU C 638 15.33 -12.15 -12.77
CA LEU C 638 14.16 -11.29 -12.64
C LEU C 638 13.01 -12.03 -11.96
N ASN C 639 12.85 -13.32 -12.27
CA ASN C 639 11.87 -14.14 -11.58
C ASN C 639 12.17 -14.17 -10.08
N MET C 640 13.45 -14.27 -9.73
CA MET C 640 13.85 -14.31 -8.32
C MET C 640 13.63 -12.97 -7.64
N LEU C 641 14.02 -11.87 -8.31
CA LEU C 641 13.92 -10.55 -7.70
C LEU C 641 12.47 -10.19 -7.42
N ILE C 642 11.58 -10.45 -8.37
CA ILE C 642 10.17 -10.12 -8.19
C ILE C 642 9.56 -10.92 -7.05
N ALA C 643 9.84 -12.23 -7.02
CA ALA C 643 9.30 -13.07 -5.95
C ALA C 643 9.85 -12.67 -4.58
N LEU C 644 11.16 -12.36 -4.53
CA LEU C 644 11.77 -11.99 -3.26
C LEU C 644 11.30 -10.61 -2.79
N MET C 645 11.14 -9.68 -3.73
CA MET C 645 10.71 -8.32 -3.37
C MET C 645 9.28 -8.31 -2.85
N SER C 646 8.46 -9.29 -3.24
CA SER C 646 7.08 -9.34 -2.81
C SER C 646 6.94 -9.48 -1.29
N GLU C 647 7.98 -9.96 -0.60
CA GLU C 647 7.93 -10.10 0.85
C GLU C 647 8.01 -8.76 1.57
N THR C 648 8.43 -7.70 0.87
CA THR C 648 8.62 -6.41 1.52
C THR C 648 7.31 -5.76 1.93
N VAL C 649 6.24 -6.01 1.16
CA VAL C 649 4.98 -5.32 1.41
C VAL C 649 4.38 -5.73 2.75
N ASN C 650 4.38 -7.04 3.03
CA ASN C 650 3.68 -7.57 4.21
C ASN C 650 4.53 -7.57 5.47
N HIS C 651 5.81 -7.19 5.38
CA HIS C 651 6.67 -7.22 6.55
C HIS C 651 6.28 -6.14 7.55
N VAL C 652 6.38 -6.50 8.84
CA VAL C 652 6.13 -5.57 9.93
C VAL C 652 7.34 -5.57 10.85
N ALA C 653 7.81 -4.37 11.21
CA ALA C 653 8.99 -4.26 12.05
C ALA C 653 8.77 -4.83 13.45
N ASP C 654 7.52 -4.91 13.90
CA ASP C 654 7.25 -5.51 15.21
C ASP C 654 7.59 -6.99 15.22
N ASN C 655 7.47 -7.66 14.07
CA ASN C 655 7.84 -9.08 13.99
C ASN C 655 9.34 -9.26 14.22
N SER C 656 10.16 -8.39 13.63
CA SER C 656 11.61 -8.51 13.79
C SER C 656 12.03 -8.34 15.25
N TRP C 657 11.41 -7.40 15.96
CA TRP C 657 11.65 -7.27 17.39
C TRP C 657 11.18 -8.50 18.15
N SER C 658 10.02 -9.04 17.78
CA SER C 658 9.48 -10.21 18.46
C SER C 658 10.36 -11.44 18.23
N ILE C 659 10.83 -11.63 17.00
CA ILE C 659 11.66 -12.79 16.69
C ILE C 659 12.99 -12.71 17.44
N TRP C 660 13.55 -11.50 17.57
CA TRP C 660 14.79 -11.33 18.33
C TRP C 660 14.58 -11.73 19.80
N LYS C 661 13.43 -11.37 20.37
CA LYS C 661 13.12 -11.81 21.72
C LYS C 661 13.03 -13.33 21.81
N LEU C 662 12.46 -13.97 20.80
CA LEU C 662 12.43 -15.44 20.77
C LEU C 662 13.85 -16.01 20.67
N GLN C 663 14.71 -15.37 19.87
CA GLN C 663 16.08 -15.85 19.75
C GLN C 663 16.82 -15.78 21.08
N LYS C 664 16.62 -14.70 21.83
CA LYS C 664 17.18 -14.62 23.17
C LYS C 664 16.53 -15.63 24.10
N ALA C 665 15.23 -15.91 23.90
CA ALA C 665 14.55 -16.90 24.72
C ALA C 665 15.14 -18.28 24.55
N ILE C 666 15.45 -18.66 23.30
CA ILE C 666 16.04 -19.97 23.05
C ILE C 666 17.43 -20.06 23.68
N SER C 667 18.23 -19.00 23.54
CA SER C 667 19.58 -19.00 24.09
C SER C 667 19.55 -19.11 25.61
N VAL C 668 18.63 -18.40 26.26
CA VAL C 668 18.53 -18.43 27.72
C VAL C 668 18.20 -19.85 28.20
N LEU C 669 17.19 -20.47 27.58
CA LEU C 669 16.76 -21.79 28.01
C LEU C 669 17.77 -22.87 27.69
N GLU C 670 18.77 -22.57 26.85
CA GLU C 670 19.82 -23.54 26.57
C GLU C 670 20.99 -23.38 27.53
N MET C 671 21.41 -22.13 27.77
CA MET C 671 22.51 -21.86 28.69
C MET C 671 22.09 -21.94 30.15
N GLU C 672 20.79 -22.04 30.44
CA GLU C 672 20.36 -22.29 31.81
C GLU C 672 20.80 -23.66 32.29
N ASN C 673 20.95 -24.61 31.36
CA ASN C 673 21.42 -25.95 31.69
C ASN C 673 22.92 -26.01 31.95
N GLY C 674 23.60 -24.87 32.02
CA GLY C 674 25.04 -24.88 32.21
C GLY C 674 25.74 -25.41 30.98
N TYR C 675 26.80 -26.17 31.19
CA TYR C 675 27.55 -26.81 30.13
C TYR C 675 27.37 -28.31 30.23
N TRP C 676 27.79 -29.01 29.16
CA TRP C 676 27.70 -30.47 29.16
C TRP C 676 28.55 -31.09 30.24
N TRP C 677 29.71 -30.50 30.55
CA TRP C 677 30.59 -31.00 31.61
C TRP C 677 30.18 -30.53 32.99
N CYS C 678 29.27 -29.55 33.09
CA CYS C 678 28.83 -29.03 34.40
C CYS C 678 27.37 -28.59 34.25
N ARG C 679 26.46 -29.48 34.65
CA ARG C 679 25.02 -29.19 34.62
C ARG C 679 24.62 -28.57 35.96
N ARG C 680 24.82 -27.26 36.04
CA ARG C 680 24.53 -26.53 37.27
C ARG C 680 23.02 -26.45 37.51
N LYS C 681 22.66 -26.28 38.78
CA LYS C 681 21.26 -26.30 39.18
C LYS C 681 20.53 -25.05 38.67
N LYS C 682 19.20 -25.17 38.59
CA LYS C 682 18.34 -24.12 38.07
C LYS C 682 17.71 -23.35 39.23
N HIS C 683 17.75 -22.03 39.14
CA HIS C 683 17.17 -21.17 40.16
C HIS C 683 15.68 -20.96 39.90
N ARG C 684 14.87 -21.18 40.94
CA ARG C 684 13.44 -20.97 40.83
C ARG C 684 13.13 -19.47 40.84
N GLU C 685 12.30 -19.04 39.90
CA GLU C 685 11.98 -17.62 39.76
C GLU C 685 10.79 -17.24 40.63
N GLY C 686 10.73 -15.97 40.99
CA GLY C 686 9.63 -15.47 41.80
C GLY C 686 9.79 -15.82 43.27
N ARG C 687 8.76 -15.45 44.04
CA ARG C 687 8.74 -15.68 45.47
C ARG C 687 7.41 -16.32 45.84
N LEU C 688 7.43 -17.15 46.89
CA LEU C 688 6.23 -17.84 47.36
C LEU C 688 5.38 -16.87 48.16
N LEU C 689 4.16 -16.62 47.69
CA LEU C 689 3.25 -15.69 48.34
C LEU C 689 1.88 -16.32 48.50
N LYS C 690 1.24 -16.05 49.65
CA LYS C 690 -0.11 -16.54 49.90
C LYS C 690 -1.11 -15.63 49.22
N VAL C 691 -1.94 -16.20 48.34
CA VAL C 691 -2.88 -15.42 47.54
C VAL C 691 -4.33 -15.66 47.91
N GLY C 692 -4.62 -16.61 48.79
CA GLY C 692 -6.00 -16.87 49.17
C GLY C 692 -6.13 -18.14 49.98
N THR C 693 -7.27 -18.81 49.81
CA THR C 693 -7.58 -20.03 50.53
C THR C 693 -8.17 -21.04 49.56
N ARG C 694 -7.66 -22.27 49.61
CA ARG C 694 -8.19 -23.34 48.76
C ARG C 694 -9.40 -24.01 49.41
N ASP C 700 -3.67 -20.69 50.18
CA ASP C 700 -3.30 -20.90 48.80
C ASP C 700 -2.04 -20.10 48.53
N GLU C 701 -0.92 -20.79 48.40
CA GLU C 701 0.37 -20.14 48.20
C GLU C 701 0.90 -20.53 46.83
N ARG C 702 1.37 -19.53 46.09
CA ARG C 702 1.86 -19.73 44.73
C ARG C 702 3.18 -19.02 44.57
N TRP C 703 3.99 -19.50 43.61
CA TRP C 703 5.26 -18.87 43.29
C TRP C 703 4.98 -17.72 42.33
N CYS C 704 4.52 -16.60 42.88
CA CYS C 704 4.13 -15.44 42.09
C CYS C 704 5.37 -14.67 41.63
N PHE C 705 5.25 -14.03 40.46
CA PHE C 705 6.31 -13.22 39.88
C PHE C 705 5.77 -11.80 39.71
N ARG C 706 6.43 -10.84 40.35
CA ARG C 706 5.95 -9.46 40.35
C ARG C 706 6.34 -8.77 39.06
N VAL C 707 5.34 -8.48 38.22
CA VAL C 707 5.53 -7.76 36.97
C VAL C 707 4.88 -6.38 37.13
N GLU C 708 5.64 -5.34 36.82
CA GLU C 708 5.16 -3.96 36.92
C GLU C 708 4.91 -3.44 35.51
N GLU C 709 3.73 -2.88 35.28
CA GLU C 709 3.24 -2.51 33.95
C GLU C 709 2.99 -1.01 33.92
N VAL C 710 3.74 -0.31 33.06
CA VAL C 710 3.50 1.10 32.82
C VAL C 710 2.82 1.26 31.47
N ASN C 711 1.64 1.88 31.47
CA ASN C 711 0.85 2.03 30.24
C ASN C 711 0.06 3.33 30.36
N TRP C 712 0.58 4.39 29.73
CA TRP C 712 -0.12 5.67 29.76
C TRP C 712 -1.38 5.63 28.91
N ALA C 713 -1.33 4.99 27.74
CA ALA C 713 -2.47 4.98 26.83
C ALA C 713 -3.66 4.26 27.46
N ALA C 714 -3.41 3.12 28.11
CA ALA C 714 -4.50 2.39 28.75
C ALA C 714 -5.05 3.15 29.95
N TRP C 715 -4.18 3.79 30.73
CA TRP C 715 -4.63 4.54 31.90
C TRP C 715 -5.49 5.74 31.49
N GLU C 716 -5.08 6.45 30.45
CA GLU C 716 -5.85 7.61 30.01
C GLU C 716 -7.20 7.20 29.43
N LYS C 717 -7.31 5.98 28.94
CA LYS C 717 -8.60 5.50 28.42
C LYS C 717 -9.65 5.40 29.52
N THR C 718 -9.25 4.95 30.71
CA THR C 718 -10.17 4.87 31.84
C THR C 718 -10.49 6.23 32.45
N LEU C 719 -9.62 7.23 32.21
CA LEU C 719 -9.85 8.56 32.76
C LEU C 719 -11.06 9.21 32.07
N PRO C 720 -11.78 10.08 32.79
CA PRO C 720 -12.92 10.81 32.23
C PRO C 720 -12.55 11.66 31.02
N GLU D 31 15.49 -5.23 45.18
CA GLU D 31 14.30 -4.68 44.54
C GLU D 31 13.53 -3.78 45.50
N PRO D 32 13.08 -2.62 45.00
CA PRO D 32 12.32 -1.71 45.86
C PRO D 32 11.03 -2.36 46.32
N PRO D 33 10.61 -2.11 47.56
CA PRO D 33 9.39 -2.73 48.07
C PRO D 33 8.15 -2.13 47.40
N PRO D 34 7.06 -2.89 47.33
CA PRO D 34 5.84 -2.38 46.69
C PRO D 34 5.17 -1.30 47.52
N MET D 35 4.40 -0.46 46.84
CA MET D 35 3.67 0.60 47.52
C MET D 35 2.56 0.04 48.40
N GLU D 36 1.78 -0.92 47.89
CA GLU D 36 0.70 -1.53 48.64
C GLU D 36 0.59 -3.00 48.22
N SER D 37 0.30 -3.86 49.18
CA SER D 37 0.23 -5.28 48.89
C SER D 37 -0.79 -6.00 49.76
N PRO D 38 -1.92 -6.42 49.18
CA PRO D 38 -2.85 -7.28 49.93
C PRO D 38 -2.24 -8.60 50.33
N PHE D 39 -1.30 -9.13 49.54
CA PHE D 39 -0.71 -10.44 49.80
C PHE D 39 0.57 -10.32 50.62
N GLN D 40 1.56 -9.61 50.08
CA GLN D 40 2.84 -9.48 50.77
C GLN D 40 2.72 -8.54 51.96
N ARG D 41 3.25 -8.97 53.10
CA ARG D 41 3.25 -8.13 54.29
C ARG D 41 4.32 -7.05 54.18
N GLU D 42 4.14 -5.99 54.97
CA GLU D 42 5.09 -4.89 54.97
C GLU D 42 6.40 -5.32 55.62
N ASP D 43 7.48 -4.62 55.27
CA ASP D 43 8.81 -4.99 55.74
C ASP D 43 8.92 -4.77 57.24
N ARG D 44 9.54 -5.75 57.92
CA ARG D 44 9.72 -5.63 59.37
C ARG D 44 10.87 -4.70 59.71
N ASN D 45 11.89 -4.63 58.87
CA ASN D 45 13.07 -3.83 59.13
C ASN D 45 12.75 -2.35 59.25
N PRO D 72 -3.37 -1.08 79.35
CA PRO D 72 -4.29 -1.24 78.22
C PRO D 72 -3.86 -2.34 77.26
N ASP D 73 -4.75 -2.71 76.33
CA ASP D 73 -4.45 -3.76 75.38
C ASP D 73 -3.36 -3.31 74.42
N ARG D 74 -2.58 -4.29 73.93
CA ARG D 74 -1.47 -3.98 73.05
C ARG D 74 -1.98 -3.53 71.68
N PHE D 75 -1.28 -2.54 71.10
CA PHE D 75 -1.60 -1.98 69.79
C PHE D 75 -0.33 -1.90 68.94
N ASP D 76 0.35 -3.05 68.85
CA ASP D 76 1.59 -3.17 68.09
C ASP D 76 1.38 -2.80 66.62
N ARG D 77 2.51 -2.73 65.90
CA ARG D 77 2.52 -2.23 64.54
C ARG D 77 1.64 -3.06 63.61
N ASP D 78 1.72 -4.39 63.71
CA ASP D 78 0.95 -5.25 62.82
C ASP D 78 -0.55 -5.10 63.02
N ARG D 79 -1.02 -5.05 64.27
CA ARG D 79 -2.45 -4.91 64.52
C ARG D 79 -2.91 -3.48 64.23
N LEU D 80 -1.99 -2.53 64.28
CA LEU D 80 -2.31 -1.15 63.89
C LEU D 80 -2.56 -1.07 62.39
N PHE D 81 -1.71 -1.71 61.59
CA PHE D 81 -1.87 -1.67 60.14
C PHE D 81 -3.07 -2.49 59.68
N SER D 82 -3.46 -3.51 60.45
CA SER D 82 -4.59 -4.34 60.07
C SER D 82 -5.90 -3.58 60.17
N VAL D 83 -6.10 -2.85 61.27
CA VAL D 83 -7.37 -2.16 61.48
C VAL D 83 -7.53 -1.00 60.51
N VAL D 84 -6.45 -0.29 60.21
CA VAL D 84 -6.56 0.88 59.32
C VAL D 84 -6.88 0.46 57.90
N SER D 85 -6.36 -0.69 57.46
CA SER D 85 -6.65 -1.18 56.11
C SER D 85 -8.09 -1.65 55.98
N ARG D 86 -8.65 -2.29 57.02
CA ARG D 86 -10.02 -2.75 56.96
C ARG D 86 -11.03 -1.62 57.09
N GLY D 87 -10.62 -0.47 57.62
CA GLY D 87 -11.51 0.67 57.70
C GLY D 87 -12.55 0.60 58.79
N VAL D 88 -12.24 -0.05 59.91
CA VAL D 88 -13.17 -0.14 61.04
C VAL D 88 -12.62 0.68 62.20
N PRO D 89 -13.16 1.89 62.44
CA PRO D 89 -12.65 2.70 63.56
C PRO D 89 -13.00 2.16 64.93
N GLU D 90 -13.95 1.22 65.02
CA GLU D 90 -14.37 0.73 66.32
C GLU D 90 -13.23 0.02 67.06
N GLU D 91 -12.45 -0.79 66.34
CA GLU D 91 -11.35 -1.48 66.99
C GLU D 91 -10.17 -0.55 67.24
N LEU D 92 -10.13 0.60 66.59
CA LEU D 92 -9.00 1.53 66.73
C LEU D 92 -9.09 2.37 68.00
N THR D 93 -10.21 2.30 68.73
CA THR D 93 -10.48 3.26 69.79
C THR D 93 -9.43 3.22 70.90
N GLY D 94 -8.85 2.05 71.17
CA GLY D 94 -7.90 1.94 72.27
C GLY D 94 -6.50 2.39 71.92
N LEU D 95 -6.27 2.84 70.68
CA LEU D 95 -4.92 3.22 70.26
C LEU D 95 -4.38 4.37 71.08
N LEU D 96 -5.25 5.30 71.48
CA LEU D 96 -4.82 6.42 72.29
C LEU D 96 -4.27 5.96 73.63
N GLU D 97 -4.90 4.94 74.24
CA GLU D 97 -4.43 4.44 75.53
C GLU D 97 -3.06 3.80 75.41
N TYR D 98 -2.83 3.00 74.35
CA TYR D 98 -1.53 2.37 74.18
C TYR D 98 -0.44 3.41 73.89
N LEU D 99 -0.75 4.40 73.06
CA LEU D 99 0.21 5.47 72.80
C LEU D 99 0.52 6.26 74.06
N ARG D 100 -0.52 6.55 74.85
CA ARG D 100 -0.31 7.25 76.12
C ARG D 100 0.50 6.41 77.09
N TRP D 101 0.23 5.09 77.13
CA TRP D 101 0.97 4.21 78.03
C TRP D 101 2.45 4.17 77.69
N ASN D 102 2.76 4.07 76.39
CA ASN D 102 4.15 4.00 75.96
C ASN D 102 4.78 5.37 75.74
N SER D 103 3.99 6.44 75.81
CA SER D 103 4.47 7.80 75.57
C SER D 103 5.15 7.92 74.22
N LYS D 104 4.49 7.39 73.19
CA LYS D 104 5.00 7.37 71.84
C LYS D 104 3.98 7.97 70.88
N TYR D 105 4.41 8.16 69.64
CA TYR D 105 3.58 8.79 68.61
C TYR D 105 3.52 7.90 67.38
N LEU D 106 2.47 8.10 66.59
CA LEU D 106 2.27 7.28 65.39
C LEU D 106 3.35 7.50 64.34
N THR D 107 3.99 8.66 64.32
CA THR D 107 5.05 8.95 63.36
C THR D 107 6.34 8.21 63.66
N ASP D 108 6.44 7.57 64.83
CA ASP D 108 7.67 6.88 65.20
C ASP D 108 7.95 5.74 64.23
N SER D 109 9.23 5.38 64.13
CA SER D 109 9.65 4.35 63.18
C SER D 109 9.06 2.99 63.53
N ALA D 110 8.64 2.81 64.77
CA ALA D 110 8.05 1.54 65.18
C ALA D 110 6.72 1.27 64.48
N TYR D 111 5.98 2.33 64.14
CA TYR D 111 4.68 2.19 63.49
C TYR D 111 4.75 2.37 61.98
N THR D 112 5.94 2.23 61.39
CA THR D 112 6.10 2.27 59.94
C THR D 112 6.97 1.08 59.52
N GLU D 113 7.01 0.83 58.22
CA GLU D 113 7.93 -0.15 57.66
C GLU D 113 9.27 0.52 57.40
N GLY D 114 10.35 -0.06 57.92
CA GLY D 114 11.65 0.58 57.89
C GLY D 114 12.22 0.77 56.50
N SER D 115 11.78 -0.03 55.52
CA SER D 115 12.29 0.11 54.17
C SER D 115 11.89 1.42 53.53
N THR D 116 10.69 1.93 53.81
CA THR D 116 10.23 3.17 53.19
C THR D 116 9.84 4.22 54.24
N GLY D 117 9.35 3.77 55.39
CA GLY D 117 8.75 4.68 56.34
C GLY D 117 7.28 4.92 56.12
N LYS D 118 6.63 4.09 55.31
CA LYS D 118 5.20 4.22 55.05
C LYS D 118 4.41 4.15 56.35
N THR D 119 3.74 5.25 56.68
CA THR D 119 3.03 5.38 57.95
C THR D 119 1.67 4.71 57.87
N CYS D 120 1.01 4.62 59.04
CA CYS D 120 -0.32 4.03 59.10
C CYS D 120 -1.34 4.86 58.35
N LEU D 121 -1.19 6.18 58.37
CA LEU D 121 -2.10 7.05 57.62
C LEU D 121 -1.99 6.80 56.12
N MET D 122 -0.77 6.65 55.61
CA MET D 122 -0.59 6.32 54.20
C MET D 122 -1.11 4.93 53.88
N LYS D 123 -1.01 4.01 54.86
CA LYS D 123 -1.65 2.71 54.71
C LYS D 123 -3.17 2.86 54.59
N ALA D 124 -3.76 3.74 55.40
CA ALA D 124 -5.21 3.89 55.41
C ALA D 124 -5.74 4.40 54.06
N VAL D 125 -5.02 5.35 53.45
CA VAL D 125 -5.53 5.94 52.21
C VAL D 125 -5.29 5.03 51.02
N LEU D 126 -4.50 3.96 51.19
CA LEU D 126 -4.28 3.03 50.09
C LEU D 126 -5.37 1.98 49.97
N ASN D 127 -6.29 1.88 50.92
CA ASN D 127 -7.40 0.94 50.87
C ASN D 127 -8.72 1.66 51.05
N LEU D 128 -8.91 2.75 50.31
CA LEU D 128 -10.18 3.47 50.34
C LEU D 128 -11.31 2.58 49.85
N GLN D 129 -12.48 2.75 50.47
CA GLN D 129 -13.67 1.97 50.13
C GLN D 129 -14.72 2.92 49.59
N ASP D 130 -15.01 2.79 48.29
CA ASP D 130 -15.97 3.68 47.60
C ASP D 130 -15.58 5.15 47.75
N GLY D 131 -14.27 5.41 47.69
CA GLY D 131 -13.75 6.76 47.73
C GLY D 131 -13.53 7.34 49.11
N VAL D 132 -13.78 6.58 50.17
CA VAL D 132 -13.59 7.07 51.54
C VAL D 132 -13.15 5.92 52.43
N ASN D 133 -12.40 6.26 53.48
CA ASN D 133 -11.99 5.32 54.50
C ASN D 133 -12.36 5.92 55.86
N ALA D 134 -13.20 5.22 56.61
CA ALA D 134 -13.70 5.76 57.87
C ALA D 134 -12.63 5.77 58.97
N CYS D 135 -11.48 5.17 58.72
CA CYS D 135 -10.46 5.06 59.77
C CYS D 135 -9.50 6.26 59.78
N ILE D 136 -9.41 7.00 58.67
CA ILE D 136 -8.39 8.05 58.57
C ILE D 136 -8.72 9.22 59.50
N MET D 137 -10.00 9.56 59.61
CA MET D 137 -10.37 10.68 60.47
C MET D 137 -10.09 10.42 61.95
N PRO D 138 -10.48 9.28 62.55
CA PRO D 138 -10.04 9.00 63.92
C PRO D 138 -8.53 8.92 64.05
N LEU D 139 -7.84 8.46 63.00
CA LEU D 139 -6.39 8.33 63.06
C LEU D 139 -5.73 9.69 63.28
N LEU D 140 -6.19 10.72 62.59
CA LEU D 140 -5.63 12.06 62.78
C LEU D 140 -5.94 12.58 64.18
N GLN D 141 -7.13 12.27 64.70
CA GLN D 141 -7.50 12.73 66.03
C GLN D 141 -6.60 12.11 67.10
N ILE D 142 -6.40 10.79 67.03
CA ILE D 142 -5.55 10.12 68.01
C ILE D 142 -4.12 10.64 67.92
N ASP D 143 -3.65 10.94 66.71
CA ASP D 143 -2.33 11.54 66.55
C ASP D 143 -2.29 12.91 67.22
N LYS D 144 -3.38 13.68 67.13
CA LYS D 144 -3.43 14.98 67.77
C LYS D 144 -3.35 14.86 69.29
N ASP D 145 -4.10 13.91 69.87
CA ASP D 145 -4.06 13.73 71.32
C ASP D 145 -2.76 13.09 71.79
N SER D 146 -2.00 12.46 70.88
CA SER D 146 -0.76 11.82 71.27
C SER D 146 0.37 12.83 71.50
N GLY D 147 0.15 14.09 71.17
CA GLY D 147 1.22 15.08 71.28
C GLY D 147 2.35 14.87 70.31
N ASN D 148 2.05 14.52 69.07
CA ASN D 148 3.09 14.21 68.10
C ASN D 148 3.81 15.49 67.69
N PRO D 149 5.14 15.57 67.87
CA PRO D 149 5.88 16.73 67.36
C PRO D 149 5.98 16.78 65.85
N LYS D 150 5.77 15.65 65.16
CA LYS D 150 5.79 15.57 63.70
C LYS D 150 4.42 15.07 63.27
N LEU D 151 3.57 15.98 62.79
CA LEU D 151 2.20 15.65 62.46
C LEU D 151 2.13 14.56 61.40
N LEU D 152 1.20 13.62 61.59
CA LEU D 152 1.12 12.45 60.72
C LEU D 152 0.71 12.84 59.30
N VAL D 153 -0.04 13.94 59.14
CA VAL D 153 -0.46 14.35 57.81
C VAL D 153 0.73 14.74 56.95
N ASN D 154 1.78 15.30 57.56
CA ASN D 154 2.95 15.76 56.83
C ASN D 154 4.05 14.70 56.74
N ALA D 155 3.81 13.49 57.22
CA ALA D 155 4.81 12.44 57.17
C ALA D 155 5.10 12.03 55.73
N GLN D 156 6.36 11.69 55.47
CA GLN D 156 6.80 11.32 54.14
C GLN D 156 7.68 10.07 54.22
N CYS D 157 7.73 9.34 53.11
CA CYS D 157 8.59 8.16 53.03
C CYS D 157 10.06 8.57 52.99
N THR D 158 10.94 7.63 53.37
CA THR D 158 12.37 7.87 53.38
C THR D 158 13.13 7.00 52.39
N ASP D 159 12.46 6.05 51.74
CA ASP D 159 13.13 5.18 50.78
C ASP D 159 13.60 5.98 49.57
N GLU D 160 14.69 5.49 48.95
CA GLU D 160 15.22 6.15 47.77
C GLU D 160 14.25 6.04 46.60
N PHE D 161 13.31 5.09 46.66
CA PHE D 161 12.36 4.90 45.57
C PHE D 161 11.15 5.82 45.74
N TYR D 162 10.56 5.83 46.93
CA TYR D 162 9.36 6.61 47.21
C TYR D 162 9.65 7.84 48.07
N GLN D 163 10.83 8.45 47.92
CA GLN D 163 11.20 9.58 48.75
C GLN D 163 10.25 10.75 48.55
N GLY D 164 9.76 11.31 49.66
CA GLY D 164 8.85 12.42 49.64
C GLY D 164 7.39 12.07 49.45
N HIS D 165 7.07 10.79 49.26
CA HIS D 165 5.68 10.39 49.10
C HIS D 165 4.91 10.62 50.39
N SER D 166 3.72 11.19 50.27
CA SER D 166 2.92 11.57 51.42
C SER D 166 1.50 11.06 51.25
N ALA D 167 0.74 11.09 52.34
CA ALA D 167 -0.63 10.62 52.31
C ALA D 167 -1.51 11.48 51.40
N LEU D 168 -1.16 12.76 51.24
CA LEU D 168 -1.93 13.63 50.36
C LEU D 168 -1.82 13.18 48.91
N HIS D 169 -0.64 12.76 48.49
CA HIS D 169 -0.45 12.30 47.10
C HIS D 169 -1.30 11.06 46.82
N ILE D 170 -1.37 10.13 47.78
CA ILE D 170 -2.15 8.92 47.59
C ILE D 170 -3.63 9.25 47.42
N ALA D 171 -4.15 10.17 48.24
CA ALA D 171 -5.54 10.55 48.13
C ALA D 171 -5.84 11.21 46.78
N ILE D 172 -4.91 12.04 46.29
CA ILE D 172 -5.09 12.68 44.99
C ILE D 172 -5.10 11.64 43.88
N GLU D 173 -4.17 10.68 43.94
CA GLU D 173 -4.11 9.64 42.91
C GLU D 173 -5.37 8.78 42.94
N LYS D 174 -5.83 8.41 44.13
CA LYS D 174 -7.03 7.60 44.26
C LYS D 174 -8.31 8.34 43.91
N ARG D 175 -8.21 9.57 43.42
CA ARG D 175 -9.34 10.37 42.95
C ARG D 175 -10.41 10.57 44.01
N SER D 176 -10.03 10.68 45.28
CA SER D 176 -10.99 10.86 46.36
C SER D 176 -10.91 12.30 46.84
N LEU D 177 -11.90 13.11 46.45
CA LEU D 177 -11.97 14.48 46.91
C LEU D 177 -12.25 14.56 48.40
N GLN D 178 -12.98 13.59 48.93
CA GLN D 178 -13.32 13.59 50.35
C GLN D 178 -12.09 13.45 51.22
N CYS D 179 -11.19 12.53 50.87
CA CYS D 179 -9.94 12.41 51.63
C CYS D 179 -9.03 13.60 51.40
N VAL D 180 -9.02 14.14 50.18
CA VAL D 180 -8.19 15.31 49.89
C VAL D 180 -8.60 16.49 50.76
N LYS D 181 -9.91 16.73 50.86
CA LYS D 181 -10.41 17.79 51.72
C LYS D 181 -10.08 17.51 53.19
N LEU D 182 -10.25 16.25 53.61
CA LEU D 182 -10.07 15.91 55.02
C LEU D 182 -8.62 16.09 55.48
N LEU D 183 -7.66 15.69 54.65
CA LEU D 183 -6.26 15.82 55.04
C LEU D 183 -5.81 17.28 55.04
N VAL D 184 -6.18 18.03 54.02
CA VAL D 184 -5.75 19.43 53.91
C VAL D 184 -6.33 20.26 55.04
N GLU D 185 -7.60 20.02 55.41
CA GLU D 185 -8.21 20.77 56.50
C GLU D 185 -7.49 20.51 57.82
N ASN D 186 -6.82 19.38 57.95
CA ASN D 186 -6.10 19.03 59.18
C ASN D 186 -4.64 19.47 59.14
N GLY D 187 -4.20 20.13 58.08
CA GLY D 187 -2.86 20.65 58.01
C GLY D 187 -1.90 19.92 57.10
N ALA D 188 -2.39 19.21 56.09
CA ALA D 188 -1.50 18.53 55.15
C ALA D 188 -0.90 19.56 54.19
N ASP D 189 0.43 19.66 54.19
CA ASP D 189 1.10 20.63 53.33
C ASP D 189 0.85 20.31 51.87
N VAL D 190 0.52 21.34 51.09
CA VAL D 190 0.18 21.17 49.68
C VAL D 190 1.42 21.39 48.83
N HIS D 191 2.58 21.50 49.48
CA HIS D 191 3.85 21.70 48.78
C HIS D 191 4.85 20.59 49.10
N LEU D 192 4.35 19.41 49.46
CA LEU D 192 5.22 18.29 49.75
C LEU D 192 5.77 17.72 48.44
N ARG D 193 7.10 17.60 48.36
CA ARG D 193 7.77 17.16 47.15
C ARG D 193 8.03 15.67 47.22
N ALA D 194 7.40 14.91 46.32
CA ALA D 194 7.65 13.48 46.19
C ALA D 194 8.83 13.31 45.22
N CYS D 195 10.04 13.39 45.77
CA CYS D 195 11.26 13.41 44.98
C CYS D 195 11.98 12.07 44.98
N GLY D 196 11.24 10.97 45.00
CA GLY D 196 11.84 9.65 44.95
C GLY D 196 12.18 9.22 43.53
N ARG D 197 12.92 8.12 43.43
CA ARG D 197 13.28 7.59 42.13
C ARG D 197 12.08 7.09 41.35
N PHE D 198 11.00 6.70 42.04
CA PHE D 198 9.79 6.29 41.35
C PHE D 198 9.11 7.44 40.65
N PHE D 199 9.20 8.65 41.21
CA PHE D 199 8.53 9.82 40.65
C PHE D 199 9.39 10.60 39.67
N GLN D 200 10.68 10.26 39.53
CA GLN D 200 11.53 10.93 38.56
C GLN D 200 11.36 10.33 37.19
N LYS D 201 11.52 11.17 36.16
CA LYS D 201 11.35 10.74 34.78
C LYS D 201 12.60 10.01 34.30
N HIS D 202 12.44 8.72 33.99
CA HIS D 202 13.54 7.92 33.47
C HIS D 202 12.95 6.67 32.82
N GLN D 203 13.82 5.89 32.19
CA GLN D 203 13.38 4.68 31.51
C GLN D 203 12.86 3.65 32.50
N GLY D 204 11.79 2.96 32.11
CA GLY D 204 11.27 1.88 32.92
C GLY D 204 10.22 2.34 33.92
N THR D 205 10.35 1.83 35.15
CA THR D 205 9.39 2.10 36.22
C THR D 205 9.48 3.56 36.64
N CYS D 206 8.48 4.36 36.25
CA CYS D 206 8.43 5.77 36.61
C CYS D 206 7.02 6.28 36.37
N PHE D 207 6.69 7.36 37.08
CA PHE D 207 5.47 8.14 36.85
C PHE D 207 5.80 9.58 37.22
N TYR D 208 6.18 10.38 36.22
CA TYR D 208 6.50 11.77 36.47
C TYR D 208 5.25 12.62 36.34
N PHE D 209 4.92 13.36 37.39
CA PHE D 209 3.80 14.29 37.39
C PHE D 209 4.21 15.64 37.95
N GLY D 210 5.49 15.99 37.83
CA GLY D 210 6.06 16.97 38.74
C GLY D 210 6.42 16.29 40.05
N GLU D 211 6.31 17.04 41.14
CA GLU D 211 6.52 16.48 42.47
C GLU D 211 5.52 16.99 43.50
N LEU D 212 4.48 17.70 43.08
CA LEU D 212 3.59 18.36 44.03
C LEU D 212 2.17 17.80 43.95
N PRO D 213 1.40 17.89 45.04
CA PRO D 213 -0.01 17.48 44.97
C PRO D 213 -0.80 18.23 43.92
N LEU D 214 -0.55 19.54 43.76
CA LEU D 214 -1.25 20.30 42.73
C LEU D 214 -0.88 19.80 41.33
N SER D 215 0.42 19.53 41.10
CA SER D 215 0.84 19.02 39.80
C SER D 215 0.32 17.61 39.56
N LEU D 216 0.25 16.78 40.60
CA LEU D 216 -0.30 15.44 40.45
C LEU D 216 -1.78 15.50 40.04
N ALA D 217 -2.54 16.38 40.66
CA ALA D 217 -3.95 16.53 40.32
C ALA D 217 -4.13 17.04 38.90
N ALA D 218 -3.28 17.97 38.47
CA ALA D 218 -3.35 18.47 37.10
C ALA D 218 -3.05 17.36 36.10
N CYS D 219 -2.06 16.52 36.39
CA CYS D 219 -1.68 15.45 35.47
C CYS D 219 -2.74 14.36 35.38
N THR D 220 -3.61 14.24 36.38
CA THR D 220 -4.72 13.29 36.37
C THR D 220 -6.04 13.93 35.97
N LYS D 221 -5.99 15.14 35.42
CA LYS D 221 -7.16 15.96 35.05
C LYS D 221 -8.27 15.88 36.09
N GLN D 222 -7.91 15.95 37.38
CA GLN D 222 -8.89 16.01 38.45
C GLN D 222 -9.29 17.48 38.61
N TRP D 223 -10.25 17.92 37.79
CA TRP D 223 -10.63 19.33 37.78
C TRP D 223 -11.16 19.77 39.14
N ASP D 224 -11.83 18.87 39.85
CA ASP D 224 -12.36 19.23 41.16
C ASP D 224 -11.25 19.39 42.20
N VAL D 225 -10.20 18.56 42.09
CA VAL D 225 -9.13 18.60 43.09
C VAL D 225 -8.29 19.86 42.93
N VAL D 226 -7.94 20.23 41.69
CA VAL D 226 -7.11 21.40 41.47
C VAL D 226 -7.86 22.66 41.89
N THR D 227 -9.17 22.70 41.66
CA THR D 227 -9.98 23.83 42.10
C THR D 227 -9.91 23.98 43.61
N TYR D 228 -9.98 22.87 44.34
CA TYR D 228 -9.96 22.95 45.79
C TYR D 228 -8.58 23.35 46.30
N LEU D 229 -7.53 22.71 45.75
CA LEU D 229 -6.16 22.97 46.20
C LEU D 229 -5.75 24.41 45.96
N LEU D 230 -6.36 25.08 44.98
CA LEU D 230 -6.04 26.48 44.71
C LEU D 230 -6.90 27.42 45.56
N GLU D 231 -8.18 27.08 45.73
CA GLU D 231 -9.12 27.99 46.36
C GLU D 231 -9.40 27.68 47.83
N ASN D 232 -8.79 26.65 48.39
CA ASN D 232 -9.11 26.29 49.77
C ASN D 232 -8.50 27.31 50.73
N PRO D 233 -9.28 27.80 51.70
CA PRO D 233 -8.72 28.75 52.68
C PRO D 233 -7.74 28.11 53.65
N HIS D 234 -7.81 26.78 53.84
CA HIS D 234 -6.95 26.13 54.82
C HIS D 234 -5.49 26.17 54.41
N GLN D 235 -5.20 25.78 53.17
CA GLN D 235 -3.83 25.77 52.66
C GLN D 235 -3.83 25.82 51.15
N PRO D 236 -3.87 27.01 50.53
CA PRO D 236 -3.84 27.10 49.07
C PRO D 236 -2.48 26.70 48.52
N ALA D 237 -2.49 26.09 47.35
CA ALA D 237 -1.26 25.67 46.67
C ALA D 237 -0.89 26.73 45.63
N SER D 238 0.29 27.31 45.78
CA SER D 238 0.74 28.35 44.85
C SER D 238 1.02 27.76 43.49
N LEU D 239 0.61 28.45 42.44
CA LEU D 239 0.94 28.03 41.08
C LEU D 239 2.42 28.26 40.77
N GLU D 240 3.07 29.18 41.49
CA GLU D 240 4.51 29.38 41.36
C GLU D 240 5.34 28.28 42.02
N ALA D 241 4.70 27.39 42.77
CA ALA D 241 5.45 26.36 43.49
C ALA D 241 6.21 25.47 42.52
N THR D 242 7.43 25.10 42.91
CA THR D 242 8.41 24.54 42.01
C THR D 242 8.95 23.22 42.57
N ASP D 243 9.09 22.23 41.69
CA ASP D 243 9.65 20.95 42.09
C ASP D 243 11.19 21.02 42.17
N SER D 244 11.81 19.85 42.36
CA SER D 244 13.25 19.79 42.56
C SER D 244 14.04 20.14 41.31
N LEU D 245 13.48 19.94 40.12
CA LEU D 245 14.19 20.20 38.87
C LEU D 245 13.85 21.55 38.26
N GLY D 246 13.12 22.41 38.96
CA GLY D 246 12.71 23.69 38.44
C GLY D 246 11.37 23.70 37.73
N ASN D 247 10.74 22.53 37.56
CA ASN D 247 9.47 22.45 36.84
C ASN D 247 8.32 22.90 37.73
N THR D 248 7.50 23.81 37.21
CA THR D 248 6.25 24.17 37.86
C THR D 248 5.14 23.23 37.41
N VAL D 249 3.90 23.59 37.74
CA VAL D 249 2.77 22.79 37.31
C VAL D 249 2.60 22.85 35.80
N LEU D 250 2.84 24.02 35.20
CA LEU D 250 2.75 24.14 33.75
C LEU D 250 3.85 23.34 33.05
N HIS D 251 5.06 23.34 33.62
CA HIS D 251 6.14 22.54 33.04
C HIS D 251 5.83 21.06 33.10
N ALA D 252 5.21 20.61 34.20
CA ALA D 252 4.90 19.18 34.35
C ALA D 252 3.95 18.71 33.26
N LEU D 253 2.92 19.51 32.97
CA LEU D 253 1.97 19.14 31.92
C LEU D 253 2.66 19.06 30.56
N VAL D 254 3.65 19.92 30.33
CA VAL D 254 4.34 19.95 29.05
C VAL D 254 5.11 18.66 28.81
N MET D 255 5.84 18.19 29.83
CA MET D 255 6.75 17.07 29.64
C MET D 255 6.13 15.71 29.94
N ILE D 256 4.85 15.66 30.36
CA ILE D 256 4.11 14.40 30.31
C ILE D 256 3.29 14.28 29.03
N ALA D 257 3.26 15.33 28.21
CA ALA D 257 2.44 15.32 27.01
C ALA D 257 3.03 14.41 25.95
N ASP D 258 2.18 13.58 25.36
CA ASP D 258 2.53 12.82 24.18
C ASP D 258 1.99 13.51 22.93
N ASN D 259 2.42 13.01 21.77
CA ASN D 259 1.92 13.55 20.51
C ASN D 259 0.62 12.91 20.07
N SER D 260 0.10 11.96 20.83
CA SER D 260 -1.21 11.38 20.55
C SER D 260 -2.30 12.44 20.77
N PRO D 261 -3.42 12.34 20.04
CA PRO D 261 -4.43 13.40 20.16
C PRO D 261 -5.34 13.26 21.37
N GLU D 262 -5.50 12.06 21.91
CA GLU D 262 -6.28 11.90 23.13
C GLU D 262 -5.58 12.57 24.31
N ASN D 263 -4.26 12.41 24.41
CA ASN D 263 -3.52 12.97 25.53
C ASN D 263 -3.17 14.44 25.28
N SER D 264 -3.02 14.83 24.00
CA SER D 264 -2.79 16.23 23.68
C SER D 264 -3.98 17.09 24.11
N ALA D 265 -5.20 16.59 23.90
CA ALA D 265 -6.38 17.31 24.37
C ALA D 265 -6.39 17.43 25.88
N LEU D 266 -5.91 16.40 26.57
CA LEU D 266 -5.80 16.46 28.03
C LEU D 266 -4.87 17.58 28.48
N VAL D 267 -3.68 17.65 27.86
CA VAL D 267 -2.68 18.62 28.28
C VAL D 267 -3.11 20.03 27.90
N ILE D 268 -3.65 20.21 26.69
CA ILE D 268 -4.05 21.54 26.23
C ILE D 268 -5.17 22.08 27.11
N HIS D 269 -6.16 21.24 27.43
CA HIS D 269 -7.26 21.68 28.29
C HIS D 269 -6.76 22.02 29.69
N MET D 270 -5.88 21.20 30.25
CA MET D 270 -5.31 21.51 31.56
C MET D 270 -4.42 22.74 31.52
N TYR D 271 -3.62 22.87 30.46
CA TYR D 271 -2.75 24.05 30.35
C TYR D 271 -3.58 25.32 30.22
N ASP D 272 -4.64 25.28 29.42
CA ASP D 272 -5.48 26.45 29.21
C ASP D 272 -6.20 26.86 30.50
N GLY D 273 -6.80 25.88 31.18
CA GLY D 273 -7.55 26.19 32.39
C GLY D 273 -6.68 26.72 33.51
N LEU D 274 -5.52 26.09 33.71
CA LEU D 274 -4.61 26.55 34.77
C LEU D 274 -4.07 27.94 34.47
N LEU D 275 -3.74 28.22 33.20
CA LEU D 275 -3.29 29.55 32.83
C LEU D 275 -4.40 30.58 33.05
N GLN D 276 -5.63 30.25 32.66
CA GLN D 276 -6.74 31.17 32.87
C GLN D 276 -7.02 31.37 34.36
N MET D 277 -6.99 30.29 35.15
CA MET D 277 -7.18 30.42 36.59
C MET D 277 -6.05 31.20 37.25
N GLY D 278 -4.83 31.12 36.69
CA GLY D 278 -3.73 31.88 37.24
C GLY D 278 -3.96 33.38 37.15
N ALA D 279 -4.63 33.81 36.08
CA ALA D 279 -4.97 35.23 35.92
C ALA D 279 -5.94 35.71 36.99
N ARG D 280 -6.73 34.82 37.58
CA ARG D 280 -7.66 35.19 38.63
C ARG D 280 -7.01 35.15 40.02
N LEU D 281 -6.31 34.05 40.33
CA LEU D 281 -5.68 33.91 41.63
C LEU D 281 -4.49 34.85 41.79
N CYS D 282 -3.60 34.91 40.80
CA CYS D 282 -2.41 35.77 40.86
C CYS D 282 -2.33 36.57 39.57
N PRO D 283 -3.11 37.65 39.45
CA PRO D 283 -3.08 38.45 38.21
C PRO D 283 -1.73 39.07 37.93
N THR D 284 -0.93 39.34 38.95
CA THR D 284 0.37 40.00 38.77
C THR D 284 1.49 39.04 38.38
N VAL D 285 1.21 37.74 38.29
CA VAL D 285 2.22 36.72 38.01
C VAL D 285 2.02 36.21 36.60
N GLN D 286 3.10 36.24 35.81
CA GLN D 286 3.13 35.62 34.49
C GLN D 286 3.74 34.23 34.66
N LEU D 287 2.88 33.21 34.66
CA LEU D 287 3.32 31.86 34.98
C LEU D 287 4.26 31.30 33.92
N GLU D 288 4.11 31.72 32.66
CA GLU D 288 4.93 31.20 31.59
C GLU D 288 6.36 31.73 31.62
N GLU D 289 6.66 32.73 32.45
CA GLU D 289 8.00 33.28 32.54
C GLU D 289 8.89 32.54 33.54
N ILE D 290 8.35 31.62 34.32
CA ILE D 290 9.16 30.86 35.27
C ILE D 290 9.96 29.81 34.50
N SER D 291 11.23 29.69 34.84
CA SER D 291 12.15 28.80 34.15
C SER D 291 12.68 27.72 35.11
N ASN D 292 13.05 26.58 34.54
CA ASN D 292 13.61 25.50 35.33
C ASN D 292 15.07 25.83 35.69
N HIS D 293 15.72 24.86 36.35
CA HIS D 293 17.15 24.98 36.59
C HIS D 293 17.95 24.95 35.30
N GLN D 294 17.40 24.34 34.24
CA GLN D 294 17.99 24.41 32.92
C GLN D 294 17.75 25.75 32.24
N GLY D 295 16.90 26.60 32.80
CA GLY D 295 16.61 27.89 32.19
C GLY D 295 15.61 27.84 31.06
N LEU D 296 14.62 26.96 31.13
CA LEU D 296 13.64 26.79 30.06
C LEU D 296 12.24 27.16 30.55
N THR D 297 11.58 28.05 29.83
CA THR D 297 10.18 28.37 30.05
C THR D 297 9.33 27.22 29.52
N PRO D 298 8.04 27.16 29.91
CA PRO D 298 7.19 26.08 29.39
C PRO D 298 7.12 26.04 27.87
N LEU D 299 7.21 27.19 27.20
CA LEU D 299 7.28 27.19 25.74
C LEU D 299 8.61 26.60 25.27
N LYS D 300 9.71 27.00 25.90
CA LYS D 300 11.02 26.48 25.51
C LYS D 300 11.13 24.99 25.82
N LEU D 301 10.58 24.55 26.95
CA LEU D 301 10.64 23.14 27.31
C LEU D 301 9.92 22.27 26.29
N ALA D 302 8.75 22.73 25.81
CA ALA D 302 8.03 21.98 24.79
C ALA D 302 8.86 21.85 23.51
N ALA D 303 9.70 22.83 23.22
CA ALA D 303 10.56 22.76 22.04
C ALA D 303 11.69 21.74 22.25
N LYS D 304 12.32 21.76 23.42
CA LYS D 304 13.42 20.85 23.68
C LYS D 304 12.95 19.40 23.74
N GLU D 305 11.81 19.15 24.40
CA GLU D 305 11.28 17.80 24.49
C GLU D 305 10.68 17.32 23.18
N GLY D 306 10.52 18.20 22.19
CA GLY D 306 9.98 17.80 20.91
C GLY D 306 8.53 17.35 20.93
N LYS D 307 7.67 18.08 21.62
CA LYS D 307 6.26 17.75 21.72
C LYS D 307 5.47 18.83 20.99
N ILE D 308 5.15 18.53 19.72
CA ILE D 308 4.61 19.54 18.82
C ILE D 308 3.23 20.01 19.27
N GLU D 309 2.38 19.07 19.70
CA GLU D 309 0.98 19.40 19.96
C GLU D 309 0.84 20.45 21.04
N ILE D 310 1.56 20.29 22.16
CA ILE D 310 1.56 21.32 23.19
C ILE D 310 2.34 22.54 22.71
N PHE D 311 3.42 22.33 21.95
CA PHE D 311 4.22 23.44 21.44
C PHE D 311 3.41 24.31 20.48
N ARG D 312 2.64 23.69 19.59
CA ARG D 312 1.87 24.44 18.62
C ARG D 312 0.79 25.28 19.29
N HIS D 313 0.11 24.72 20.30
CA HIS D 313 -0.96 25.44 20.96
C HIS D 313 -0.45 26.68 21.67
N ILE D 314 0.66 26.55 22.40
CA ILE D 314 1.24 27.70 23.09
C ILE D 314 1.71 28.75 22.08
N LEU D 315 2.37 28.30 21.02
CA LEU D 315 2.92 29.22 20.04
C LEU D 315 1.83 29.98 19.29
N GLN D 316 0.65 29.37 19.13
CA GLN D 316 -0.46 29.99 18.41
C GLN D 316 -1.69 30.16 19.30
N ARG D 317 -1.49 30.47 20.57
CA ARG D 317 -2.61 30.56 21.50
C ARG D 317 -3.38 31.86 21.31
N GLU D 318 -4.70 31.75 21.14
CA GLU D 318 -5.57 32.90 20.98
C GLU D 318 -6.79 32.74 21.87
N PHE D 319 -7.06 33.75 22.69
CA PHE D 319 -8.22 33.77 23.58
C PHE D 319 -9.09 34.96 23.23
N SER D 320 -10.39 34.72 23.09
CA SER D 320 -11.34 35.80 22.86
C SER D 320 -12.11 36.11 24.14
N GLY D 321 -12.27 37.39 24.42
CA GLY D 321 -12.98 37.83 25.60
C GLY D 321 -12.07 38.41 26.66
N PRO D 322 -12.43 38.21 27.93
CA PRO D 322 -11.62 38.78 29.02
C PRO D 322 -10.21 38.22 29.12
N TYR D 323 -9.96 37.02 28.61
CA TYR D 323 -8.65 36.39 28.71
C TYR D 323 -7.75 36.70 27.52
N GLN D 324 -8.00 37.80 26.81
CA GLN D 324 -7.15 38.20 25.69
C GLN D 324 -5.69 38.39 26.06
N PRO D 325 -5.32 39.02 27.19
CA PRO D 325 -3.89 39.21 27.48
C PRO D 325 -3.08 37.94 27.56
N LEU D 326 -3.72 36.78 27.76
CA LEU D 326 -3.03 35.50 27.77
C LEU D 326 -2.75 34.97 26.37
N SER D 327 -3.27 35.62 25.33
CA SER D 327 -3.09 35.14 23.97
C SER D 327 -1.67 35.40 23.47
N ARG D 328 -1.28 34.63 22.46
CA ARG D 328 -0.02 34.84 21.76
C ARG D 328 -0.17 35.00 20.26
N LYS D 329 -1.38 34.84 19.72
CA LYS D 329 -1.67 35.06 18.30
C LYS D 329 -2.84 36.03 18.22
N PHE D 330 -2.52 37.33 18.19
CA PHE D 330 -3.54 38.37 18.11
C PHE D 330 -3.93 38.58 16.66
N THR D 331 -5.12 38.12 16.29
CA THR D 331 -5.63 38.33 14.94
C THR D 331 -5.82 39.82 14.68
N GLU D 332 -5.47 40.26 13.48
CA GLU D 332 -5.47 41.68 13.15
C GLU D 332 -6.59 42.07 12.19
N TRP D 333 -6.68 41.42 11.02
CA TRP D 333 -7.76 41.68 10.09
C TRP D 333 -7.90 40.49 9.15
N CYS D 334 -9.13 40.28 8.67
CA CYS D 334 -9.44 39.17 7.80
C CYS D 334 -10.23 39.67 6.59
N TYR D 335 -9.87 39.18 5.41
CA TYR D 335 -10.57 39.51 4.18
C TYR D 335 -10.60 38.26 3.32
N GLY D 336 -11.75 37.59 3.28
CA GLY D 336 -11.89 36.33 2.57
C GLY D 336 -10.99 35.26 3.17
N PRO D 337 -10.27 34.54 2.31
CA PRO D 337 -9.33 33.53 2.81
C PRO D 337 -8.05 34.09 3.37
N VAL D 338 -7.92 35.42 3.46
CA VAL D 338 -6.70 36.06 3.94
C VAL D 338 -6.88 36.40 5.41
N ARG D 339 -6.02 35.84 6.25
CA ARG D 339 -5.98 36.15 7.67
C ARG D 339 -4.62 36.71 8.05
N VAL D 340 -4.64 37.77 8.85
CA VAL D 340 -3.42 38.41 9.34
C VAL D 340 -3.44 38.40 10.85
N SER D 341 -2.38 37.86 11.46
CA SER D 341 -2.31 37.71 12.91
C SER D 341 -0.98 38.26 13.40
N LEU D 342 -1.00 38.83 14.60
CA LEU D 342 0.21 39.36 15.24
C LEU D 342 0.72 38.34 16.23
N TYR D 343 1.53 37.40 15.75
CA TYR D 343 2.16 36.41 16.62
C TYR D 343 3.18 37.09 17.54
N ASP D 344 3.29 36.58 18.75
CA ASP D 344 4.17 37.16 19.77
C ASP D 344 5.53 36.46 19.69
N LEU D 345 6.59 37.25 19.65
CA LEU D 345 7.95 36.73 19.54
C LEU D 345 8.69 36.71 20.87
N SER D 346 7.98 36.88 21.99
CA SER D 346 8.63 36.79 23.29
C SER D 346 9.19 35.39 23.50
N SER D 347 10.51 35.32 23.73
CA SER D 347 11.29 34.10 23.88
C SER D 347 11.31 33.25 22.61
N VAL D 348 10.89 33.79 21.48
CA VAL D 348 10.88 33.03 20.23
C VAL D 348 11.95 33.54 19.27
N ASP D 349 12.11 34.85 19.17
CA ASP D 349 13.11 35.44 18.28
C ASP D 349 14.51 35.06 18.73
N SER D 350 15.39 34.82 17.76
CA SER D 350 16.77 34.43 18.04
C SER D 350 17.60 35.59 18.60
N TRP D 351 17.06 36.80 18.63
CA TRP D 351 17.78 37.94 19.18
C TRP D 351 18.19 37.72 20.63
N GLU D 352 17.37 36.98 21.38
CA GLU D 352 17.66 36.67 22.78
C GLU D 352 18.29 35.29 22.88
N LYS D 353 19.22 35.13 23.81
CA LYS D 353 19.93 33.87 23.96
C LYS D 353 18.99 32.77 24.46
N ASN D 354 19.31 31.54 24.10
CA ASN D 354 18.53 30.35 24.48
C ASN D 354 17.07 30.48 24.03
N SER D 355 16.84 30.98 22.82
CA SER D 355 15.49 31.14 22.31
C SER D 355 14.95 29.80 21.82
N VAL D 356 13.68 29.81 21.43
CA VAL D 356 13.03 28.60 20.93
C VAL D 356 13.67 28.14 19.64
N LEU D 357 14.04 29.09 18.76
CA LEU D 357 14.65 28.73 17.49
C LEU D 357 15.98 28.01 17.68
N GLU D 358 16.82 28.50 18.61
CA GLU D 358 18.08 27.83 18.88
C GLU D 358 17.85 26.46 19.51
N ILE D 359 16.86 26.35 20.38
CA ILE D 359 16.61 25.10 21.08
C ILE D 359 16.18 24.00 20.11
N ILE D 360 15.30 24.33 19.16
CA ILE D 360 14.86 23.35 18.19
C ILE D 360 16.03 22.89 17.31
N ALA D 361 16.83 23.84 16.85
CA ALA D 361 17.89 23.51 15.89
C ALA D 361 19.05 22.79 16.56
N PHE D 362 19.50 23.28 17.72
CA PHE D 362 20.74 22.82 18.32
C PHE D 362 20.58 22.07 19.63
N HIS D 363 19.45 22.23 20.34
CA HIS D 363 19.25 21.57 21.62
C HIS D 363 18.26 20.42 21.58
N CYS D 364 17.25 20.47 20.71
CA CYS D 364 16.32 19.36 20.60
C CYS D 364 16.95 18.19 19.87
N LYS D 365 16.59 16.98 20.30
CA LYS D 365 17.10 15.76 19.69
C LYS D 365 15.99 14.82 19.23
N SER D 366 14.73 15.20 19.43
CA SER D 366 13.61 14.37 19.00
C SER D 366 13.49 14.38 17.49
N PRO D 367 12.89 13.33 16.90
CA PRO D 367 12.66 13.32 15.45
C PRO D 367 11.64 14.33 14.98
N ASN D 368 11.03 15.10 15.89
CA ASN D 368 10.00 16.06 15.52
C ASN D 368 10.55 17.43 15.19
N ARG D 369 11.87 17.58 15.08
CA ARG D 369 12.47 18.90 14.88
C ARG D 369 12.01 19.52 13.56
N HIS D 370 11.98 18.73 12.48
CA HIS D 370 11.63 19.29 11.18
C HIS D 370 10.17 19.72 11.12
N ARG D 371 9.30 19.10 11.93
CA ARG D 371 7.89 19.46 11.93
C ARG D 371 7.59 20.70 12.75
N MET D 372 8.57 21.17 13.55
CA MET D 372 8.33 22.35 14.38
C MET D 372 8.75 23.63 13.66
N VAL D 373 9.76 23.55 12.80
CA VAL D 373 10.23 24.74 12.09
C VAL D 373 9.30 25.16 10.96
N VAL D 374 8.23 24.40 10.71
CA VAL D 374 7.24 24.75 9.69
C VAL D 374 6.00 25.38 10.30
N LEU D 375 5.86 25.36 11.62
CA LEU D 375 4.73 26.01 12.26
C LEU D 375 4.92 27.52 12.26
N GLU D 376 3.81 28.24 12.11
CA GLU D 376 3.86 29.69 12.23
C GLU D 376 3.95 30.09 13.71
N PRO D 377 4.64 31.19 14.02
CA PRO D 377 5.33 32.12 13.11
C PRO D 377 6.75 31.67 12.74
N LEU D 378 7.18 30.50 13.19
CA LEU D 378 8.55 30.05 12.91
C LEU D 378 8.79 29.91 11.42
N ASN D 379 7.80 29.43 10.68
CA ASN D 379 7.96 29.25 9.24
C ASN D 379 8.22 30.59 8.55
N LYS D 380 7.42 31.60 8.87
CA LYS D 380 7.61 32.92 8.26
C LYS D 380 8.79 33.66 8.88
N LEU D 381 9.02 33.48 10.18
CA LEU D 381 10.15 34.13 10.82
C LEU D 381 11.48 33.68 10.23
N LEU D 382 11.63 32.37 10.00
CA LEU D 382 12.84 31.86 9.36
C LEU D 382 12.92 32.28 7.90
N GLN D 383 11.78 32.33 7.20
CA GLN D 383 11.79 32.81 5.82
C GLN D 383 12.18 34.29 5.75
N GLU D 384 11.72 35.09 6.72
CA GLU D 384 12.12 36.49 6.78
C GLU D 384 13.62 36.62 7.00
N LYS D 385 14.18 35.79 7.89
CA LYS D 385 15.61 35.79 8.12
C LYS D 385 16.37 35.27 6.90
N TRP D 386 15.86 34.22 6.26
CA TRP D 386 16.55 33.61 5.13
C TRP D 386 16.66 34.58 3.96
N ASP D 387 15.59 35.33 3.68
CA ASP D 387 15.63 36.30 2.58
C ASP D 387 16.66 37.38 2.82
N ARG D 388 16.85 37.78 4.09
CA ARG D 388 17.88 38.75 4.42
C ARG D 388 19.28 38.16 4.33
N LEU D 389 19.43 36.86 4.59
CA LEU D 389 20.73 36.22 4.63
C LEU D 389 21.06 35.42 3.37
N VAL D 390 20.13 35.33 2.41
CA VAL D 390 20.41 34.55 1.20
C VAL D 390 21.51 35.22 0.38
N SER D 391 21.66 36.54 0.49
CA SER D 391 22.75 37.22 -0.19
C SER D 391 24.10 36.81 0.38
N ARG D 392 24.20 36.69 1.70
CA ARG D 392 25.45 36.27 2.33
C ARG D 392 25.74 34.80 2.09
N PHE D 393 24.69 33.96 2.07
CA PHE D 393 24.88 32.53 1.83
C PHE D 393 25.55 32.27 0.48
N PHE D 394 25.11 33.00 -0.55
CA PHE D 394 25.71 32.82 -1.87
C PHE D 394 27.11 33.41 -1.93
N PHE D 395 27.36 34.49 -1.19
CA PHE D 395 28.71 35.02 -1.09
C PHE D 395 29.63 34.03 -0.40
N ASN D 396 29.14 33.36 0.65
CA ASN D 396 29.92 32.29 1.28
C ASN D 396 30.14 31.15 0.30
N PHE D 397 29.11 30.80 -0.48
CA PHE D 397 29.28 29.77 -1.51
C PHE D 397 30.27 30.21 -2.58
N ALA D 398 30.22 31.48 -2.97
CA ALA D 398 31.16 31.98 -3.97
C ALA D 398 32.60 31.92 -3.47
N CYS D 399 32.81 32.27 -2.20
CA CYS D 399 34.17 32.23 -1.65
C CYS D 399 34.71 30.81 -1.60
N TYR D 400 33.86 29.84 -1.25
CA TYR D 400 34.31 28.45 -1.21
C TYR D 400 34.60 27.92 -2.61
N LEU D 401 33.79 28.32 -3.60
CA LEU D 401 34.05 27.90 -4.97
C LEU D 401 35.37 28.47 -5.48
N VAL D 402 35.66 29.72 -5.17
CA VAL D 402 36.95 30.31 -5.54
C VAL D 402 38.08 29.60 -4.82
N TYR D 403 37.89 29.31 -3.52
CA TYR D 403 38.93 28.63 -2.75
C TYR D 403 39.19 27.24 -3.32
N MET D 404 38.15 26.53 -3.76
CA MET D 404 38.39 25.20 -4.29
C MET D 404 38.78 25.24 -5.76
N PHE D 405 38.40 26.29 -6.50
CA PHE D 405 38.95 26.43 -7.84
C PHE D 405 40.47 26.59 -7.77
N ILE D 406 40.95 27.37 -6.81
CA ILE D 406 42.39 27.53 -6.61
C ILE D 406 43.00 26.21 -6.12
N PHE D 407 42.30 25.49 -5.26
CA PHE D 407 42.80 24.21 -4.76
C PHE D 407 42.99 23.22 -5.90
N THR D 408 42.03 23.16 -6.83
CA THR D 408 42.14 22.26 -7.97
C THR D 408 43.31 22.65 -8.87
N VAL D 409 43.50 23.95 -9.09
CA VAL D 409 44.58 24.42 -9.97
C VAL D 409 45.93 24.05 -9.39
N VAL D 410 46.13 24.30 -8.09
CA VAL D 410 47.42 24.02 -7.47
C VAL D 410 47.67 22.52 -7.40
N ALA D 411 46.63 21.73 -7.08
CA ALA D 411 46.81 20.29 -6.98
C ALA D 411 47.22 19.68 -8.31
N TYR D 412 46.58 20.11 -9.41
CA TYR D 412 46.90 19.55 -10.72
C TYR D 412 48.20 20.12 -11.26
N HIS D 413 48.28 21.45 -11.40
CA HIS D 413 49.46 22.11 -11.94
C HIS D 413 50.56 22.22 -10.87
N GLN D 414 51.09 21.06 -10.49
CA GLN D 414 52.12 20.96 -9.47
C GLN D 414 53.25 20.07 -9.97
N PRO D 415 54.51 20.50 -9.83
CA PRO D 415 55.68 19.71 -10.23
C PRO D 415 55.79 18.39 -9.48
N PHE D 429 56.31 33.44 -14.41
CA PHE D 429 54.99 33.86 -13.97
C PHE D 429 54.16 32.67 -13.50
N GLY D 430 54.32 31.53 -14.18
CA GLY D 430 53.61 30.33 -13.78
C GLY D 430 54.02 29.84 -12.41
N GLU D 431 55.32 29.89 -12.10
CA GLU D 431 55.78 29.53 -10.77
C GLU D 431 55.29 30.52 -9.72
N SER D 432 55.25 31.81 -10.06
CA SER D 432 54.73 32.80 -9.12
C SER D 432 53.25 32.57 -8.82
N MET D 433 52.47 32.22 -9.84
CA MET D 433 51.06 31.90 -9.62
C MET D 433 50.91 30.67 -8.73
N LEU D 434 51.74 29.65 -8.96
CA LEU D 434 51.72 28.48 -8.09
C LEU D 434 52.15 28.82 -6.67
N LEU D 435 53.17 29.67 -6.54
CA LEU D 435 53.62 30.09 -5.21
C LEU D 435 52.51 30.85 -4.48
N LEU D 436 51.82 31.75 -5.18
CA LEU D 436 50.68 32.44 -4.59
C LEU D 436 49.55 31.48 -4.29
N GLY D 437 49.32 30.51 -5.17
CA GLY D 437 48.25 29.54 -4.94
C GLY D 437 48.49 28.71 -3.70
N HIS D 438 49.74 28.30 -3.46
CA HIS D 438 50.07 27.56 -2.26
C HIS D 438 49.84 28.41 -1.02
N ILE D 439 50.19 29.69 -1.08
CA ILE D 439 50.01 30.58 0.06
C ILE D 439 48.53 30.80 0.34
N LEU D 440 47.75 31.05 -0.72
CA LEU D 440 46.31 31.29 -0.54
C LEU D 440 45.62 30.05 0.03
N ILE D 441 46.03 28.86 -0.38
CA ILE D 441 45.45 27.63 0.17
C ILE D 441 45.77 27.52 1.65
N LEU D 442 47.00 27.86 2.05
CA LEU D 442 47.38 27.79 3.46
C LEU D 442 46.53 28.72 4.31
N LEU D 443 46.32 29.96 3.83
CA LEU D 443 45.48 30.89 4.56
C LEU D 443 44.02 30.43 4.56
N GLY D 444 43.55 29.91 3.42
CA GLY D 444 42.20 29.40 3.37
C GLY D 444 41.97 28.22 4.30
N GLY D 445 42.95 27.30 4.36
CA GLY D 445 42.84 26.18 5.27
C GLY D 445 42.83 26.60 6.73
N ILE D 446 43.67 27.58 7.08
CA ILE D 446 43.69 28.10 8.44
C ILE D 446 42.39 28.80 8.77
N TYR D 447 41.85 29.57 7.81
CA TYR D 447 40.59 30.27 8.03
C TYR D 447 39.45 29.29 8.29
N LEU D 448 39.37 28.23 7.48
CA LEU D 448 38.32 27.23 7.68
C LEU D 448 38.54 26.47 8.99
N LEU D 449 39.80 26.18 9.33
CA LEU D 449 40.09 25.47 10.57
C LEU D 449 39.64 26.27 11.78
N LEU D 450 39.93 27.57 11.79
CA LEU D 450 39.51 28.41 12.92
C LEU D 450 37.99 28.54 12.98
N GLY D 451 37.35 28.68 11.82
CA GLY D 451 35.90 28.81 11.80
C GLY D 451 35.18 27.58 12.32
N GLN D 452 35.64 26.40 11.90
CA GLN D 452 35.03 25.16 12.37
C GLN D 452 35.31 24.89 13.84
N LEU D 453 36.52 25.20 14.31
CA LEU D 453 36.81 25.07 15.74
C LEU D 453 35.93 26.01 16.57
N TRP D 454 35.69 27.22 16.07
CA TRP D 454 34.78 28.14 16.75
C TRP D 454 33.37 27.59 16.78
N TYR D 455 32.94 26.94 15.70
CA TYR D 455 31.60 26.35 15.67
C TYR D 455 31.45 25.25 16.71
N PHE D 456 32.45 24.36 16.80
CA PHE D 456 32.40 23.30 17.79
C PHE D 456 32.58 23.81 19.21
N TRP D 457 33.31 24.91 19.39
CA TRP D 457 33.41 25.52 20.71
C TRP D 457 32.06 26.05 21.19
N ARG D 458 31.30 26.68 20.29
CA ARG D 458 29.97 27.17 20.64
C ARG D 458 29.02 26.03 20.92
N ARG D 459 29.04 24.99 20.08
CA ARG D 459 28.17 23.83 20.22
C ARG D 459 28.80 22.72 21.05
N ARG D 460 29.71 23.07 21.96
CA ARG D 460 30.41 22.07 22.75
C ARG D 460 29.46 21.32 23.69
N LEU D 461 28.35 21.95 24.07
CA LEU D 461 27.44 21.34 25.04
C LEU D 461 26.57 20.25 24.42
N PHE D 462 26.45 20.21 23.09
CA PHE D 462 25.57 19.25 22.44
C PHE D 462 26.23 18.60 21.23
N ILE D 463 27.50 18.19 21.36
CA ILE D 463 28.15 17.47 20.27
C ILE D 463 27.61 16.05 20.22
N TRP D 464 27.58 15.48 19.01
CA TRP D 464 27.16 14.10 18.76
C TRP D 464 25.70 13.87 19.11
N ILE D 465 24.97 14.94 19.47
CA ILE D 465 23.55 14.81 19.73
C ILE D 465 22.74 14.84 18.43
N SER D 466 23.21 15.56 17.42
CA SER D 466 22.52 15.67 16.15
C SER D 466 23.52 15.46 15.02
N PHE D 467 24.31 14.39 15.13
CA PHE D 467 25.40 14.15 14.17
C PHE D 467 24.88 14.01 12.74
N MET D 468 23.61 13.68 12.57
CA MET D 468 23.03 13.63 11.23
C MET D 468 23.01 15.00 10.56
N ASP D 469 23.00 16.08 11.34
CA ASP D 469 22.99 17.43 10.79
C ASP D 469 24.37 18.09 10.83
N SER D 470 25.21 17.71 11.80
CA SER D 470 26.52 18.34 11.93
C SER D 470 27.61 17.56 11.19
N TYR D 471 27.24 16.52 10.44
CA TYR D 471 28.25 15.71 9.77
C TYR D 471 28.93 16.49 8.65
N PHE D 472 28.24 17.49 8.08
CA PHE D 472 28.90 18.36 7.11
C PHE D 472 29.87 19.31 7.80
N GLU D 473 29.58 19.72 9.03
CA GLU D 473 30.50 20.59 9.75
C GLU D 473 31.76 19.85 10.16
N ILE D 474 31.66 18.53 10.36
CA ILE D 474 32.85 17.73 10.63
C ILE D 474 33.71 17.63 9.38
N LEU D 475 33.07 17.40 8.23
CA LEU D 475 33.80 17.27 6.98
C LEU D 475 34.54 18.56 6.61
N PHE D 476 33.92 19.71 6.84
CA PHE D 476 34.60 20.98 6.60
C PHE D 476 35.82 21.12 7.50
N LEU D 477 35.70 20.70 8.77
CA LEU D 477 36.84 20.75 9.67
C LEU D 477 37.91 19.74 9.25
N LEU D 478 37.51 18.54 8.86
CA LEU D 478 38.47 17.52 8.45
C LEU D 478 39.25 17.96 7.21
N GLN D 479 38.55 18.53 6.23
CA GLN D 479 39.23 19.04 5.04
C GLN D 479 40.14 20.20 5.39
N ALA D 480 39.76 21.01 6.37
CA ALA D 480 40.61 22.13 6.77
C ALA D 480 41.87 21.63 7.48
N LEU D 481 41.75 20.61 8.31
CA LEU D 481 42.91 20.06 9.01
C LEU D 481 43.89 19.45 8.01
N LEU D 482 43.40 18.69 7.04
CA LEU D 482 44.27 18.09 6.04
C LEU D 482 44.92 19.15 5.15
N THR D 483 44.19 20.22 4.85
CA THR D 483 44.75 21.30 4.04
C THR D 483 45.92 21.96 4.75
N VAL D 484 45.77 22.24 6.05
CA VAL D 484 46.85 22.89 6.80
C VAL D 484 48.01 21.92 7.01
N LEU D 485 47.70 20.67 7.35
CA LEU D 485 48.74 19.68 7.62
C LEU D 485 49.55 19.38 6.37
N SER D 486 48.89 19.31 5.22
CA SER D 486 49.61 19.06 3.97
C SER D 486 50.60 20.17 3.66
N GLN D 487 50.18 21.43 3.86
CA GLN D 487 51.10 22.55 3.66
C GLN D 487 52.25 22.52 4.65
N VAL D 488 52.00 22.09 5.89
CA VAL D 488 53.07 21.94 6.87
C VAL D 488 54.06 20.88 6.40
N LEU D 489 53.55 19.75 5.89
CA LEU D 489 54.43 18.70 5.38
C LEU D 489 55.22 19.18 4.16
N ARG D 490 54.62 20.04 3.33
CA ARG D 490 55.35 20.60 2.21
C ARG D 490 56.50 21.48 2.68
N PHE D 491 56.29 22.21 3.78
CA PHE D 491 57.38 22.98 4.39
C PHE D 491 58.50 22.06 4.86
N MET D 492 58.14 20.91 5.43
CA MET D 492 59.12 19.90 5.81
C MET D 492 59.72 19.18 4.61
N GLU D 493 59.18 19.41 3.41
CA GLU D 493 59.68 18.85 2.15
C GLU D 493 59.59 17.32 2.11
N THR D 494 58.70 16.73 2.89
CA THR D 494 58.47 15.29 2.83
C THR D 494 57.63 14.94 1.61
N GLU D 495 57.81 13.72 1.11
CA GLU D 495 57.07 13.30 -0.08
C GLU D 495 55.61 13.02 0.23
N TRP D 496 55.27 12.86 1.51
CA TRP D 496 53.90 12.50 1.89
C TRP D 496 52.94 13.68 1.90
N TYR D 497 53.40 14.89 1.55
CA TYR D 497 52.49 16.03 1.53
C TYR D 497 51.50 15.93 0.38
N LEU D 498 51.91 15.36 -0.76
CA LEU D 498 51.06 15.25 -1.93
C LEU D 498 49.80 14.44 -1.67
N PRO D 499 49.86 13.26 -1.03
CA PRO D 499 48.61 12.54 -0.74
C PRO D 499 47.62 13.34 0.07
N LEU D 500 48.08 13.98 1.16
CA LEU D 500 47.17 14.72 2.03
C LEU D 500 46.55 15.90 1.29
N LEU D 501 47.31 16.55 0.41
CA LEU D 501 46.75 17.61 -0.40
C LEU D 501 45.69 17.07 -1.36
N VAL D 502 45.89 15.84 -1.85
CA VAL D 502 44.91 15.24 -2.75
C VAL D 502 43.64 14.87 -1.99
N LEU D 503 43.77 14.23 -0.82
CA LEU D 503 42.58 13.92 -0.03
C LEU D 503 41.87 15.18 0.43
N SER D 504 42.59 16.28 0.62
CA SER D 504 41.95 17.55 0.91
C SER D 504 41.09 18.00 -0.28
N LEU D 505 41.60 17.83 -1.50
CA LEU D 505 40.85 18.19 -2.68
C LEU D 505 39.61 17.30 -2.85
N VAL D 506 39.75 16.02 -2.52
CA VAL D 506 38.65 15.07 -2.68
C VAL D 506 37.52 15.41 -1.71
N LEU D 507 37.86 15.64 -0.45
CA LEU D 507 36.86 15.93 0.56
C LEU D 507 36.15 17.26 0.27
N GLY D 508 36.92 18.28 -0.12
CA GLY D 508 36.33 19.59 -0.38
C GLY D 508 35.31 19.57 -1.50
N TRP D 509 35.61 18.83 -2.58
CA TRP D 509 34.62 18.72 -3.64
C TRP D 509 33.37 17.99 -3.17
N LEU D 510 33.53 17.05 -2.23
CA LEU D 510 32.38 16.44 -1.60
C LEU D 510 31.69 17.40 -0.65
N ASN D 511 32.47 18.28 0.00
CA ASN D 511 31.89 19.28 0.89
C ASN D 511 31.08 20.33 0.13
N LEU D 512 31.26 20.42 -1.19
CA LEU D 512 30.48 21.35 -1.99
C LEU D 512 29.00 21.02 -2.00
N LEU D 513 28.63 19.79 -1.65
CA LEU D 513 27.23 19.39 -1.63
C LEU D 513 26.46 20.03 -0.48
N TYR D 514 27.16 20.63 0.49
CA TYR D 514 26.48 21.30 1.60
C TYR D 514 25.67 22.49 1.11
N TYR D 515 26.18 23.23 0.13
CA TYR D 515 25.55 24.46 -0.31
C TYR D 515 24.33 24.22 -1.20
N THR D 516 24.02 22.96 -1.53
CA THR D 516 22.82 22.68 -2.32
C THR D 516 21.55 23.00 -1.54
N ARG D 517 21.63 23.10 -0.21
CA ARG D 517 20.46 23.40 0.60
C ARG D 517 19.93 24.81 0.37
N GLY D 518 20.74 25.71 -0.19
CA GLY D 518 20.29 27.07 -0.44
C GLY D 518 19.31 27.20 -1.58
N PHE D 519 19.25 26.22 -2.47
CA PHE D 519 18.32 26.21 -3.59
C PHE D 519 17.22 25.20 -3.32
N GLN D 520 15.96 25.64 -3.47
CA GLN D 520 14.84 24.71 -3.37
C GLN D 520 14.89 23.68 -4.49
N HIS D 521 15.36 24.10 -5.67
CA HIS D 521 15.38 23.23 -6.83
C HIS D 521 16.29 22.03 -6.61
N THR D 522 17.40 22.25 -5.92
CA THR D 522 18.38 21.18 -5.67
C THR D 522 18.33 20.66 -4.23
N GLY D 523 18.02 21.53 -3.27
CA GLY D 523 18.05 21.11 -1.87
C GLY D 523 17.00 20.08 -1.54
N ILE D 524 15.81 20.22 -2.12
CA ILE D 524 14.71 19.30 -1.81
C ILE D 524 15.05 17.88 -2.26
N TYR D 525 15.64 17.75 -3.46
CA TYR D 525 16.00 16.43 -3.96
C TYR D 525 17.08 15.78 -3.12
N SER D 526 18.06 16.57 -2.67
CA SER D 526 19.16 16.04 -1.89
C SER D 526 18.70 15.46 -0.56
N VAL D 527 17.68 16.08 0.04
CA VAL D 527 17.21 15.67 1.36
C VAL D 527 16.68 14.24 1.34
N MET D 528 15.98 13.86 0.27
CA MET D 528 15.39 12.52 0.20
C MET D 528 16.46 11.43 0.25
N ILE D 529 17.69 11.76 -0.16
CA ILE D 529 18.68 10.73 -0.41
C ILE D 529 19.53 10.47 0.83
N GLN D 530 20.18 11.51 1.37
CA GLN D 530 21.16 11.34 2.42
C GLN D 530 20.55 11.00 3.78
N LYS D 531 19.23 10.84 3.86
CA LYS D 531 18.60 10.60 5.16
C LYS D 531 18.99 9.25 5.75
N VAL D 532 18.88 8.17 4.98
CA VAL D 532 19.07 6.83 5.51
C VAL D 532 20.19 6.11 4.76
N ILE D 533 20.22 6.26 3.44
CA ILE D 533 21.04 5.39 2.59
C ILE D 533 22.51 5.46 3.00
N LEU D 534 23.02 6.67 3.21
CA LEU D 534 24.43 6.82 3.56
C LEU D 534 24.76 6.14 4.89
N ARG D 535 23.88 6.25 5.88
CA ARG D 535 24.11 5.62 7.17
C ARG D 535 23.92 4.10 7.11
N ASP D 536 23.21 3.60 6.10
CA ASP D 536 22.95 2.17 6.02
C ASP D 536 24.19 1.43 5.55
N LEU D 537 24.94 2.02 4.61
CA LEU D 537 26.07 1.32 4.00
C LEU D 537 27.13 0.91 5.01
N LEU D 538 27.29 1.65 6.11
CA LEU D 538 28.27 1.28 7.13
C LEU D 538 27.88 -0.03 7.81
N ARG D 539 26.58 -0.31 7.87
CA ARG D 539 26.05 -1.52 8.48
C ARG D 539 26.31 -2.76 7.63
N PHE D 540 26.28 -2.61 6.30
CA PHE D 540 26.65 -3.70 5.41
C PHE D 540 28.16 -3.89 5.37
N LEU D 541 28.92 -2.79 5.36
CA LEU D 541 30.36 -2.89 5.24
C LEU D 541 30.98 -3.57 6.45
N LEU D 542 30.42 -3.34 7.64
CA LEU D 542 30.95 -3.96 8.85
C LEU D 542 30.90 -5.48 8.78
N VAL D 543 29.77 -6.04 8.31
CA VAL D 543 29.68 -7.47 8.12
C VAL D 543 30.53 -7.90 6.92
N TYR D 544 30.51 -7.10 5.85
CA TYR D 544 31.26 -7.46 4.64
C TYR D 544 32.76 -7.50 4.91
N LEU D 545 33.28 -6.52 5.67
CA LEU D 545 34.69 -6.53 6.00
C LEU D 545 35.05 -7.70 6.90
N VAL D 546 34.14 -8.10 7.78
CA VAL D 546 34.34 -9.32 8.57
C VAL D 546 34.37 -10.53 7.64
N PHE D 547 33.45 -10.59 6.68
CA PHE D 547 33.47 -11.66 5.69
C PHE D 547 34.72 -11.57 4.81
N LEU D 548 35.13 -10.34 4.47
CA LEU D 548 36.28 -10.16 3.58
C LEU D 548 37.55 -10.69 4.22
N PHE D 549 37.79 -10.35 5.48
CA PHE D 549 39.04 -10.78 6.13
C PHE D 549 39.02 -12.27 6.44
N GLY D 550 37.83 -12.83 6.72
CA GLY D 550 37.75 -14.25 7.01
C GLY D 550 38.09 -15.11 5.81
N PHE D 551 37.58 -14.73 4.64
CA PHE D 551 37.87 -15.50 3.43
C PHE D 551 39.28 -15.23 2.93
N ALA D 552 39.79 -14.01 3.13
CA ALA D 552 41.12 -13.65 2.64
C ALA D 552 42.20 -14.51 3.27
N VAL D 553 42.11 -14.70 4.59
CA VAL D 553 43.09 -15.55 5.28
C VAL D 553 42.95 -16.99 4.82
N ALA D 554 41.71 -17.43 4.56
CA ALA D 554 41.48 -18.80 4.12
C ALA D 554 42.14 -19.06 2.77
N LEU D 555 41.98 -18.13 1.82
CA LEU D 555 42.58 -18.31 0.51
C LEU D 555 44.11 -18.27 0.58
N VAL D 556 44.66 -17.35 1.38
CA VAL D 556 46.11 -17.23 1.49
C VAL D 556 46.70 -18.49 2.13
N SER D 557 46.06 -19.00 3.19
CA SER D 557 46.55 -20.21 3.83
C SER D 557 46.42 -21.42 2.91
N LEU D 558 45.62 -21.30 1.86
CA LEU D 558 45.34 -22.42 0.97
C LEU D 558 46.07 -22.33 -0.37
N SER D 559 46.63 -21.17 -0.70
CA SER D 559 47.30 -20.96 -1.98
C SER D 559 48.81 -20.88 -1.86
N ARG D 560 49.38 -21.30 -0.73
CA ARG D 560 50.82 -21.17 -0.48
C ARG D 560 51.58 -22.47 -0.69
N GLU D 561 50.94 -23.52 -1.21
CA GLU D 561 51.60 -24.80 -1.39
C GLU D 561 52.25 -24.89 -2.77
N PRO D 589 49.02 -15.99 -7.41
CA PRO D 589 47.82 -15.32 -6.91
C PRO D 589 47.58 -15.57 -5.42
N TYR D 590 46.89 -14.63 -4.77
CA TYR D 590 46.58 -14.72 -3.34
C TYR D 590 47.86 -14.92 -2.52
N ARG D 591 48.91 -14.17 -2.86
CA ARG D 591 50.18 -14.29 -2.16
C ARG D 591 50.12 -13.68 -0.77
N SER D 592 49.16 -12.81 -0.49
CA SER D 592 49.03 -12.18 0.81
C SER D 592 47.57 -11.81 1.02
N ILE D 593 47.24 -11.51 2.29
CA ILE D 593 45.87 -11.12 2.63
C ILE D 593 45.48 -9.87 1.86
N LEU D 594 46.40 -8.93 1.70
CA LEU D 594 46.11 -7.70 0.98
C LEU D 594 45.71 -7.97 -0.47
N ASP D 595 46.45 -8.87 -1.14
CA ASP D 595 46.09 -9.24 -2.50
C ASP D 595 44.81 -10.08 -2.52
N ALA D 596 44.66 -10.99 -1.55
CA ALA D 596 43.46 -11.80 -1.46
C ALA D 596 42.24 -10.93 -1.18
N SER D 597 42.38 -9.96 -0.28
CA SER D 597 41.27 -9.03 -0.03
C SER D 597 40.96 -8.21 -1.27
N LEU D 598 42.00 -7.82 -2.02
CA LEU D 598 41.79 -7.10 -3.27
C LEU D 598 41.03 -7.95 -4.28
N GLU D 599 41.45 -9.21 -4.46
CA GLU D 599 40.81 -10.08 -5.44
C GLU D 599 39.36 -10.37 -5.06
N LEU D 600 39.10 -10.62 -3.77
CA LEU D 600 37.74 -10.93 -3.35
C LEU D 600 36.82 -9.74 -3.56
N PHE D 601 37.32 -8.52 -3.32
CA PHE D 601 36.49 -7.34 -3.51
C PHE D 601 36.14 -7.12 -4.98
N LYS D 602 37.01 -7.56 -5.89
CA LYS D 602 36.77 -7.37 -7.32
C LYS D 602 35.53 -8.13 -7.76
N PHE D 603 35.20 -9.22 -7.07
CA PHE D 603 33.99 -9.98 -7.41
C PHE D 603 32.73 -9.16 -7.17
N THR D 604 32.78 -8.18 -6.26
CA THR D 604 31.61 -7.36 -5.96
C THR D 604 31.35 -6.33 -7.06
N ILE D 605 32.40 -5.87 -7.74
CA ILE D 605 32.27 -4.84 -8.76
C ILE D 605 32.19 -5.48 -10.13
N GLY D 606 31.89 -6.77 -10.17
CA GLY D 606 31.75 -7.50 -11.42
C GLY D 606 33.04 -7.61 -12.22
N MET D 607 34.14 -7.90 -11.52
CA MET D 607 35.43 -8.07 -12.20
C MET D 607 36.21 -9.25 -11.63
N GLY D 608 35.55 -10.18 -10.95
CA GLY D 608 36.27 -11.29 -10.35
C GLY D 608 36.74 -12.29 -11.39
N GLU D 609 37.96 -12.80 -11.16
CA GLU D 609 38.55 -13.81 -12.03
C GLU D 609 38.30 -15.20 -11.45
N LEU D 610 37.03 -15.60 -11.52
CA LEU D 610 36.61 -16.87 -10.94
C LEU D 610 36.97 -18.00 -11.90
N ALA D 611 38.18 -18.54 -11.76
CA ALA D 611 38.68 -19.63 -12.58
C ALA D 611 39.32 -20.70 -11.70
N PHE D 612 39.70 -21.81 -12.33
CA PHE D 612 40.38 -22.87 -11.61
C PHE D 612 41.76 -22.45 -11.10
N GLN D 613 42.32 -21.38 -11.66
CA GLN D 613 43.60 -20.77 -11.29
C GLN D 613 44.78 -21.61 -11.78
N GLU D 614 44.52 -22.83 -12.24
CA GLU D 614 45.44 -23.61 -13.06
C GLU D 614 46.78 -23.94 -12.39
N GLN D 615 47.00 -23.44 -11.16
CA GLN D 615 48.30 -23.64 -10.54
C GLN D 615 48.18 -24.37 -9.20
N LEU D 616 47.29 -23.90 -8.33
CA LEU D 616 47.18 -24.45 -6.99
C LEU D 616 46.76 -25.92 -7.03
N ARG D 617 47.40 -26.74 -6.21
CA ARG D 617 47.04 -28.14 -6.13
C ARG D 617 45.61 -28.31 -5.62
N PHE D 618 45.23 -27.53 -4.61
CA PHE D 618 43.86 -27.51 -4.13
C PHE D 618 43.00 -26.55 -4.94
N ARG D 619 43.02 -26.66 -6.27
CA ARG D 619 42.29 -25.73 -7.10
C ARG D 619 40.78 -25.87 -6.93
N GLY D 620 40.30 -27.10 -6.76
CA GLY D 620 38.86 -27.29 -6.58
C GLY D 620 38.36 -26.71 -5.28
N VAL D 621 39.10 -26.94 -4.19
CA VAL D 621 38.65 -26.46 -2.89
C VAL D 621 38.76 -24.94 -2.80
N VAL D 622 39.83 -24.38 -3.37
CA VAL D 622 39.96 -22.93 -3.44
C VAL D 622 38.81 -22.33 -4.25
N LEU D 623 38.40 -23.00 -5.33
CA LEU D 623 37.24 -22.54 -6.08
C LEU D 623 35.99 -22.59 -5.22
N LEU D 624 35.87 -23.59 -4.35
CA LEU D 624 34.70 -23.68 -3.49
C LEU D 624 34.59 -22.46 -2.59
N LEU D 625 35.71 -21.97 -2.07
CA LEU D 625 35.70 -20.75 -1.27
C LEU D 625 35.26 -19.55 -2.10
N LEU D 626 35.78 -19.44 -3.33
CA LEU D 626 35.37 -18.34 -4.20
C LEU D 626 33.89 -18.44 -4.55
N LEU D 627 33.42 -19.65 -4.86
CA LEU D 627 32.00 -19.84 -5.13
C LEU D 627 31.16 -19.57 -3.89
N ALA D 628 31.62 -20.01 -2.72
CA ALA D 628 30.92 -19.72 -1.48
C ALA D 628 30.92 -18.22 -1.18
N TYR D 629 32.05 -17.56 -1.44
CA TYR D 629 32.13 -16.12 -1.23
C TYR D 629 31.17 -15.37 -2.15
N VAL D 630 31.07 -15.80 -3.42
CA VAL D 630 30.17 -15.15 -4.36
C VAL D 630 28.72 -15.29 -3.90
N LEU D 631 28.34 -16.50 -3.50
CA LEU D 631 26.98 -16.72 -3.00
C LEU D 631 26.73 -15.93 -1.72
N LEU D 632 27.70 -15.92 -0.81
CA LEU D 632 27.53 -15.23 0.46
C LEU D 632 27.43 -13.71 0.26
N THR D 633 28.27 -13.16 -0.63
CA THR D 633 28.26 -11.71 -0.81
C THR D 633 27.02 -11.24 -1.56
N TYR D 634 26.39 -12.14 -2.33
CA TYR D 634 25.13 -11.78 -2.98
C TYR D 634 23.95 -11.95 -2.03
N VAL D 635 24.05 -12.87 -1.07
CA VAL D 635 23.05 -12.96 -0.01
C VAL D 635 23.07 -11.68 0.82
N LEU D 636 24.28 -11.21 1.16
CA LEU D 636 24.41 -9.97 1.92
C LEU D 636 23.88 -8.78 1.13
N LEU D 637 24.19 -8.72 -0.17
CA LEU D 637 23.68 -7.62 -0.99
C LEU D 637 22.17 -7.66 -1.11
N LEU D 638 21.59 -8.86 -1.29
CA LEU D 638 20.15 -8.99 -1.29
C LEU D 638 19.56 -8.67 0.08
N ASN D 639 20.26 -9.06 1.15
CA ASN D 639 19.86 -8.67 2.48
C ASN D 639 19.83 -7.15 2.62
N MET D 640 20.83 -6.47 2.03
CA MET D 640 20.90 -5.02 2.09
C MET D 640 19.80 -4.37 1.26
N LEU D 641 19.58 -4.87 0.04
CA LEU D 641 18.61 -4.26 -0.85
C LEU D 641 17.20 -4.35 -0.28
N ILE D 642 16.84 -5.50 0.29
CA ILE D 642 15.51 -5.69 0.84
C ILE D 642 15.30 -4.78 2.05
N ALA D 643 16.29 -4.71 2.94
CA ALA D 643 16.17 -3.85 4.12
C ALA D 643 16.11 -2.38 3.73
N LEU D 644 16.94 -1.98 2.75
CA LEU D 644 16.96 -0.58 2.33
C LEU D 644 15.68 -0.20 1.58
N MET D 645 15.18 -1.12 0.75
CA MET D 645 13.97 -0.83 -0.02
C MET D 645 12.75 -0.69 0.87
N SER D 646 12.76 -1.31 2.06
CA SER D 646 11.63 -1.25 2.96
C SER D 646 11.32 0.17 3.42
N GLU D 647 12.30 1.08 3.34
CA GLU D 647 12.06 2.47 3.76
C GLU D 647 11.20 3.24 2.76
N THR D 648 11.02 2.70 1.54
CA THR D 648 10.29 3.44 0.51
C THR D 648 8.80 3.51 0.82
N VAL D 649 8.25 2.49 1.48
CA VAL D 649 6.81 2.43 1.70
C VAL D 649 6.34 3.55 2.62
N ASN D 650 7.07 3.79 3.71
CA ASN D 650 6.62 4.72 4.74
C ASN D 650 7.05 6.16 4.48
N HIS D 651 7.84 6.42 3.45
CA HIS D 651 8.31 7.77 3.19
C HIS D 651 7.18 8.67 2.73
N VAL D 652 7.23 9.92 3.18
CA VAL D 652 6.28 10.95 2.79
C VAL D 652 7.05 12.15 2.26
N ALA D 653 6.65 12.66 1.10
CA ALA D 653 7.34 13.78 0.48
C ALA D 653 7.25 15.05 1.32
N ASP D 654 6.24 15.16 2.18
CA ASP D 654 6.15 16.33 3.05
C ASP D 654 7.29 16.38 4.05
N ASN D 655 7.81 15.22 4.45
CA ASN D 655 8.96 15.18 5.36
C ASN D 655 10.19 15.77 4.70
N SER D 656 10.44 15.44 3.43
CA SER D 656 11.60 15.97 2.73
C SER D 656 11.56 17.50 2.62
N TRP D 657 10.38 18.06 2.34
CA TRP D 657 10.24 19.51 2.36
C TRP D 657 10.46 20.08 3.76
N SER D 658 9.93 19.40 4.78
CA SER D 658 10.09 19.88 6.16
C SER D 658 11.55 19.83 6.59
N ILE D 659 12.26 18.76 6.26
CA ILE D 659 13.66 18.64 6.66
C ILE D 659 14.51 19.70 5.97
N TRP D 660 14.19 20.01 4.70
CA TRP D 660 14.93 21.07 4.01
C TRP D 660 14.73 22.41 4.71
N LYS D 661 13.52 22.69 5.19
CA LYS D 661 13.28 23.90 5.96
C LYS D 661 14.09 23.91 7.24
N LEU D 662 14.23 22.76 7.90
CA LEU D 662 15.08 22.67 9.08
C LEU D 662 16.55 22.91 8.72
N GLN D 663 16.99 22.39 7.58
CA GLN D 663 18.37 22.61 7.16
C GLN D 663 18.65 24.09 6.92
N LYS D 664 17.71 24.80 6.30
CA LYS D 664 17.86 26.24 6.16
C LYS D 664 17.78 26.93 7.51
N ALA D 665 16.97 26.39 8.44
CA ALA D 665 16.86 26.99 9.77
C ALA D 665 18.19 26.91 10.51
N ILE D 666 18.89 25.78 10.41
CA ILE D 666 20.18 25.64 11.08
C ILE D 666 21.20 26.60 10.48
N SER D 667 21.22 26.71 9.15
CA SER D 667 22.18 27.59 8.48
C SER D 667 21.93 29.05 8.86
N VAL D 668 20.67 29.46 8.94
CA VAL D 668 20.35 30.84 9.28
C VAL D 668 20.83 31.17 10.69
N LEU D 669 20.53 30.28 11.65
CA LEU D 669 20.90 30.54 13.04
C LEU D 669 22.40 30.45 13.27
N GLU D 670 23.16 29.91 12.31
CA GLU D 670 24.61 29.88 12.44
C GLU D 670 25.25 31.12 11.80
N MET D 671 24.79 31.50 10.61
CA MET D 671 25.32 32.67 9.94
C MET D 671 24.77 33.98 10.51
N GLU D 672 23.76 33.91 11.38
CA GLU D 672 23.32 35.12 12.08
C GLU D 672 24.38 35.64 13.01
N ASN D 673 25.25 34.76 13.52
CA ASN D 673 26.35 35.15 14.39
C ASN D 673 27.51 35.77 13.63
N GLY D 674 27.34 36.05 12.34
CA GLY D 674 28.43 36.62 11.56
C GLY D 674 29.52 35.59 11.36
N TYR D 675 30.77 36.05 11.42
CA TYR D 675 31.93 35.18 11.31
C TYR D 675 32.68 35.17 12.63
N TRP D 676 33.62 34.23 12.76
CA TRP D 676 34.41 34.14 13.98
C TRP D 676 35.25 35.40 14.19
N TRP D 677 35.75 36.01 13.12
CA TRP D 677 36.53 37.22 13.21
C TRP D 677 35.68 38.49 13.32
N CYS D 678 34.36 38.39 13.07
CA CYS D 678 33.47 39.55 13.14
C CYS D 678 32.09 39.05 13.60
N ARG D 679 31.84 39.16 14.90
CA ARG D 679 30.55 38.78 15.48
C ARG D 679 29.61 39.99 15.45
N ARG D 680 28.97 40.16 14.29
CA ARG D 680 28.08 41.30 14.10
C ARG D 680 26.81 41.16 14.93
N LYS D 681 26.20 42.30 15.24
CA LYS D 681 25.03 42.32 16.12
C LYS D 681 23.81 41.70 15.44
N LYS D 682 22.87 41.27 16.28
CA LYS D 682 21.67 40.59 15.83
C LYS D 682 20.51 41.57 15.78
N HIS D 683 19.75 41.54 14.67
CA HIS D 683 18.61 42.41 14.51
C HIS D 683 17.38 41.78 15.14
N ARG D 684 16.67 42.57 15.96
CA ARG D 684 15.44 42.11 16.58
C ARG D 684 14.31 42.08 15.56
N GLU D 685 13.57 40.98 15.52
CA GLU D 685 12.52 40.82 14.54
C GLU D 685 11.20 41.36 15.07
N GLY D 686 10.32 41.74 14.16
CA GLY D 686 9.02 42.26 14.52
C GLY D 686 9.07 43.71 14.97
N ARG D 687 7.91 44.20 15.40
CA ARG D 687 7.76 45.56 15.86
C ARG D 687 7.04 45.56 17.20
N LEU D 688 7.35 46.55 18.04
CA LEU D 688 6.75 46.67 19.36
C LEU D 688 5.35 47.26 19.22
N LEU D 689 4.34 46.51 19.64
CA LEU D 689 2.94 46.93 19.52
C LEU D 689 2.23 46.72 20.84
N LYS D 690 1.35 47.67 21.18
CA LYS D 690 0.55 47.55 22.39
C LYS D 690 -0.65 46.66 22.10
N VAL D 691 -0.81 45.58 22.88
CA VAL D 691 -1.85 44.60 22.63
C VAL D 691 -2.91 44.57 23.73
N GLY D 692 -2.73 45.32 24.82
CA GLY D 692 -3.73 45.31 25.88
C GLY D 692 -3.23 46.02 27.11
N THR D 693 -3.69 45.54 28.27
CA THR D 693 -3.32 46.11 29.55
C THR D 693 -3.02 44.98 30.53
N ARG D 694 -1.89 45.11 31.23
CA ARG D 694 -1.51 44.13 32.23
C ARG D 694 -2.18 44.42 33.57
N ASP D 700 0.18 46.75 27.80
CA ASP D 700 0.86 45.50 27.51
C ASP D 700 1.40 45.59 26.09
N GLU D 701 2.72 45.74 25.99
CA GLU D 701 3.37 45.89 24.70
C GLU D 701 4.28 44.69 24.46
N ARG D 702 4.19 44.13 23.25
CA ARG D 702 4.94 42.95 22.90
C ARG D 702 5.58 43.15 21.53
N TRP D 703 6.66 42.41 21.29
CA TRP D 703 7.35 42.45 20.00
C TRP D 703 6.62 41.49 19.06
N CYS D 704 5.49 41.95 18.53
CA CYS D 704 4.65 41.13 17.68
C CYS D 704 5.24 41.03 16.27
N PHE D 705 4.98 39.90 15.63
CA PHE D 705 5.43 39.63 14.26
C PHE D 705 4.19 39.40 13.40
N ARG D 706 4.03 40.21 12.36
CA ARG D 706 2.82 40.15 11.53
C ARG D 706 2.96 39.01 10.52
N VAL D 707 2.16 37.96 10.71
CA VAL D 707 2.10 36.83 9.78
C VAL D 707 0.75 36.86 9.08
N GLU D 708 0.78 36.81 7.76
CA GLU D 708 -0.43 36.81 6.95
C GLU D 708 -0.68 35.42 6.41
N GLU D 709 -1.90 34.92 6.59
CA GLU D 709 -2.25 33.52 6.34
C GLU D 709 -3.33 33.46 5.27
N VAL D 710 -3.00 32.87 4.13
CA VAL D 710 -3.99 32.62 3.08
C VAL D 710 -4.36 31.14 3.10
N ASN D 711 -5.66 30.87 3.27
CA ASN D 711 -6.13 29.49 3.39
C ASN D 711 -7.55 29.44 2.81
N TRP D 712 -7.66 29.01 1.56
CA TRP D 712 -8.97 28.90 0.92
C TRP D 712 -9.78 27.76 1.52
N ALA D 713 -9.13 26.62 1.78
CA ALA D 713 -9.86 25.46 2.29
C ALA D 713 -10.47 25.73 3.65
N ALA D 714 -9.72 26.37 4.55
CA ALA D 714 -10.26 26.68 5.87
C ALA D 714 -11.36 27.73 5.79
N TRP D 715 -11.20 28.73 4.91
CA TRP D 715 -12.23 29.77 4.79
C TRP D 715 -13.53 29.21 4.24
N GLU D 716 -13.45 28.32 3.24
CA GLU D 716 -14.65 27.74 2.67
C GLU D 716 -15.37 26.83 3.66
N LYS D 717 -14.63 26.27 4.62
CA LYS D 717 -15.25 25.42 5.64
C LYS D 717 -16.22 26.22 6.51
N THR D 718 -15.85 27.45 6.87
CA THR D 718 -16.74 28.30 7.66
C THR D 718 -17.90 28.85 6.85
N LEU D 719 -17.79 28.89 5.53
CA LEU D 719 -18.85 29.40 4.68
C LEU D 719 -20.05 28.45 4.73
N PRO D 720 -21.27 29.00 4.57
CA PRO D 720 -22.50 28.20 4.53
C PRO D 720 -22.49 27.15 3.41
O1 PEX E . 6.05 12.95 -38.53
O2 PEX E . 4.64 14.86 -39.54
P1 PEX E . 5.99 14.26 -39.26
O3 PEX E . 6.88 14.16 -40.65
C1 PEX E . 6.25 13.69 -41.81
C2 PEX E . 7.11 13.81 -43.05
C3 PEX E . 8.43 13.08 -42.98
O4 PEX E . 9.27 13.49 -44.06
C4 PEX E . 10.48 12.95 -44.13
O5 PEX E . 10.93 12.20 -43.28
C5 PEX E . 11.20 13.38 -45.37
C6 PEX E . 10.68 12.70 -46.63
C7 PEX E . 11.50 13.07 -47.86
C8 PEX E . 11.20 12.18 -49.06
C9 PEX E . 11.62 10.73 -48.84
C10 PEX E . 10.98 9.77 -49.83
C11 PEX E . 9.47 9.70 -49.70
C12 PEX E . 8.81 8.77 -50.71
C13 PEX E . 7.31 8.59 -50.48
O6 PEX E . 6.43 13.36 -44.23
C14 PEX E . 5.79 14.24 -45.00
O7 PEX E . 5.61 15.38 -44.69
C15 PEX E . 5.33 13.62 -46.29
C16 PEX E . 6.45 13.30 -47.26
C17 PEX E . 6.65 14.42 -48.29
C18 PEX E . 5.51 14.50 -49.30
C19 PEX E . 5.90 15.25 -50.58
C20 PEX E . 6.69 16.52 -50.31
C21 PEX E . 6.79 17.43 -51.53
C22 PEX E . 7.59 18.71 -51.25
C23 PEX E . 7.39 19.77 -52.33
O8 PEX E . 7.00 15.34 -38.58
C24 PEX E . 6.63 15.84 -37.30
C25 PEX E . 7.19 14.98 -36.19
N1 PEX E . 6.91 15.52 -34.88
B01 FZ4 F . 4.74 -4.24 -28.33
C02 FZ4 F . 4.27 -5.39 -27.37
C03 FZ4 F . 4.83 -6.65 -27.47
C04 FZ4 F . 4.41 -7.66 -26.62
C05 FZ4 F . 3.43 -7.41 -25.68
C06 FZ4 F . 2.86 -6.15 -25.59
C07 FZ4 F . 3.28 -5.15 -26.43
C08 FZ4 F . 5.75 -3.16 -27.83
C09 FZ4 F . 7.09 -3.24 -28.18
C10 FZ4 F . 7.98 -2.28 -27.73
C11 FZ4 F . 7.54 -1.24 -26.95
C12 FZ4 F . 6.21 -1.14 -26.59
C13 FZ4 F . 5.31 -2.10 -27.04
C15 FZ4 F . 5.20 -5.10 -30.55
C16 FZ4 F . 4.58 -5.00 -31.94
N17 FZ4 F . 5.58 -4.54 -32.88
O14 FZ4 F . 4.47 -4.33 -29.65
O1 PEX G . 4.16 -35.14 -20.82
O2 PEX G . 2.11 -36.41 -21.74
P1 PEX G . 3.47 -35.82 -21.97
O3 PEX G . 4.48 -36.93 -22.65
C1 PEX G . 4.48 -38.23 -22.12
C2 PEX G . 5.31 -39.21 -22.93
C3 PEX G . 6.77 -38.82 -23.09
O4 PEX G . 7.38 -39.63 -24.09
C4 PEX G . 8.66 -39.41 -24.35
O5 PEX G . 9.30 -38.50 -23.86
C5 PEX G . 9.20 -40.41 -25.34
C6 PEX G . 9.43 -41.79 -24.73
C7 PEX G . 10.08 -42.75 -25.72
C8 PEX G . 10.59 -44.01 -25.05
C9 PEX G . 11.75 -43.75 -24.08
C10 PEX G . 12.01 -44.90 -23.12
C11 PEX G . 10.84 -45.17 -22.19
C12 PEX G . 11.08 -46.34 -21.24
C13 PEX G . 9.97 -46.51 -20.22
O6 PEX G . 5.27 -40.54 -22.40
C14 PEX G . 4.39 -41.40 -22.88
O7 PEX G . 3.51 -41.11 -23.64
C15 PEX G . 4.64 -42.79 -22.35
C16 PEX G . 5.88 -43.46 -22.92
C17 PEX G . 5.57 -44.36 -24.10
C18 PEX G . 4.82 -45.63 -23.71
C19 PEX G . 4.90 -46.74 -24.76
C20 PEX G . 4.71 -46.23 -26.18
C21 PEX G . 4.49 -47.34 -27.20
C22 PEX G . 4.30 -46.83 -28.62
C23 PEX G . 3.71 -47.88 -29.55
O8 PEX G . 3.49 -34.85 -23.29
C24 PEX G . 2.66 -33.70 -23.25
C25 PEX G . 3.41 -32.52 -22.68
N1 PEX G . 2.62 -31.30 -22.71
B01 FZ4 H . 11.49 -26.25 -4.44
C02 FZ4 H . 11.62 -25.48 -3.08
C03 FZ4 H . 12.84 -25.47 -2.41
C04 FZ4 H . 12.96 -24.80 -1.21
C05 FZ4 H . 11.86 -24.13 -0.68
C06 FZ4 H . 10.66 -24.14 -1.34
C07 FZ4 H . 10.53 -24.81 -2.55
C08 FZ4 H . 11.54 -25.45 -5.80
C09 FZ4 H . 12.70 -25.46 -6.55
C10 FZ4 H . 12.74 -24.76 -7.74
C11 FZ4 H . 11.63 -24.07 -8.20
C12 FZ4 H . 10.46 -24.08 -7.45
C13 FZ4 H . 10.42 -24.77 -6.25
C15 FZ4 H . 12.77 -28.29 -4.42
C16 FZ4 H . 12.49 -29.80 -4.40
N17 FZ4 H . 13.16 -30.43 -5.51
O14 FZ4 H . 11.57 -27.59 -4.46
O1 PEX I . 28.05 -20.33 22.04
O2 PEX I . 27.38 -21.79 24.06
P1 PEX I . 28.13 -21.64 22.77
O3 PEX I . 29.70 -22.07 22.96
C1 PEX I . 30.39 -21.61 24.10
C2 PEX I . 31.76 -22.23 24.26
C3 PEX I . 32.71 -21.98 23.10
O4 PEX I . 33.85 -22.83 23.22
C4 PEX I . 34.76 -22.74 22.26
O5 PEX I . 34.63 -22.07 21.27
C5 PEX I . 35.97 -23.59 22.58
C6 PEX I . 36.85 -22.99 23.66
C7 PEX I . 38.11 -23.82 23.89
C8 PEX I . 39.15 -23.08 24.72
C9 PEX I . 39.71 -21.84 24.03
C10 PEX I . 40.43 -20.90 24.99
C11 PEX I . 39.49 -20.30 26.04
C12 PEX I . 40.21 -19.37 27.01
C13 PEX I . 39.25 -18.67 27.97
O6 PEX I . 32.43 -21.77 25.45
C14 PEX I . 32.34 -22.49 26.56
O7 PEX I . 31.62 -23.44 26.69
C15 PEX I . 33.27 -21.96 27.63
C16 PEX I . 34.74 -22.22 27.35
C17 PEX I . 35.26 -23.48 28.05
C18 PEX I . 35.35 -23.33 29.56
C19 PEX I . 36.27 -24.36 30.20
C20 PEX I . 36.08 -25.77 29.65
C21 PEX I . 36.76 -26.85 30.48
C22 PEX I . 36.57 -28.26 29.92
C23 PEX I . 36.91 -29.34 30.93
O8 PEX I . 27.81 -22.88 21.75
C24 PEX I . 26.47 -23.01 21.30
C25 PEX I . 26.24 -22.22 20.04
N1 PEX I . 24.91 -22.41 19.49
B01 FZ4 J . 25.43 -2.31 13.72
C02 FZ4 J . 24.84 -0.92 13.28
C03 FZ4 J . 25.65 0.04 12.71
C04 FZ4 J . 25.12 1.26 12.31
C05 FZ4 J . 23.77 1.52 12.50
C06 FZ4 J . 22.95 0.55 13.07
C07 FZ4 J . 23.48 -0.67 13.45
C08 FZ4 J . 25.25 -3.57 12.82
C09 FZ4 J . 26.30 -4.00 12.01
C10 FZ4 J . 26.15 -5.12 11.22
C11 FZ4 J . 24.94 -5.81 11.22
C12 FZ4 J . 23.89 -5.38 12.02
C13 FZ4 J . 24.06 -4.27 12.82
C15 FZ4 J . 27.65 -2.03 14.64
C16 FZ4 J . 28.32 -2.13 16.00
N17 FZ4 J . 29.43 -3.06 15.93
O14 FZ4 J . 26.30 -2.34 14.74
O1 PEX K . 29.97 27.73 4.36
O2 PEX K . 29.93 29.46 6.28
P1 PEX K . 30.67 28.41 5.49
O3 PEX K . 32.13 28.98 4.98
C1 PEX K . 32.17 30.28 4.43
C2 PEX K . 33.59 30.76 4.16
C3 PEX K . 34.39 29.89 3.23
O4 PEX K . 35.75 30.26 3.27
C4 PEX K . 36.61 29.58 2.51
O5 PEX K . 36.29 28.61 1.87
C5 PEX K . 37.99 30.17 2.57
C6 PEX K . 38.13 31.46 1.78
C7 PEX K . 39.56 31.97 1.77
C8 PEX K . 39.78 33.07 0.74
C9 PEX K . 39.61 32.59 -0.71
C10 PEX K . 39.42 33.73 -1.69
C11 PEX K . 38.15 34.53 -1.45
C12 PEX K . 37.97 35.69 -2.43
C13 PEX K . 36.63 36.40 -2.27
O6 PEX K . 33.61 32.10 3.64
C14 PEX K . 33.77 33.12 4.46
O7 PEX K . 33.75 33.02 5.66
C15 PEX K . 33.98 34.41 3.71
C16 PEX K . 35.34 34.51 3.03
C17 PEX K . 36.36 35.27 3.88
C18 PEX K . 36.07 36.75 3.98
C19 PEX K . 37.29 37.58 4.40
C20 PEX K . 38.08 36.94 5.53
C21 PEX K . 39.09 37.88 6.17
C22 PEX K . 39.88 37.24 7.30
C23 PEX K . 40.61 38.26 8.16
O8 PEX K . 31.34 27.29 6.49
C24 PEX K . 30.46 26.51 7.27
C25 PEX K . 30.05 25.26 6.53
N1 PEX K . 29.22 24.39 7.35
B01 FZ4 L . 18.72 19.68 -10.13
C02 FZ4 L . 17.51 19.15 -10.97
C03 FZ4 L . 17.67 18.84 -12.31
C04 FZ4 L . 16.61 18.37 -13.06
C05 FZ4 L . 15.37 18.21 -12.46
C06 FZ4 L . 15.19 18.52 -11.12
C07 FZ4 L . 16.27 18.99 -10.38
C08 FZ4 L . 19.50 18.71 -9.17
C09 FZ4 L . 20.72 18.20 -9.56
C10 FZ4 L . 21.41 17.35 -8.72
C11 FZ4 L . 20.89 17.01 -7.48
C12 FZ4 L . 19.67 17.53 -7.09
C13 FZ4 L . 18.98 18.38 -7.93
C15 FZ4 L . 20.12 21.14 -11.45
C16 FZ4 L . 20.45 22.64 -11.49
N17 FZ4 L . 21.89 22.81 -11.40
O14 FZ4 L . 19.23 20.90 -10.40
#